data_7JNE
# 
_entry.id   7JNE 
# 
_audit_conform.dict_name       mmcif_pdbx.dic 
_audit_conform.dict_version    5.380 
_audit_conform.dict_location   http://mmcif.pdb.org/dictionaries/ascii/mmcif_pdbx.dic 
# 
loop_
_database_2.database_id 
_database_2.database_code 
_database_2.pdbx_database_accession 
_database_2.pdbx_DOI 
PDB   7JNE         pdb_00007jne 10.2210/pdb7jne/pdb 
WWPDB D_1000251125 ?            ?                   
# 
loop_
_pdbx_database_related.db_name 
_pdbx_database_related.details 
_pdbx_database_related.db_id 
_pdbx_database_related.content_type 
PDB '7JM8 contains the same protein but in complex with another peptide' 7JM8 unspecified 
PDB '7JMM contains the same protein but in complex with another peptide' 7JMM unspecified 
PDB '7JML contains the same protein but in complex with another peptide' 7JML unspecified 
PDB '7JMZ contains the same protein but in complex with another peptide' 7JMZ unspecified 
PDB '7JN8 contains the same protein but in complex with another peptide' 7JN8 unspecified 
PDB '7JN9 contains the same protein but in complex with another peptide' 7JN9 unspecified 
# 
_pdbx_database_status.status_code                     REL 
_pdbx_database_status.status_code_sf                  REL 
_pdbx_database_status.status_code_mr                  ? 
_pdbx_database_status.entry_id                        7JNE 
_pdbx_database_status.recvd_initial_deposition_date   2020-08-04 
_pdbx_database_status.SG_entry                        N 
_pdbx_database_status.deposit_site                    RCSB 
_pdbx_database_status.process_site                    RCSB 
_pdbx_database_status.status_code_cs                  ? 
_pdbx_database_status.status_code_nmr_data            ? 
_pdbx_database_status.methods_development_category    ? 
_pdbx_database_status.pdb_format_compatible           Y 
# 
loop_
_audit_author.name 
_audit_author.pdbx_ordinal 
_audit_author.identifier_ORCID 
'Jansen, R.M.'   1 0000-0003-4666-9976 
'Ozden, C.'      2 0000-0002-5673-878X 
'Gierasch, L.M.' 3 0000-0002-5706-115X 
'Garman, S.C.'   4 0000-0001-9912-2670 
# 
_citation.abstract                  ? 
_citation.abstract_id_CAS           ? 
_citation.book_id_ISBN              ? 
_citation.book_publisher            ? 
_citation.book_publisher_city       ? 
_citation.book_title                ? 
_citation.coordinate_linkage        ? 
_citation.country                   US 
_citation.database_id_Medline       ? 
_citation.details                   ? 
_citation.id                        primary 
_citation.journal_abbrev            Proc.Natl.Acad.Sci.USA 
_citation.journal_id_ASTM           PNASA6 
_citation.journal_id_CSD            0040 
_citation.journal_id_ISSN           1091-6490 
_citation.journal_full              ? 
_citation.journal_issue             ? 
_citation.journal_volume            118 
_citation.language                  ? 
_citation.page_first                ? 
_citation.page_last                 ? 
_citation.title                     'Selective promiscuity in the binding of E. coli Hsp70 to an unfolded protein.' 
_citation.year                      2021 
_citation.database_id_CSD           ? 
_citation.pdbx_database_id_DOI      10.1073/pnas.2016962118 
_citation.pdbx_database_id_PubMed   34625496 
_citation.unpublished_flag          ? 
# 
loop_
_citation_author.citation_id 
_citation_author.name 
_citation_author.ordinal 
_citation_author.identifier_ORCID 
primary 'Clerico, E.M.'    1 0000-0002-4433-8842 
primary 'Pozhidaeva, A.K.' 2 0000-0001-8602-1790 
primary 'Jansen, R.M.'     3 0000-0003-4666-9976 
primary 'Ozden, C.'        4 0000-0002-5673-878X 
primary 'Tilitsky, J.M.'   5 0000-0001-8555-398X 
primary 'Gierasch, L.M.'   6 0000-0002-5706-115X 
# 
_cell.angle_alpha                  90.000 
_cell.angle_alpha_esd              ? 
_cell.angle_beta                   90.000 
_cell.angle_beta_esd               ? 
_cell.angle_gamma                  90.000 
_cell.angle_gamma_esd              ? 
_cell.entry_id                     7JNE 
_cell.details                      ? 
_cell.formula_units_Z              ? 
_cell.length_a                     37.261 
_cell.length_a_esd                 ? 
_cell.length_b                     95.872 
_cell.length_b_esd                 ? 
_cell.length_c                     117.008 
_cell.length_c_esd                 ? 
_cell.volume                       ? 
_cell.volume_esd                   ? 
_cell.Z_PDB                        8 
_cell.reciprocal_angle_alpha       ? 
_cell.reciprocal_angle_beta        ? 
_cell.reciprocal_angle_gamma       ? 
_cell.reciprocal_angle_alpha_esd   ? 
_cell.reciprocal_angle_beta_esd    ? 
_cell.reciprocal_angle_gamma_esd   ? 
_cell.reciprocal_length_a          ? 
_cell.reciprocal_length_b          ? 
_cell.reciprocal_length_c          ? 
_cell.reciprocal_length_a_esd      ? 
_cell.reciprocal_length_b_esd      ? 
_cell.reciprocal_length_c_esd      ? 
_cell.pdbx_unique_axis             ? 
# 
_symmetry.entry_id                         7JNE 
_symmetry.cell_setting                     ? 
_symmetry.Int_Tables_number                23 
_symmetry.space_group_name_Hall            ? 
_symmetry.space_group_name_H-M             'I 2 2 2' 
_symmetry.pdbx_full_space_group_name_H-M   ? 
# 
loop_
_entity.id 
_entity.type 
_entity.src_method 
_entity.pdbx_description 
_entity.formula_weight 
_entity.pdbx_number_of_molecules 
_entity.pdbx_ec 
_entity.pdbx_mutation 
_entity.pdbx_fragment 
_entity.details 
1 polymer     man 'Chaperone protein DnaK'       23820.777 1 ?       ?                     ? ? 
2 polymer     syn 'Alkaline phosphatase peptide' 1146.326  1 3.1.3.1 'T435R, A443S, Y444R' ? ? 
3 non-polymer syn 'SULFATE ION'                  96.063    1 ?       ?                     ? ? 
4 water       nat water                          18.015    6 ?       ?                     ? ? 
# 
loop_
_entity_name_com.entity_id 
_entity_name_com.name 
1 'HSP70,Heat shock 70 kDa protein,Heat shock protein 70' 
2 APase                                                   
# 
loop_
_entity_poly.entity_id 
_entity_poly.type 
_entity_poly.nstd_linkage 
_entity_poly.nstd_monomer 
_entity_poly.pdbx_seq_one_letter_code 
_entity_poly.pdbx_seq_one_letter_code_can 
_entity_poly.pdbx_strand_id 
_entity_poly.pdbx_target_identifier 
1 'polypeptide(L)' no no 
;VLLLDVTPLSLGIETMGGVMTTLIAKNTTIPTKHSQVFSTAEDNQSAVTIHVLQGERKRAADNKSLGQFNLDGINPAPRG
MPQIEVTFDIDADGILHVSAKDKNSGKEQKITIKASSGLNEDEIQKMVRDAEANAEADRKFEELVQTRNQGDHLLHSTRK
QVEEAGDKLPADDKTAIESALTALETALKGEDKAAIEAKMQELAQVSQKLMEIAQQQHA
;
;VLLLDVTPLSLGIETMGGVMTTLIAKNTTIPTKHSQVFSTAEDNQSAVTIHVLQGERKRAADNKSLGQFNLDGINPAPRG
MPQIEVTFDIDADGILHVSAKDKNSGKEQKITIKASSGLNEDEIQKMVRDAEANAEADRKFEELVQTRNQGDHLLHSTRK
QVEEAGDKLPADDKTAIESALTALETALKGEDKAAIEAKMQELAQVSQKLMEIAQQQHA
;
A ? 
2 'polypeptide(L)' no no RGSQLRIASR RGSQLRIASR B ? 
# 
loop_
_entity_poly_seq.entity_id 
_entity_poly_seq.num 
_entity_poly_seq.mon_id 
_entity_poly_seq.hetero 
1 1   VAL n 
1 2   LEU n 
1 3   LEU n 
1 4   LEU n 
1 5   ASP n 
1 6   VAL n 
1 7   THR n 
1 8   PRO n 
1 9   LEU n 
1 10  SER n 
1 11  LEU n 
1 12  GLY n 
1 13  ILE n 
1 14  GLU n 
1 15  THR n 
1 16  MET n 
1 17  GLY n 
1 18  GLY n 
1 19  VAL n 
1 20  MET n 
1 21  THR n 
1 22  THR n 
1 23  LEU n 
1 24  ILE n 
1 25  ALA n 
1 26  LYS n 
1 27  ASN n 
1 28  THR n 
1 29  THR n 
1 30  ILE n 
1 31  PRO n 
1 32  THR n 
1 33  LYS n 
1 34  HIS n 
1 35  SER n 
1 36  GLN n 
1 37  VAL n 
1 38  PHE n 
1 39  SER n 
1 40  THR n 
1 41  ALA n 
1 42  GLU n 
1 43  ASP n 
1 44  ASN n 
1 45  GLN n 
1 46  SER n 
1 47  ALA n 
1 48  VAL n 
1 49  THR n 
1 50  ILE n 
1 51  HIS n 
1 52  VAL n 
1 53  LEU n 
1 54  GLN n 
1 55  GLY n 
1 56  GLU n 
1 57  ARG n 
1 58  LYS n 
1 59  ARG n 
1 60  ALA n 
1 61  ALA n 
1 62  ASP n 
1 63  ASN n 
1 64  LYS n 
1 65  SER n 
1 66  LEU n 
1 67  GLY n 
1 68  GLN n 
1 69  PHE n 
1 70  ASN n 
1 71  LEU n 
1 72  ASP n 
1 73  GLY n 
1 74  ILE n 
1 75  ASN n 
1 76  PRO n 
1 77  ALA n 
1 78  PRO n 
1 79  ARG n 
1 80  GLY n 
1 81  MET n 
1 82  PRO n 
1 83  GLN n 
1 84  ILE n 
1 85  GLU n 
1 86  VAL n 
1 87  THR n 
1 88  PHE n 
1 89  ASP n 
1 90  ILE n 
1 91  ASP n 
1 92  ALA n 
1 93  ASP n 
1 94  GLY n 
1 95  ILE n 
1 96  LEU n 
1 97  HIS n 
1 98  VAL n 
1 99  SER n 
1 100 ALA n 
1 101 LYS n 
1 102 ASP n 
1 103 LYS n 
1 104 ASN n 
1 105 SER n 
1 106 GLY n 
1 107 LYS n 
1 108 GLU n 
1 109 GLN n 
1 110 LYS n 
1 111 ILE n 
1 112 THR n 
1 113 ILE n 
1 114 LYS n 
1 115 ALA n 
1 116 SER n 
1 117 SER n 
1 118 GLY n 
1 119 LEU n 
1 120 ASN n 
1 121 GLU n 
1 122 ASP n 
1 123 GLU n 
1 124 ILE n 
1 125 GLN n 
1 126 LYS n 
1 127 MET n 
1 128 VAL n 
1 129 ARG n 
1 130 ASP n 
1 131 ALA n 
1 132 GLU n 
1 133 ALA n 
1 134 ASN n 
1 135 ALA n 
1 136 GLU n 
1 137 ALA n 
1 138 ASP n 
1 139 ARG n 
1 140 LYS n 
1 141 PHE n 
1 142 GLU n 
1 143 GLU n 
1 144 LEU n 
1 145 VAL n 
1 146 GLN n 
1 147 THR n 
1 148 ARG n 
1 149 ASN n 
1 150 GLN n 
1 151 GLY n 
1 152 ASP n 
1 153 HIS n 
1 154 LEU n 
1 155 LEU n 
1 156 HIS n 
1 157 SER n 
1 158 THR n 
1 159 ARG n 
1 160 LYS n 
1 161 GLN n 
1 162 VAL n 
1 163 GLU n 
1 164 GLU n 
1 165 ALA n 
1 166 GLY n 
1 167 ASP n 
1 168 LYS n 
1 169 LEU n 
1 170 PRO n 
1 171 ALA n 
1 172 ASP n 
1 173 ASP n 
1 174 LYS n 
1 175 THR n 
1 176 ALA n 
1 177 ILE n 
1 178 GLU n 
1 179 SER n 
1 180 ALA n 
1 181 LEU n 
1 182 THR n 
1 183 ALA n 
1 184 LEU n 
1 185 GLU n 
1 186 THR n 
1 187 ALA n 
1 188 LEU n 
1 189 LYS n 
1 190 GLY n 
1 191 GLU n 
1 192 ASP n 
1 193 LYS n 
1 194 ALA n 
1 195 ALA n 
1 196 ILE n 
1 197 GLU n 
1 198 ALA n 
1 199 LYS n 
1 200 MET n 
1 201 GLN n 
1 202 GLU n 
1 203 LEU n 
1 204 ALA n 
1 205 GLN n 
1 206 VAL n 
1 207 SER n 
1 208 GLN n 
1 209 LYS n 
1 210 LEU n 
1 211 MET n 
1 212 GLU n 
1 213 ILE n 
1 214 ALA n 
1 215 GLN n 
1 216 GLN n 
1 217 GLN n 
1 218 HIS n 
1 219 ALA n 
2 1   ARG n 
2 2   GLY n 
2 3   SER n 
2 4   GLN n 
2 5   LEU n 
2 6   ARG n 
2 7   ILE n 
2 8   ALA n 
2 9   SER n 
2 10  ARG n 
# 
_entity_src_gen.entity_id                          1 
_entity_src_gen.pdbx_src_id                        1 
_entity_src_gen.pdbx_alt_source_flag               sample 
_entity_src_gen.pdbx_seq_type                      'Biological sequence' 
_entity_src_gen.pdbx_beg_seq_num                   1 
_entity_src_gen.pdbx_end_seq_num                   219 
_entity_src_gen.gene_src_common_name               ? 
_entity_src_gen.gene_src_genus                     ? 
_entity_src_gen.pdbx_gene_src_gene                 'dnaK, groP, grpF, seg, b0014, JW0013' 
_entity_src_gen.gene_src_species                   ? 
_entity_src_gen.gene_src_strain                    K12 
_entity_src_gen.gene_src_tissue                    ? 
_entity_src_gen.gene_src_tissue_fraction           ? 
_entity_src_gen.gene_src_details                   ? 
_entity_src_gen.pdbx_gene_src_fragment             ? 
_entity_src_gen.pdbx_gene_src_scientific_name      'Escherichia coli (strain K12)' 
_entity_src_gen.pdbx_gene_src_ncbi_taxonomy_id     83333 
_entity_src_gen.pdbx_gene_src_variant              ? 
_entity_src_gen.pdbx_gene_src_cell_line            ? 
_entity_src_gen.pdbx_gene_src_atcc                 ? 
_entity_src_gen.pdbx_gene_src_organ                ? 
_entity_src_gen.pdbx_gene_src_organelle            ? 
_entity_src_gen.pdbx_gene_src_cell                 ? 
_entity_src_gen.pdbx_gene_src_cellular_location    ? 
_entity_src_gen.host_org_common_name               ? 
_entity_src_gen.pdbx_host_org_scientific_name      'Escherichia coli BL21(DE3)' 
_entity_src_gen.pdbx_host_org_ncbi_taxonomy_id     469008 
_entity_src_gen.host_org_genus                     ? 
_entity_src_gen.pdbx_host_org_gene                 ? 
_entity_src_gen.pdbx_host_org_organ                ? 
_entity_src_gen.host_org_species                   ? 
_entity_src_gen.pdbx_host_org_tissue               ? 
_entity_src_gen.pdbx_host_org_tissue_fraction      ? 
_entity_src_gen.pdbx_host_org_strain               'BL21(DE3)' 
_entity_src_gen.pdbx_host_org_variant              ? 
_entity_src_gen.pdbx_host_org_cell_line            ? 
_entity_src_gen.pdbx_host_org_atcc                 ? 
_entity_src_gen.pdbx_host_org_culture_collection   ? 
_entity_src_gen.pdbx_host_org_cell                 ? 
_entity_src_gen.pdbx_host_org_organelle            ? 
_entity_src_gen.pdbx_host_org_cellular_location    ? 
_entity_src_gen.pdbx_host_org_vector_type          ? 
_entity_src_gen.pdbx_host_org_vector               ? 
_entity_src_gen.host_org_details                   ? 
_entity_src_gen.expression_system_id               ? 
_entity_src_gen.plasmid_name                       ? 
_entity_src_gen.plasmid_details                    ? 
_entity_src_gen.pdbx_description                   ? 
# 
_pdbx_entity_src_syn.entity_id              2 
_pdbx_entity_src_syn.pdbx_src_id            1 
_pdbx_entity_src_syn.pdbx_alt_source_flag   sample 
_pdbx_entity_src_syn.pdbx_beg_seq_num       1 
_pdbx_entity_src_syn.pdbx_end_seq_num       10 
_pdbx_entity_src_syn.organism_scientific    'Escherichia coli (strain K12)' 
_pdbx_entity_src_syn.organism_common_name   ? 
_pdbx_entity_src_syn.ncbi_taxonomy_id       83333 
_pdbx_entity_src_syn.details                ? 
# 
loop_
_struct_ref.id 
_struct_ref.db_name 
_struct_ref.db_code 
_struct_ref.pdbx_db_accession 
_struct_ref.pdbx_db_isoform 
_struct_ref.entity_id 
_struct_ref.pdbx_seq_one_letter_code 
_struct_ref.pdbx_align_begin 
1 UNP DNAK_ECOLI P0A6Y8 ? 1 
;VLLLDVTPLSLGIETMGGVMTTLIAKNTTIPTKHSQVFSTAEDNQSAVTIHVLQGERKRAADNKSLGQFNLDGINPAPRG
MPQIEVTFDIDADGILHVSAKDKNSGKEQKITIKASSGLNEDEIQKMVRDAEANAEADRKFEELVQTRNQGDHLLHSTRK
QVEEAGDKLPADDKTAIESALTALETALKGEDKAAIEAKMQELAQVSQKLMEIAQQQHA
;
389 
2 UNP PPB_ECOLI  P00634 ? 2 TGSQLRIAAY 435 
# 
loop_
_struct_ref_seq.align_id 
_struct_ref_seq.ref_id 
_struct_ref_seq.pdbx_PDB_id_code 
_struct_ref_seq.pdbx_strand_id 
_struct_ref_seq.seq_align_beg 
_struct_ref_seq.pdbx_seq_align_beg_ins_code 
_struct_ref_seq.seq_align_end 
_struct_ref_seq.pdbx_seq_align_end_ins_code 
_struct_ref_seq.pdbx_db_accession 
_struct_ref_seq.db_align_beg 
_struct_ref_seq.pdbx_db_align_beg_ins_code 
_struct_ref_seq.db_align_end 
_struct_ref_seq.pdbx_db_align_end_ins_code 
_struct_ref_seq.pdbx_auth_seq_align_beg 
_struct_ref_seq.pdbx_auth_seq_align_end 
1 1 7JNE A 1 ? 219 ? P0A6Y8 389 ? 607 ? 389 607 
2 2 7JNE B 1 ? 10  ? P00634 435 ? 444 ? 414 423 
# 
loop_
_struct_ref_seq_dif.align_id 
_struct_ref_seq_dif.pdbx_pdb_id_code 
_struct_ref_seq_dif.mon_id 
_struct_ref_seq_dif.pdbx_pdb_strand_id 
_struct_ref_seq_dif.seq_num 
_struct_ref_seq_dif.pdbx_pdb_ins_code 
_struct_ref_seq_dif.pdbx_seq_db_name 
_struct_ref_seq_dif.pdbx_seq_db_accession_code 
_struct_ref_seq_dif.db_mon_id 
_struct_ref_seq_dif.pdbx_seq_db_seq_num 
_struct_ref_seq_dif.details 
_struct_ref_seq_dif.pdbx_auth_seq_num 
_struct_ref_seq_dif.pdbx_ordinal 
2 7JNE ARG B 1  ? UNP P00634 THR 435 'engineered mutation' 414 1 
2 7JNE SER B 9  ? UNP P00634 ALA 443 'engineered mutation' 422 2 
2 7JNE ARG B 10 ? UNP P00634 TYR 444 'engineered mutation' 423 3 
# 
loop_
_chem_comp.id 
_chem_comp.type 
_chem_comp.mon_nstd_flag 
_chem_comp.name 
_chem_comp.pdbx_synonyms 
_chem_comp.formula 
_chem_comp.formula_weight 
ALA 'L-peptide linking' y ALANINE         ? 'C3 H7 N O2'     89.093  
ARG 'L-peptide linking' y ARGININE        ? 'C6 H15 N4 O2 1' 175.209 
ASN 'L-peptide linking' y ASPARAGINE      ? 'C4 H8 N2 O3'    132.118 
ASP 'L-peptide linking' y 'ASPARTIC ACID' ? 'C4 H7 N O4'     133.103 
GLN 'L-peptide linking' y GLUTAMINE       ? 'C5 H10 N2 O3'   146.144 
GLU 'L-peptide linking' y 'GLUTAMIC ACID' ? 'C5 H9 N O4'     147.129 
GLY 'peptide linking'   y GLYCINE         ? 'C2 H5 N O2'     75.067  
HIS 'L-peptide linking' y HISTIDINE       ? 'C6 H10 N3 O2 1' 156.162 
HOH non-polymer         . WATER           ? 'H2 O'           18.015  
ILE 'L-peptide linking' y ISOLEUCINE      ? 'C6 H13 N O2'    131.173 
LEU 'L-peptide linking' y LEUCINE         ? 'C6 H13 N O2'    131.173 
LYS 'L-peptide linking' y LYSINE          ? 'C6 H15 N2 O2 1' 147.195 
MET 'L-peptide linking' y METHIONINE      ? 'C5 H11 N O2 S'  149.211 
PHE 'L-peptide linking' y PHENYLALANINE   ? 'C9 H11 N O2'    165.189 
PRO 'L-peptide linking' y PROLINE         ? 'C5 H9 N O2'     115.130 
SER 'L-peptide linking' y SERINE          ? 'C3 H7 N O3'     105.093 
SO4 non-polymer         . 'SULFATE ION'   ? 'O4 S -2'        96.063  
THR 'L-peptide linking' y THREONINE       ? 'C4 H9 N O3'     119.119 
TYR 'L-peptide linking' y TYROSINE        ? 'C9 H11 N O3'    181.189 
VAL 'L-peptide linking' y VALINE          ? 'C5 H11 N O2'    117.146 
# 
_exptl.absorpt_coefficient_mu     ? 
_exptl.absorpt_correction_T_max   ? 
_exptl.absorpt_correction_T_min   ? 
_exptl.absorpt_correction_type    ? 
_exptl.absorpt_process_details    ? 
_exptl.entry_id                   7JNE 
_exptl.crystals_number            1 
_exptl.details                    ? 
_exptl.method                     'X-RAY DIFFRACTION' 
_exptl.method_details             ? 
# 
_exptl_crystal.colour                      ? 
_exptl_crystal.density_diffrn              ? 
_exptl_crystal.density_Matthews            2.09 
_exptl_crystal.density_method              ? 
_exptl_crystal.density_percent_sol         41.22 
_exptl_crystal.description                 ? 
_exptl_crystal.F_000                       ? 
_exptl_crystal.id                          1 
_exptl_crystal.preparation                 ? 
_exptl_crystal.size_max                    ? 
_exptl_crystal.size_mid                    ? 
_exptl_crystal.size_min                    ? 
_exptl_crystal.size_rad                    ? 
_exptl_crystal.colour_lustre               ? 
_exptl_crystal.colour_modifier             ? 
_exptl_crystal.colour_primary              ? 
_exptl_crystal.density_meas                ? 
_exptl_crystal.density_meas_esd            ? 
_exptl_crystal.density_meas_gt             ? 
_exptl_crystal.density_meas_lt             ? 
_exptl_crystal.density_meas_temp           ? 
_exptl_crystal.density_meas_temp_esd       ? 
_exptl_crystal.density_meas_temp_gt        ? 
_exptl_crystal.density_meas_temp_lt        ? 
_exptl_crystal.pdbx_crystal_image_url      ? 
_exptl_crystal.pdbx_crystal_image_format   ? 
_exptl_crystal.pdbx_mosaicity              ? 
_exptl_crystal.pdbx_mosaicity_esd          ? 
# 
_exptl_crystal_grow.apparatus       ? 
_exptl_crystal_grow.atmosphere      ? 
_exptl_crystal_grow.crystal_id      1 
_exptl_crystal_grow.details         ? 
_exptl_crystal_grow.method          'VAPOR DIFFUSION, HANGING DROP' 
_exptl_crystal_grow.method_ref      ? 
_exptl_crystal_grow.pH              7.0 
_exptl_crystal_grow.pressure        ? 
_exptl_crystal_grow.pressure_esd    ? 
_exptl_crystal_grow.seeding         ? 
_exptl_crystal_grow.seeding_ref     ? 
_exptl_crystal_grow.temp            293 
_exptl_crystal_grow.temp_details    ? 
_exptl_crystal_grow.temp_esd        ? 
_exptl_crystal_grow.time            ? 
_exptl_crystal_grow.pdbx_details    '2.4 M (NH4)2SO4, 0.1 M K3PO4' 
_exptl_crystal_grow.pdbx_pH_range   ? 
# 
_diffrn.ambient_environment              ? 
_diffrn.ambient_temp                     100 
_diffrn.ambient_temp_details             '100 K throughout the collection' 
_diffrn.ambient_temp_esd                 ? 
_diffrn.crystal_id                       1 
_diffrn.crystal_support                  ? 
_diffrn.crystal_treatment                ? 
_diffrn.details                          ? 
_diffrn.id                               1 
_diffrn.ambient_pressure                 ? 
_diffrn.ambient_pressure_esd             ? 
_diffrn.ambient_pressure_gt              ? 
_diffrn.ambient_pressure_lt              ? 
_diffrn.ambient_temp_gt                  ? 
_diffrn.ambient_temp_lt                  ? 
_diffrn.pdbx_serial_crystal_experiment   N 
# 
_diffrn_detector.details                      'Rigaku VariMax HF' 
_diffrn_detector.detector                     PIXEL 
_diffrn_detector.diffrn_id                    1 
_diffrn_detector.type                         'DECTRIS PILATUS3 R 200K-A' 
_diffrn_detector.area_resol_mean              ? 
_diffrn_detector.dtime                        ? 
_diffrn_detector.pdbx_frames_total            ? 
_diffrn_detector.pdbx_collection_time_total   ? 
_diffrn_detector.pdbx_collection_date         2020-01-29 
_diffrn_detector.pdbx_frequency               ? 
# 
_diffrn_radiation.collimation                      ? 
_diffrn_radiation.diffrn_id                        1 
_diffrn_radiation.filter_edge                      ? 
_diffrn_radiation.inhomogeneity                    ? 
_diffrn_radiation.monochromator                    ? 
_diffrn_radiation.polarisn_norm                    ? 
_diffrn_radiation.polarisn_ratio                   ? 
_diffrn_radiation.probe                            ? 
_diffrn_radiation.type                             ? 
_diffrn_radiation.xray_symbol                      ? 
_diffrn_radiation.wavelength_id                    1 
_diffrn_radiation.pdbx_monochromatic_or_laue_m_l   M 
_diffrn_radiation.pdbx_wavelength_list             ? 
_diffrn_radiation.pdbx_wavelength                  ? 
_diffrn_radiation.pdbx_diffrn_protocol             'SINGLE WAVELENGTH' 
_diffrn_radiation.pdbx_analyzer                    ? 
_diffrn_radiation.pdbx_scattering_type             x-ray 
# 
_diffrn_radiation_wavelength.id           1 
_diffrn_radiation_wavelength.wavelength   1.5418 
_diffrn_radiation_wavelength.wt           1.0 
# 
_diffrn_source.current                     ? 
_diffrn_source.details                     ? 
_diffrn_source.diffrn_id                   1 
_diffrn_source.power                       ? 
_diffrn_source.size                        ? 
_diffrn_source.source                      'ROTATING ANODE' 
_diffrn_source.target                      ? 
_diffrn_source.type                        'RIGAKU MICROMAX-007 HF' 
_diffrn_source.voltage                     ? 
_diffrn_source.take-off_angle              ? 
_diffrn_source.pdbx_wavelength_list        1.5418 
_diffrn_source.pdbx_wavelength             ? 
_diffrn_source.pdbx_synchrotron_beamline   ? 
_diffrn_source.pdbx_synchrotron_site       ? 
# 
_reflns.B_iso_Wilson_estimate            ? 
_reflns.entry_id                         7JNE 
_reflns.data_reduction_details           ? 
_reflns.data_reduction_method            ? 
_reflns.d_resolution_high                2.5400 
_reflns.d_resolution_low                 50.000 
_reflns.details                          ? 
_reflns.limit_h_max                      ? 
_reflns.limit_h_min                      ? 
_reflns.limit_k_max                      ? 
_reflns.limit_k_min                      ? 
_reflns.limit_l_max                      ? 
_reflns.limit_l_min                      ? 
_reflns.number_all                       ? 
_reflns.number_obs                       7047 
_reflns.observed_criterion               ? 
_reflns.observed_criterion_F_max         ? 
_reflns.observed_criterion_F_min         ? 
_reflns.observed_criterion_I_max         ? 
_reflns.observed_criterion_I_min         ? 
_reflns.observed_criterion_sigma_F       ? 
_reflns.observed_criterion_sigma_I       ? 
_reflns.percent_possible_obs             99.800 
_reflns.R_free_details                   ? 
_reflns.Rmerge_F_all                     ? 
_reflns.Rmerge_F_obs                     ? 
_reflns.Friedel_coverage                 ? 
_reflns.number_gt                        ? 
_reflns.threshold_expression             ? 
_reflns.pdbx_redundancy                  6.000 
_reflns.pdbx_Rmerge_I_obs                0.246 
_reflns.pdbx_Rmerge_I_all                ? 
_reflns.pdbx_Rsym_value                  ? 
_reflns.pdbx_netI_over_av_sigmaI         ? 
_reflns.pdbx_netI_over_sigmaI            4.400 
_reflns.pdbx_res_netI_over_av_sigmaI_2   ? 
_reflns.pdbx_res_netI_over_sigmaI_2      ? 
_reflns.pdbx_chi_squared                 3.601 
_reflns.pdbx_scaling_rejects             ? 
_reflns.pdbx_d_res_high_opt              ? 
_reflns.pdbx_d_res_low_opt               ? 
_reflns.pdbx_d_res_opt_method            ? 
_reflns.phase_calculation_details        ? 
_reflns.pdbx_Rrim_I_all                  0.269 
_reflns.pdbx_Rpim_I_all                  0.108 
_reflns.pdbx_d_opt                       ? 
_reflns.pdbx_number_measured_all         ? 
_reflns.pdbx_diffrn_id                   1 
_reflns.pdbx_ordinal                     1 
_reflns.pdbx_CC_half                     ? 
_reflns.pdbx_CC_star                     ? 
_reflns.pdbx_R_split                     ? 
# 
loop_
_reflns_shell.d_res_high 
_reflns_shell.d_res_low 
_reflns_shell.meanI_over_sigI_all 
_reflns_shell.meanI_over_sigI_obs 
_reflns_shell.number_measured_all 
_reflns_shell.number_measured_obs 
_reflns_shell.number_possible 
_reflns_shell.number_unique_all 
_reflns_shell.number_unique_obs 
_reflns_shell.percent_possible_all 
_reflns_shell.percent_possible_obs 
_reflns_shell.Rmerge_F_all 
_reflns_shell.Rmerge_F_obs 
_reflns_shell.Rmerge_I_all 
_reflns_shell.Rmerge_I_obs 
_reflns_shell.meanI_over_sigI_gt 
_reflns_shell.meanI_over_uI_all 
_reflns_shell.meanI_over_uI_gt 
_reflns_shell.number_measured_gt 
_reflns_shell.number_unique_gt 
_reflns_shell.percent_possible_gt 
_reflns_shell.Rmerge_F_gt 
_reflns_shell.Rmerge_I_gt 
_reflns_shell.pdbx_redundancy 
_reflns_shell.pdbx_Rsym_value 
_reflns_shell.pdbx_chi_squared 
_reflns_shell.pdbx_netI_over_sigmaI_all 
_reflns_shell.pdbx_netI_over_sigmaI_obs 
_reflns_shell.pdbx_Rrim_I_all 
_reflns_shell.pdbx_Rpim_I_all 
_reflns_shell.pdbx_rejects 
_reflns_shell.pdbx_ordinal 
_reflns_shell.pdbx_diffrn_id 
_reflns_shell.pdbx_CC_half 
_reflns_shell.pdbx_CC_star 
_reflns_shell.pdbx_R_split 
2.560 2.600  ? ? ? ? ? ? 349 96.900  ? ? ? ? 2.042 ? ? ? ? ? ? ? ? 5.000 ? 1.285 ? ? 2.272 0.975 ? 1  1 0.412 ? ? 
2.600 2.650  ? ? ? ? ? ? 325 99.700  ? ? ? ? 1.837 ? ? ? ? ? ? ? ? 5.500 ? 1.600 ? ? 2.028 0.845 ? 2  1 0.381 ? ? 
2.650 2.700  ? ? ? ? ? ? 350 99.400  ? ? ? ? 1.779 ? ? ? ? ? ? ? ? 5.700 ? 1.951 ? ? 1.959 0.807 ? 3  1 0.443 ? ? 
2.700 2.760  ? ? ? ? ? ? 347 99.700  ? ? ? ? 1.505 ? ? ? ? ? ? ? ? 5.700 ? 1.501 ? ? 1.656 0.680 ? 4  1 0.603 ? ? 
2.760 2.820  ? ? ? ? ? ? 343 100.000 ? ? ? ? 1.275 ? ? ? ? ? ? ? ? 5.900 ? 1.736 ? ? 1.399 0.569 ? 5  1 0.814 ? ? 
2.820 2.880  ? ? ? ? ? ? 333 100.000 ? ? ? ? 1.096 ? ? ? ? ? ? ? ? 5.900 ? 1.899 ? ? 1.202 0.486 ? 6  1 0.561 ? ? 
2.880 2.960  ? ? ? ? ? ? 352 100.000 ? ? ? ? 0.946 ? ? ? ? ? ? ? ? 5.900 ? 2.294 ? ? 1.037 0.419 ? 7  1 0.598 ? ? 
2.960 3.040  ? ? ? ? ? ? 361 100.000 ? ? ? ? 0.653 ? ? ? ? ? ? ? ? 6.100 ? 2.872 ? ? 0.713 0.282 ? 8  1 0.708 ? ? 
3.040 3.120  ? ? ? ? ? ? 342 100.000 ? ? ? ? 0.530 ? ? ? ? ? ? ? ? 6.300 ? 2.731 ? ? 0.578 0.226 ? 9  1 0.834 ? ? 
3.120 3.230  ? ? ? ? ? ? 342 100.000 ? ? ? ? 0.386 ? ? ? ? ? ? ? ? 6.300 ? 3.582 ? ? 0.421 0.164 ? 10 1 0.900 ? ? 
3.230 3.340  ? ? ? ? ? ? 351 100.000 ? ? ? ? 0.320 ? ? ? ? ? ? ? ? 6.500 ? 2.767 ? ? 0.348 0.135 ? 11 1 0.939 ? ? 
3.340 3.470  ? ? ? ? ? ? 347 100.000 ? ? ? ? 0.264 ? ? ? ? ? ? ? ? 6.400 ? 3.304 ? ? 0.287 0.111 ? 12 1 0.943 ? ? 
3.470 3.630  ? ? ? ? ? ? 358 100.000 ? ? ? ? 0.238 ? ? ? ? ? ? ? ? 6.500 ? 3.000 ? ? 0.259 0.100 ? 13 1 0.978 ? ? 
3.630 3.820  ? ? ? ? ? ? 340 100.000 ? ? ? ? 0.235 ? ? ? ? ? ? ? ? 6.400 ? 3.847 ? ? 0.255 0.099 ? 14 1 0.968 ? ? 
3.820 4.060  ? ? ? ? ? ? 358 100.000 ? ? ? ? 0.186 ? ? ? ? ? ? ? ? 6.400 ? 3.748 ? ? 0.203 0.079 ? 15 1 0.977 ? ? 
4.060 4.380  ? ? ? ? ? ? 355 100.000 ? ? ? ? 0.145 ? ? ? ? ? ? ? ? 6.300 ? 3.589 ? ? 0.158 0.061 ? 16 1 0.980 ? ? 
4.380 4.820  ? ? ? ? ? ? 353 100.000 ? ? ? ? 0.126 ? ? ? ? ? ? ? ? 6.300 ? 4.856 ? ? 0.137 0.054 ? 17 1 0.989 ? ? 
4.820 5.510  ? ? ? ? ? ? 368 100.000 ? ? ? ? 0.152 ? ? ? ? ? ? ? ? 6.200 ? 6.594 ? ? 0.165 0.065 ? 18 1 0.974 ? ? 
5.510 6.940  ? ? ? ? ? ? 372 100.000 ? ? ? ? 0.165 ? ? ? ? ? ? ? ? 5.900 ? 8.157 ? ? 0.181 0.073 ? 19 1 0.975 ? ? 
6.940 50.000 ? ? ? ? ? ? 401 99.500  ? ? ? ? 0.097 ? ? ? ? ? ? ? ? 5.100 ? 9.500 ? ? 0.109 0.047 ? 20 1 0.991 ? ? 
# 
_refine.aniso_B[1][1]                            1.5200 
_refine.aniso_B[1][2]                            0.0000 
_refine.aniso_B[1][3]                            0.0000 
_refine.aniso_B[2][2]                            1.5400 
_refine.aniso_B[2][3]                            0.0000 
_refine.aniso_B[3][3]                            -3.0600 
_refine.B_iso_max                                91.710 
_refine.B_iso_mean                               41.9890 
_refine.B_iso_min                                26.400 
_refine.correlation_coeff_Fo_to_Fc               0.9390 
_refine.correlation_coeff_Fo_to_Fc_free          0.8310 
_refine.details                                  
'HYDROGENS HAVE BEEN ADDED IN THE RIDING POSITIONS U VALUES      : REFINED INDIVIDUALLY' 
_refine.diff_density_max                         ? 
_refine.diff_density_max_esd                     ? 
_refine.diff_density_min                         ? 
_refine.diff_density_min_esd                     ? 
_refine.diff_density_rms                         ? 
_refine.diff_density_rms_esd                     ? 
_refine.entry_id                                 7JNE 
_refine.pdbx_refine_id                           'X-RAY DIFFRACTION' 
_refine.ls_abs_structure_details                 ? 
_refine.ls_abs_structure_Flack                   ? 
_refine.ls_abs_structure_Flack_esd               ? 
_refine.ls_abs_structure_Rogers                  ? 
_refine.ls_abs_structure_Rogers_esd              ? 
_refine.ls_d_res_high                            2.5400 
_refine.ls_d_res_low                             37.1100 
_refine.ls_extinction_coef                       ? 
_refine.ls_extinction_coef_esd                   ? 
_refine.ls_extinction_expression                 ? 
_refine.ls_extinction_method                     ? 
_refine.ls_goodness_of_fit_all                   ? 
_refine.ls_goodness_of_fit_all_esd               ? 
_refine.ls_goodness_of_fit_obs                   ? 
_refine.ls_goodness_of_fit_obs_esd               ? 
_refine.ls_hydrogen_treatment                    ? 
_refine.ls_matrix_type                           ? 
_refine.ls_number_constraints                    ? 
_refine.ls_number_parameters                     ? 
_refine.ls_number_reflns_all                     ? 
_refine.ls_number_reflns_obs                     6691 
_refine.ls_number_reflns_R_free                  353 
_refine.ls_number_reflns_R_work                  ? 
_refine.ls_number_restraints                     ? 
_refine.ls_percent_reflns_obs                    96.7100 
_refine.ls_percent_reflns_R_free                 5.0000 
_refine.ls_R_factor_all                          ? 
_refine.ls_R_factor_obs                          0.2211 
_refine.ls_R_factor_R_free                       0.3343 
_refine.ls_R_factor_R_free_error                 ? 
_refine.ls_R_factor_R_free_error_details         ? 
_refine.ls_R_factor_R_work                       0.2155 
_refine.ls_R_Fsqd_factor_obs                     ? 
_refine.ls_R_I_factor_obs                        ? 
_refine.ls_redundancy_reflns_all                 ? 
_refine.ls_redundancy_reflns_obs                 ? 
_refine.ls_restrained_S_all                      ? 
_refine.ls_restrained_S_obs                      ? 
_refine.ls_shift_over_esd_max                    ? 
_refine.ls_shift_over_esd_mean                   ? 
_refine.ls_structure_factor_coef                 ? 
_refine.ls_weighting_details                     ? 
_refine.ls_weighting_scheme                      ? 
_refine.ls_wR_factor_all                         ? 
_refine.ls_wR_factor_obs                         ? 
_refine.ls_wR_factor_R_free                      ? 
_refine.ls_wR_factor_R_work                      ? 
_refine.occupancy_max                            ? 
_refine.occupancy_min                            ? 
_refine.solvent_model_details                    MASK 
_refine.solvent_model_param_bsol                 ? 
_refine.solvent_model_param_ksol                 ? 
_refine.pdbx_R_complete                          ? 
_refine.ls_R_factor_gt                           ? 
_refine.ls_goodness_of_fit_gt                    ? 
_refine.ls_goodness_of_fit_ref                   ? 
_refine.ls_shift_over_su_max                     ? 
_refine.ls_shift_over_su_max_lt                  ? 
_refine.ls_shift_over_su_mean                    ? 
_refine.ls_shift_over_su_mean_lt                 ? 
_refine.pdbx_ls_sigma_I                          ? 
_refine.pdbx_ls_sigma_F                          0.000 
_refine.pdbx_ls_sigma_Fsqd                       ? 
_refine.pdbx_data_cutoff_high_absF               ? 
_refine.pdbx_data_cutoff_high_rms_absF           ? 
_refine.pdbx_data_cutoff_low_absF                ? 
_refine.pdbx_isotropic_thermal_model             ? 
_refine.pdbx_ls_cross_valid_method               THROUGHOUT 
_refine.pdbx_method_to_determine_struct          'MOLECULAR REPLACEMENT' 
_refine.pdbx_starting_model                      1DKZ 
_refine.pdbx_stereochemistry_target_values       'MAXIMUM LIKELIHOOD' 
_refine.pdbx_R_Free_selection_details            RANDOM 
_refine.pdbx_stereochem_target_val_spec_case     ? 
_refine.pdbx_overall_ESU_R                       1.8780 
_refine.pdbx_overall_ESU_R_Free                  0.4320 
_refine.pdbx_solvent_vdw_probe_radii             1.2000 
_refine.pdbx_solvent_ion_probe_radii             0.8000 
_refine.pdbx_solvent_shrinkage_radii             0.8000 
_refine.pdbx_real_space_R                        ? 
_refine.pdbx_density_correlation                 ? 
_refine.pdbx_pd_number_of_powder_patterns        ? 
_refine.pdbx_pd_number_of_points                 ? 
_refine.pdbx_pd_meas_number_of_points            ? 
_refine.pdbx_pd_proc_ls_prof_R_factor            ? 
_refine.pdbx_pd_proc_ls_prof_wR_factor           ? 
_refine.pdbx_pd_Marquardt_correlation_coeff      ? 
_refine.pdbx_pd_Fsqrd_R_factor                   ? 
_refine.pdbx_pd_ls_matrix_band_width             ? 
_refine.pdbx_overall_phase_error                 ? 
_refine.pdbx_overall_SU_R_free_Cruickshank_DPI   ? 
_refine.pdbx_overall_SU_R_free_Blow_DPI          ? 
_refine.pdbx_overall_SU_R_Blow_DPI               ? 
_refine.pdbx_TLS_residual_ADP_flag               ? 
_refine.pdbx_diffrn_id                           1 
_refine.overall_SU_B                             17.2050 
_refine.overall_SU_ML                            0.3580 
_refine.overall_SU_R_Cruickshank_DPI             ? 
_refine.overall_SU_R_free                        ? 
_refine.overall_FOM_free_R_set                   ? 
_refine.overall_FOM_work_R_set                   ? 
_refine.pdbx_average_fsc_overall                 ? 
_refine.pdbx_average_fsc_work                    ? 
_refine.pdbx_average_fsc_free                    ? 
# 
_refine_hist.pdbx_refine_id                   'X-RAY DIFFRACTION' 
_refine_hist.cycle_id                         final 
_refine_hist.details                          ? 
_refine_hist.d_res_high                       2.5400 
_refine_hist.d_res_low                        37.1100 
_refine_hist.number_atoms_solvent             6 
_refine_hist.number_atoms_total               1636 
_refine_hist.number_reflns_all                ? 
_refine_hist.number_reflns_obs                ? 
_refine_hist.number_reflns_R_free             ? 
_refine_hist.number_reflns_R_work             ? 
_refine_hist.R_factor_all                     ? 
_refine_hist.R_factor_obs                     ? 
_refine_hist.R_factor_R_free                  ? 
_refine_hist.R_factor_R_work                  ? 
_refine_hist.pdbx_number_residues_total       219 
_refine_hist.pdbx_B_iso_mean_ligand           70.43 
_refine_hist.pdbx_B_iso_mean_solvent          37.73 
_refine_hist.pdbx_number_atoms_protein        1625 
_refine_hist.pdbx_number_atoms_nucleic_acid   0 
_refine_hist.pdbx_number_atoms_ligand         5 
_refine_hist.pdbx_number_atoms_lipid          ? 
_refine_hist.pdbx_number_atoms_carb           ? 
_refine_hist.pdbx_pseudo_atom_details         ? 
# 
loop_
_refine_ls_restr.pdbx_refine_id 
_refine_ls_restr.criterion 
_refine_ls_restr.dev_ideal 
_refine_ls_restr.dev_ideal_target 
_refine_ls_restr.number 
_refine_ls_restr.rejects 
_refine_ls_restr.type 
_refine_ls_restr.weight 
_refine_ls_restr.pdbx_restraint_function 
'X-RAY DIFFRACTION' ? 0.008  0.013  1642 ? r_bond_refined_d       ? ? 
'X-RAY DIFFRACTION' ? 0.001  0.017  1535 ? r_bond_other_d         ? ? 
'X-RAY DIFFRACTION' ? 1.566  1.638  2218 ? r_angle_refined_deg    ? ? 
'X-RAY DIFFRACTION' ? 1.226  1.577  3570 ? r_angle_other_deg      ? ? 
'X-RAY DIFFRACTION' ? 7.243  5.000  217  ? r_dihedral_angle_1_deg ? ? 
'X-RAY DIFFRACTION' ? 38.965 25.195 77   ? r_dihedral_angle_2_deg ? ? 
'X-RAY DIFFRACTION' ? 19.367 15.000 298  ? r_dihedral_angle_3_deg ? ? 
'X-RAY DIFFRACTION' ? 18.737 15.000 7    ? r_dihedral_angle_4_deg ? ? 
'X-RAY DIFFRACTION' ? 0.055  0.200  236  ? r_chiral_restr         ? ? 
'X-RAY DIFFRACTION' ? 0.005  0.020  1841 ? r_gen_planes_refined   ? ? 
'X-RAY DIFFRACTION' ? 0.001  0.020  276  ? r_gen_planes_other     ? ? 
# 
_refine_ls_shell.pdbx_refine_id                   'X-RAY DIFFRACTION' 
_refine_ls_shell.d_res_high                       2.5400 
_refine_ls_shell.d_res_low                        2.6040 
_refine_ls_shell.number_reflns_all                ? 
_refine_ls_shell.number_reflns_obs                ? 
_refine_ls_shell.number_reflns_R_free             9 
_refine_ls_shell.number_reflns_R_work             298 
_refine_ls_shell.percent_reflns_obs               58.1400 
_refine_ls_shell.percent_reflns_R_free            ? 
_refine_ls_shell.R_factor_all                     ? 
_refine_ls_shell.R_factor_obs                     ? 
_refine_ls_shell.R_factor_R_free                  0.2880 
_refine_ls_shell.R_factor_R_free_error            0.0000 
_refine_ls_shell.R_factor_R_work                  0.2880 
_refine_ls_shell.redundancy_reflns_all            ? 
_refine_ls_shell.redundancy_reflns_obs            ? 
_refine_ls_shell.wR_factor_all                    ? 
_refine_ls_shell.wR_factor_obs                    ? 
_refine_ls_shell.wR_factor_R_free                 ? 
_refine_ls_shell.wR_factor_R_work                 ? 
_refine_ls_shell.pdbx_R_complete                  ? 
_refine_ls_shell.pdbx_total_number_of_bins_used   ? 
_refine_ls_shell.pdbx_phase_error                 ? 
_refine_ls_shell.pdbx_fsc_work                    ? 
_refine_ls_shell.pdbx_fsc_free                    ? 
# 
_struct.entry_id                     7JNE 
_struct.title                        
'Crystal structure of the substrate-binding domain of E. coli DnaK in complex with the peptide RGSQLRIASR' 
_struct.pdbx_model_details           ? 
_struct.pdbx_formula_weight          ? 
_struct.pdbx_formula_weight_method   ? 
_struct.pdbx_model_type_details      ? 
_struct.pdbx_CASP_flag               N 
# 
_struct_keywords.entry_id        7JNE 
_struct_keywords.text            'Complex, Molecular chaperone, Protein/Peptide, CHAPERONE' 
_struct_keywords.pdbx_keywords   CHAPERONE 
# 
loop_
_struct_asym.id 
_struct_asym.pdbx_blank_PDB_chainid_flag 
_struct_asym.pdbx_modified 
_struct_asym.entity_id 
_struct_asym.details 
A N N 1 ? 
B N N 2 ? 
C N N 3 ? 
D N N 4 ? 
# 
loop_
_struct_conf.conf_type_id 
_struct_conf.id 
_struct_conf.pdbx_PDB_helix_id 
_struct_conf.beg_label_comp_id 
_struct_conf.beg_label_asym_id 
_struct_conf.beg_label_seq_id 
_struct_conf.pdbx_beg_PDB_ins_code 
_struct_conf.end_label_comp_id 
_struct_conf.end_label_asym_id 
_struct_conf.end_label_seq_id 
_struct_conf.pdbx_end_PDB_ins_code 
_struct_conf.beg_auth_comp_id 
_struct_conf.beg_auth_asym_id 
_struct_conf.beg_auth_seq_id 
_struct_conf.end_auth_comp_id 
_struct_conf.end_auth_asym_id 
_struct_conf.end_auth_seq_id 
_struct_conf.pdbx_PDB_helix_class 
_struct_conf.details 
_struct_conf.pdbx_PDB_helix_length 
HELX_P HELX_P1 AA1 ARG A 59  ? ASN A 63  ? ARG A 447 ASN A 451 5 ? 5  
HELX_P HELX_P2 AA2 ASN A 120 ? ASN A 134 ? ASN A 508 ASN A 522 1 ? 15 
HELX_P HELX_P3 AA3 ASN A 134 ? GLY A 166 ? ASN A 522 GLY A 554 1 ? 33 
HELX_P HELX_P4 AA4 ASP A 167 ? LEU A 169 ? ASP A 555 LEU A 557 5 ? 3  
HELX_P HELX_P5 AA5 PRO A 170 ? LYS A 189 ? PRO A 558 LYS A 577 1 ? 20 
HELX_P HELX_P6 AA6 ASP A 192 ? SER A 207 ? ASP A 580 SER A 595 1 ? 16 
HELX_P HELX_P7 AA7 SER A 207 ? GLN A 215 ? SER A 595 GLN A 603 1 ? 9  
# 
_struct_conf_type.id          HELX_P 
_struct_conf_type.criteria    ? 
_struct_conf_type.reference   ? 
# 
_struct_mon_prot_cis.pdbx_id                1 
_struct_mon_prot_cis.label_comp_id          ILE 
_struct_mon_prot_cis.label_seq_id           30 
_struct_mon_prot_cis.label_asym_id          A 
_struct_mon_prot_cis.label_alt_id           . 
_struct_mon_prot_cis.pdbx_PDB_ins_code      ? 
_struct_mon_prot_cis.auth_comp_id           ILE 
_struct_mon_prot_cis.auth_seq_id            418 
_struct_mon_prot_cis.auth_asym_id           A 
_struct_mon_prot_cis.pdbx_label_comp_id_2   PRO 
_struct_mon_prot_cis.pdbx_label_seq_id_2    31 
_struct_mon_prot_cis.pdbx_label_asym_id_2   A 
_struct_mon_prot_cis.pdbx_PDB_ins_code_2    ? 
_struct_mon_prot_cis.pdbx_auth_comp_id_2    PRO 
_struct_mon_prot_cis.pdbx_auth_seq_id_2     419 
_struct_mon_prot_cis.pdbx_auth_asym_id_2    A 
_struct_mon_prot_cis.pdbx_PDB_model_num     1 
_struct_mon_prot_cis.pdbx_omega_angle       2.11 
# 
loop_
_struct_sheet.id 
_struct_sheet.type 
_struct_sheet.number_strands 
_struct_sheet.details 
AA1 ? 4 ? 
AA2 ? 5 ? 
# 
loop_
_struct_sheet_order.sheet_id 
_struct_sheet_order.range_id_1 
_struct_sheet_order.range_id_2 
_struct_sheet_order.offset 
_struct_sheet_order.sense 
AA1 1 2 ? anti-parallel 
AA1 2 3 ? anti-parallel 
AA1 3 4 ? anti-parallel 
AA2 1 2 ? anti-parallel 
AA2 2 3 ? anti-parallel 
AA2 3 4 ? anti-parallel 
AA2 4 5 ? parallel      
# 
loop_
_struct_sheet_range.sheet_id 
_struct_sheet_range.id 
_struct_sheet_range.beg_label_comp_id 
_struct_sheet_range.beg_label_asym_id 
_struct_sheet_range.beg_label_seq_id 
_struct_sheet_range.pdbx_beg_PDB_ins_code 
_struct_sheet_range.end_label_comp_id 
_struct_sheet_range.end_label_asym_id 
_struct_sheet_range.end_label_seq_id 
_struct_sheet_range.pdbx_end_PDB_ins_code 
_struct_sheet_range.beg_auth_comp_id 
_struct_sheet_range.beg_auth_asym_id 
_struct_sheet_range.beg_auth_seq_id 
_struct_sheet_range.end_auth_comp_id 
_struct_sheet_range.end_auth_asym_id 
_struct_sheet_range.end_auth_seq_id 
AA1 1 VAL A 19  ? ILE A 24  ? VAL A 407 ILE A 412 
AA1 2 LEU A 11  ? THR A 15  ? LEU A 399 THR A 403 
AA1 3 VAL A 48  ? GLN A 54  ? VAL A 436 GLN A 442 
AA1 4 LYS A 64  ? LEU A 71  ? LYS A 452 LEU A 459 
AA2 1 GLU A 108 ? ILE A 113 ? GLU A 496 ILE A 501 
AA2 2 LEU A 96  ? ASP A 102 ? LEU A 484 ASP A 490 
AA2 3 ILE A 84  ? ILE A 90  ? ILE A 472 ILE A 478 
AA2 4 THR A 32  ? THR A 40  ? THR A 420 THR A 428 
AA2 5 ARG B 6   ? ILE B 7   ? ARG B 419 ILE B 420 
# 
loop_
_pdbx_struct_sheet_hbond.sheet_id 
_pdbx_struct_sheet_hbond.range_id_1 
_pdbx_struct_sheet_hbond.range_id_2 
_pdbx_struct_sheet_hbond.range_1_label_atom_id 
_pdbx_struct_sheet_hbond.range_1_label_comp_id 
_pdbx_struct_sheet_hbond.range_1_label_asym_id 
_pdbx_struct_sheet_hbond.range_1_label_seq_id 
_pdbx_struct_sheet_hbond.range_1_PDB_ins_code 
_pdbx_struct_sheet_hbond.range_1_auth_atom_id 
_pdbx_struct_sheet_hbond.range_1_auth_comp_id 
_pdbx_struct_sheet_hbond.range_1_auth_asym_id 
_pdbx_struct_sheet_hbond.range_1_auth_seq_id 
_pdbx_struct_sheet_hbond.range_2_label_atom_id 
_pdbx_struct_sheet_hbond.range_2_label_comp_id 
_pdbx_struct_sheet_hbond.range_2_label_asym_id 
_pdbx_struct_sheet_hbond.range_2_label_seq_id 
_pdbx_struct_sheet_hbond.range_2_PDB_ins_code 
_pdbx_struct_sheet_hbond.range_2_auth_atom_id 
_pdbx_struct_sheet_hbond.range_2_auth_comp_id 
_pdbx_struct_sheet_hbond.range_2_auth_asym_id 
_pdbx_struct_sheet_hbond.range_2_auth_seq_id 
AA1 1 2 O THR A 21  ? O THR A 409 N ILE A 13 ? N ILE A 401 
AA1 2 3 N GLY A 12  ? N GLY A 400 O LEU A 53 ? O LEU A 441 
AA1 3 4 N GLN A 54  ? N GLN A 442 O LYS A 64 ? O LYS A 452 
AA2 1 2 O ILE A 113 ? O ILE A 501 N LEU A 96 ? N LEU A 484 
AA2 2 3 O HIS A 97  ? O HIS A 485 N ASP A 89 ? N ASP A 477 
AA2 3 4 O VAL A 86  ? O VAL A 474 N GLN A 36 ? N GLN A 424 
AA2 4 5 N SER A 39  ? N SER A 427 O ILE B 7  ? O ILE B 420 
# 
_struct_site.id                   AC1 
_struct_site.pdbx_evidence_code   Software 
_struct_site.pdbx_auth_asym_id    A 
_struct_site.pdbx_auth_comp_id    SO4 
_struct_site.pdbx_auth_seq_id     701 
_struct_site.pdbx_auth_ins_code   ? 
_struct_site.pdbx_num_residues    5 
_struct_site.details              'binding site for residue SO4 A 701' 
# 
loop_
_struct_site_gen.id 
_struct_site_gen.site_id 
_struct_site_gen.pdbx_num_res 
_struct_site_gen.label_comp_id 
_struct_site_gen.label_asym_id 
_struct_site_gen.label_seq_id 
_struct_site_gen.pdbx_auth_ins_code 
_struct_site_gen.auth_comp_id 
_struct_site_gen.auth_asym_id 
_struct_site_gen.auth_seq_id 
_struct_site_gen.label_atom_id 
_struct_site_gen.label_alt_id 
_struct_site_gen.symmetry 
_struct_site_gen.details 
1 AC1 5 ARG A 79  ? ARG A 467 . ? 1_555 ? 
2 AC1 5 HIS A 153 ? HIS A 541 . ? 1_555 ? 
3 AC1 5 HIS A 156 ? HIS A 544 . ? 1_555 ? 
4 AC1 5 SER A 157 ? SER A 545 . ? 1_555 ? 
5 AC1 5 ARG B 6   ? ARG B 419 . ? 1_555 ? 
# 
_atom_sites.entry_id                    7JNE 
_atom_sites.Cartn_transf_matrix[1][1]   ? 
_atom_sites.Cartn_transf_matrix[1][2]   ? 
_atom_sites.Cartn_transf_matrix[1][3]   ? 
_atom_sites.Cartn_transf_matrix[2][1]   ? 
_atom_sites.Cartn_transf_matrix[2][2]   ? 
_atom_sites.Cartn_transf_matrix[2][3]   ? 
_atom_sites.Cartn_transf_matrix[3][1]   ? 
_atom_sites.Cartn_transf_matrix[3][2]   ? 
_atom_sites.Cartn_transf_matrix[3][3]   ? 
_atom_sites.Cartn_transf_vector[1]      ? 
_atom_sites.Cartn_transf_vector[2]      ? 
_atom_sites.Cartn_transf_vector[3]      ? 
_atom_sites.fract_transf_matrix[1][1]   -0.00807707 
_atom_sites.fract_transf_matrix[1][2]   -0.01109143 
_atom_sites.fract_transf_matrix[1][3]   0.02306554 
_atom_sites.fract_transf_matrix[2][1]   0.00586895 
_atom_sites.fract_transf_matrix[2][2]   0.00678743 
_atom_sites.fract_transf_matrix[2][3]   0.00531903 
_atom_sites.fract_transf_matrix[3][1]   -0.00658018 
_atom_sites.fract_transf_matrix[3][2]   0.00544399 
_atom_sites.fract_transf_matrix[3][3]   0.00031359 
_atom_sites.fract_transf_vector[1]      -0.311567 
_atom_sites.fract_transf_vector[2]      -0.056677 
_atom_sites.fract_transf_vector[3]      -0.223819 
_atom_sites.solution_primary            ? 
_atom_sites.solution_secondary          ? 
_atom_sites.solution_hydrogens          ? 
_atom_sites.special_details             ? 
# 
loop_
_atom_type.symbol 
C 
N 
O 
S 
# 
loop_
_atom_site.group_PDB 
_atom_site.id 
_atom_site.type_symbol 
_atom_site.label_atom_id 
_atom_site.label_alt_id 
_atom_site.label_comp_id 
_atom_site.label_asym_id 
_atom_site.label_entity_id 
_atom_site.label_seq_id 
_atom_site.pdbx_PDB_ins_code 
_atom_site.Cartn_x 
_atom_site.Cartn_y 
_atom_site.Cartn_z 
_atom_site.occupancy 
_atom_site.B_iso_or_equiv 
_atom_site.pdbx_formal_charge 
_atom_site.auth_seq_id 
_atom_site.auth_comp_id 
_atom_site.auth_asym_id 
_atom_site.auth_atom_id 
_atom_site.pdbx_PDB_model_num 
ATOM   1    N N   . VAL A 1 1   ? -26.386 16.032  -19.854 1.00 47.78 ? 389 VAL A N   1 
ATOM   2    C CA  . VAL A 1 1   ? -26.338 17.509  -20.039 1.00 52.52 ? 389 VAL A CA  1 
ATOM   3    C C   . VAL A 1 1   ? -27.247 18.232  -19.024 1.00 48.42 ? 389 VAL A C   1 
ATOM   4    O O   . VAL A 1 1   ? -26.829 19.294  -18.578 1.00 51.40 ? 389 VAL A O   1 
ATOM   5    C CB  . VAL A 1 1   ? -26.675 17.902  -21.491 1.00 60.21 ? 389 VAL A CB  1 
ATOM   6    C CG1 . VAL A 1 1   ? -27.136 19.336  -21.561 1.00 61.65 ? 389 VAL A CG1 1 
ATOM   7    C CG2 . VAL A 1 1   ? -25.518 17.683  -22.471 1.00 58.56 ? 389 VAL A CG2 1 
ATOM   8    N N   . LEU A 1 2   ? -28.437 17.729  -18.680 1.00 45.19 ? 390 LEU A N   1 
ATOM   9    C CA  . LEU A 1 2   ? -29.193 18.208  -17.485 1.00 47.98 ? 390 LEU A CA  1 
ATOM   10   C C   . LEU A 1 2   ? -28.787 17.391  -16.254 1.00 48.73 ? 390 LEU A C   1 
ATOM   11   O O   . LEU A 1 2   ? -29.030 17.853  -15.120 1.00 43.81 ? 390 LEU A O   1 
ATOM   12   C CB  . LEU A 1 2   ? -30.713 18.110  -17.679 1.00 53.68 ? 390 LEU A CB  1 
ATOM   13   C CG  . LEU A 1 2   ? -31.396 19.286  -18.390 1.00 54.63 ? 390 LEU A CG  1 
ATOM   14   C CD1 . LEU A 1 2   ? -32.909 19.131  -18.363 1.00 52.68 ? 390 LEU A CD1 1 
ATOM   15   C CD2 . LEU A 1 2   ? -30.994 20.617  -17.778 1.00 51.98 ? 390 LEU A CD2 1 
ATOM   16   N N   . LEU A 1 3   ? -28.225 16.204  -16.451 1.00 50.73 ? 391 LEU A N   1 
ATOM   17   C CA  . LEU A 1 3   ? -27.776 15.351  -15.324 1.00 53.97 ? 391 LEU A CA  1 
ATOM   18   C C   . LEU A 1 3   ? -26.331 14.891  -15.575 1.00 52.77 ? 391 LEU A C   1 
ATOM   19   O O   . LEU A 1 3   ? -25.729 15.282  -16.592 1.00 51.72 ? 391 LEU A O   1 
ATOM   20   C CB  . LEU A 1 3   ? -28.759 14.182  -15.189 1.00 56.37 ? 391 LEU A CB  1 
ATOM   21   N N   . LEU A 1 4   ? -25.788 14.144  -14.621 1.00 51.97 ? 392 LEU A N   1 
ATOM   22   C CA  . LEU A 1 4   ? -24.510 13.390  -14.687 1.00 46.24 ? 392 LEU A CA  1 
ATOM   23   C C   . LEU A 1 4   ? -24.653 12.216  -13.726 1.00 45.68 ? 392 LEU A C   1 
ATOM   24   O O   . LEU A 1 4   ? -25.026 12.468  -12.570 1.00 45.36 ? 392 LEU A O   1 
ATOM   25   C CB  . LEU A 1 4   ? -23.347 14.261  -14.197 1.00 44.51 ? 392 LEU A CB  1 
ATOM   26   C CG  . LEU A 1 4   ? -22.752 15.274  -15.167 1.00 41.84 ? 392 LEU A CG  1 
ATOM   27   C CD1 . LEU A 1 4   ? -21.500 15.887  -14.549 1.00 38.86 ? 392 LEU A CD1 1 
ATOM   28   C CD2 . LEU A 1 4   ? -22.450 14.650  -16.521 1.00 41.19 ? 392 LEU A CD2 1 
ATOM   29   N N   . ASP A 1 5   ? -24.382 10.992  -14.171 1.00 51.33 ? 393 ASP A N   1 
ATOM   30   C CA  . ASP A 1 5   ? -24.007 9.889   -13.248 1.00 54.99 ? 393 ASP A CA  1 
ATOM   31   C C   . ASP A 1 5   ? -22.594 10.203  -12.762 1.00 53.02 ? 393 ASP A C   1 
ATOM   32   O O   . ASP A 1 5   ? -21.692 10.319  -13.616 1.00 53.09 ? 393 ASP A O   1 
ATOM   33   C CB  . ASP A 1 5   ? -24.046 8.522   -13.924 1.00 57.40 ? 393 ASP A CB  1 
ATOM   34   C CG  . ASP A 1 5   ? -25.432 7.932   -13.950 1.00 64.91 ? 393 ASP A CG  1 
ATOM   35   O OD1 . ASP A 1 5   ? -25.875 7.463   -12.872 1.00 79.95 ? 393 ASP A OD1 1 
ATOM   36   O OD2 . ASP A 1 5   ? -26.057 7.961   -15.034 1.00 61.67 ? 393 ASP A OD2 1 
ATOM   37   N N   . VAL A 1 6   ? -22.419 10.396  -11.460 1.00 47.12 ? 394 VAL A N   1 
ATOM   38   C CA  . VAL A 1 6   ? -21.066 10.537  -10.866 1.00 48.08 ? 394 VAL A CA  1 
ATOM   39   C C   . VAL A 1 6   ? -20.900 9.510   -9.745  1.00 51.53 ? 394 VAL A C   1 
ATOM   40   O O   . VAL A 1 6   ? -21.915 8.988   -9.214  1.00 50.54 ? 394 VAL A O   1 
ATOM   41   C CB  . VAL A 1 6   ? -20.789 11.970  -10.377 1.00 50.21 ? 394 VAL A CB  1 
ATOM   42   C CG1 . VAL A 1 6   ? -20.964 12.977  -11.498 1.00 50.45 ? 394 VAL A CG1 1 
ATOM   43   C CG2 . VAL A 1 6   ? -21.628 12.350  -9.165  1.00 51.07 ? 394 VAL A CG2 1 
ATOM   44   N N   . THR A 1 7   ? -19.639 9.211   -9.439  1.00 52.80 ? 395 THR A N   1 
ATOM   45   C CA  . THR A 1 7   ? -19.210 8.558   -8.180  1.00 49.64 ? 395 THR A CA  1 
ATOM   46   C C   . THR A 1 7   ? -19.353 9.571   -7.051  1.00 45.66 ? 395 THR A C   1 
ATOM   47   O O   . THR A 1 7   ? -18.660 10.582  -7.039  1.00 43.67 ? 395 THR A O   1 
ATOM   48   C CB  . THR A 1 7   ? -17.762 8.069   -8.282  1.00 50.03 ? 395 THR A CB  1 
ATOM   49   O OG1 . THR A 1 7   ? -16.908 9.202   -8.491  1.00 53.04 ? 395 THR A OG1 1 
ATOM   50   C CG2 . THR A 1 7   ? -17.592 7.053   -9.388  1.00 46.32 ? 395 THR A CG2 1 
ATOM   51   N N   . PRO A 1 8   ? -20.259 9.348   -6.080  1.00 41.80 ? 396 PRO A N   1 
ATOM   52   C CA  . PRO A 1 8   ? -20.289 10.168  -4.874  1.00 42.92 ? 396 PRO A CA  1 
ATOM   53   C C   . PRO A 1 8   ? -18.941 10.161  -4.128  1.00 43.36 ? 396 PRO A C   1 
ATOM   54   O O   . PRO A 1 8   ? -18.488 11.235  -3.781  1.00 44.76 ? 396 PRO A O   1 
ATOM   55   C CB  . PRO A 1 8   ? -21.393 9.512   -4.026  1.00 41.47 ? 396 PRO A CB  1 
ATOM   56   C CG  . PRO A 1 8   ? -21.535 8.130   -4.586  1.00 38.69 ? 396 PRO A CG  1 
ATOM   57   C CD  . PRO A 1 8   ? -21.268 8.282   -6.062  1.00 40.67 ? 396 PRO A CD  1 
ATOM   58   N N   . LEU A 1 9   ? -18.341 8.976   -3.922  1.00 40.43 ? 397 LEU A N   1 
ATOM   59   C CA  . LEU A 1 9   ? -17.094 8.780   -3.127  1.00 36.85 ? 397 LEU A CA  1 
ATOM   60   C C   . LEU A 1 9   ? -15.989 8.129   -3.979  1.00 35.38 ? 397 LEU A C   1 
ATOM   61   O O   . LEU A 1 9   ? -16.288 7.501   -5.004  1.00 32.53 ? 397 LEU A O   1 
ATOM   62   C CB  . LEU A 1 9   ? -17.417 7.911   -1.912  1.00 38.15 ? 397 LEU A CB  1 
ATOM   63   C CG  . LEU A 1 9   ? -18.490 8.478   -0.989  1.00 44.09 ? 397 LEU A CG  1 
ATOM   64   C CD1 . LEU A 1 9   ? -19.038 7.409   -0.047  1.00 44.74 ? 397 LEU A CD1 1 
ATOM   65   C CD2 . LEU A 1 9   ? -17.955 9.665   -0.213  1.00 43.58 ? 397 LEU A CD2 1 
ATOM   66   N N   . SER A 1 10  ? -14.741 8.278   -3.538  1.00 33.91 ? 398 SER A N   1 
ATOM   67   C CA  . SER A 1 10  ? -13.543 7.605   -4.094  1.00 34.40 ? 398 SER A CA  1 
ATOM   68   C C   . SER A 1 10  ? -13.685 6.084   -3.961  1.00 34.29 ? 398 SER A C   1 
ATOM   69   O O   . SER A 1 10  ? -14.342 5.598   -3.003  1.00 29.35 ? 398 SER A O   1 
ATOM   70   C CB  . SER A 1 10  ? -12.282 8.106   -3.435  1.00 35.35 ? 398 SER A CB  1 
ATOM   71   O OG  . SER A 1 10  ? -12.045 9.467   -3.749  1.00 32.29 ? 398 SER A OG  1 
ATOM   72   N N   . LEU A 1 11  ? -13.074 5.374   -4.911  1.00 36.14 ? 399 LEU A N   1 
ATOM   73   C CA  . LEU A 1 11  ? -13.090 3.894   -5.036  1.00 36.87 ? 399 LEU A CA  1 
ATOM   74   C C   . LEU A 1 11  ? -11.658 3.409   -5.216  1.00 35.40 ? 399 LEU A C   1 
ATOM   75   O O   . LEU A 1 11  ? -10.926 3.962   -6.076  1.00 37.28 ? 399 LEU A O   1 
ATOM   76   C CB  . LEU A 1 11  ? -13.906 3.493   -6.262  1.00 37.87 ? 399 LEU A CB  1 
ATOM   77   C CG  . LEU A 1 11  ? -15.402 3.715   -6.146  1.00 39.67 ? 399 LEU A CG  1 
ATOM   78   C CD1 . LEU A 1 11  ? -16.024 3.683   -7.523  1.00 41.01 ? 399 LEU A CD1 1 
ATOM   79   C CD2 . LEU A 1 11  ? -16.029 2.675   -5.233  1.00 38.85 ? 399 LEU A CD2 1 
ATOM   80   N N   . GLY A 1 12  ? -11.270 2.388   -4.472  1.00 32.29 ? 400 GLY A N   1 
ATOM   81   C CA  . GLY A 1 12  ? -9.895  1.899   -4.601  1.00 33.57 ? 400 GLY A CA  1 
ATOM   82   C C   . GLY A 1 12  ? -9.665  0.667   -3.785  1.00 31.43 ? 400 GLY A C   1 
ATOM   83   O O   . GLY A 1 12  ? -10.632 -0.073  -3.542  1.00 29.38 ? 400 GLY A O   1 
ATOM   84   N N   . ILE A 1 13  ? -8.419  0.478   -3.370  1.00 32.16 ? 401 ILE A N   1 
ATOM   85   C CA  . ILE A 1 13  ? -7.990  -0.791  -2.735  1.00 33.33 ? 401 ILE A CA  1 
ATOM   86   C C   . ILE A 1 13  ? -7.162  -0.472  -1.498  1.00 31.87 ? 401 ILE A C   1 
ATOM   87   O O   . ILE A 1 13  ? -6.713  0.671   -1.363  1.00 26.77 ? 401 ILE A O   1 
ATOM   88   C CB  . ILE A 1 13  ? -7.245  -1.685  -3.745  1.00 33.83 ? 401 ILE A CB  1 
ATOM   89   C CG1 . ILE A 1 13  ? -5.837  -1.176  -4.042  1.00 32.69 ? 401 ILE A CG1 1 
ATOM   90   C CG2 . ILE A 1 13  ? -8.073  -1.859  -5.014  1.00 34.18 ? 401 ILE A CG2 1 
ATOM   91   C CD1 . ILE A 1 13  ? -4.877  -2.280  -4.365  1.00 33.90 ? 401 ILE A CD1 1 
ATOM   92   N N   . GLU A 1 14  ? -6.996  -1.473  -0.639  1.00 32.80 ? 402 GLU A N   1 
ATOM   93   C CA  . GLU A 1 14  ? -6.141  -1.364  0.555   1.00 34.57 ? 402 GLU A CA  1 
ATOM   94   C C   . GLU A 1 14  ? -4.734  -1.763  0.134   1.00 35.38 ? 402 GLU A C   1 
ATOM   95   O O   . GLU A 1 14  ? -4.605  -2.771  -0.574  1.00 37.39 ? 402 GLU A O   1 
ATOM   96   C CB  . GLU A 1 14  ? -6.668  -2.229  1.696   1.00 35.47 ? 402 GLU A CB  1 
ATOM   97   C CG  . GLU A 1 14  ? -5.635  -2.403  2.775   1.00 37.57 ? 402 GLU A CG  1 
ATOM   98   C CD  . GLU A 1 14  ? -6.086  -3.227  3.953   1.00 38.90 ? 402 GLU A CD  1 
ATOM   99   O OE1 . GLU A 1 14  ? -7.219  -3.722  3.920   1.00 39.07 ? 402 GLU A OE1 1 
ATOM   100  O OE2 . GLU A 1 14  ? -5.278  -3.368  4.884   1.00 43.47 ? 402 GLU A OE2 1 
ATOM   101  N N   . THR A 1 15  ? -3.740  -0.979  0.556   1.00 39.17 ? 403 THR A N   1 
ATOM   102  C CA  . THR A 1 15  ? -2.299  -1.170  0.242   1.00 39.78 ? 403 THR A CA  1 
ATOM   103  C C   . THR A 1 15  ? -1.466  -1.158  1.537   1.00 38.01 ? 403 THR A C   1 
ATOM   104  O O   . THR A 1 15  ? -1.974  -0.774  2.600   1.00 34.14 ? 403 THR A O   1 
ATOM   105  C CB  . THR A 1 15  ? -1.854  -0.139  -0.801  1.00 38.52 ? 403 THR A CB  1 
ATOM   106  O OG1 . THR A 1 15  ? -2.122  1.158   -0.270  1.00 41.86 ? 403 THR A OG1 1 
ATOM   107  C CG2 . THR A 1 15  ? -2.571  -0.331  -2.117  1.00 36.69 ? 403 THR A CG2 1 
ATOM   108  N N   . MET A 1 16  ? -0.225  -1.611  1.437   1.00 38.43 ? 404 MET A N   1 
ATOM   109  C CA  . MET A 1 16  ? 0.671   -1.866  2.587   1.00 39.92 ? 404 MET A CA  1 
ATOM   110  C C   . MET A 1 16  ? 0.517   -0.786  3.672   1.00 40.69 ? 404 MET A C   1 
ATOM   111  O O   . MET A 1 16  ? 0.814   0.390   3.407   1.00 37.17 ? 404 MET A O   1 
ATOM   112  C CB  . MET A 1 16  ? 2.112   -1.895  2.093   1.00 39.86 ? 404 MET A CB  1 
ATOM   113  C CG  . MET A 1 16  ? 3.071   -2.331  3.158   1.00 43.34 ? 404 MET A CG  1 
ATOM   114  S SD  . MET A 1 16  ? 4.632   -2.835  2.463   1.00 45.07 ? 404 MET A SD  1 
ATOM   115  C CE  . MET A 1 16  ? 5.159   -1.334  1.630   1.00 39.89 ? 404 MET A CE  1 
ATOM   116  N N   . GLY A 1 17  ? 0.107   -1.186  4.877   1.00 42.54 ? 405 GLY A N   1 
ATOM   117  C CA  . GLY A 1 17  ? -0.045  -0.265  6.018   1.00 44.82 ? 405 GLY A CA  1 
ATOM   118  C C   . GLY A 1 17  ? -1.495  0.112   6.289   1.00 42.21 ? 405 GLY A C   1 
ATOM   119  O O   . GLY A 1 17  ? -1.718  0.937   7.169   1.00 38.98 ? 405 GLY A O   1 
ATOM   120  N N   . GLY A 1 18  ? -2.451  -0.514  5.600   1.00 44.63 ? 406 GLY A N   1 
ATOM   121  C CA  . GLY A 1 18  ? -3.893  -0.302  5.820   1.00 46.44 ? 406 GLY A CA  1 
ATOM   122  C C   . GLY A 1 18  ? -4.403  0.974   5.169   1.00 43.28 ? 406 GLY A C   1 
ATOM   123  O O   . GLY A 1 18  ? -5.532  1.366   5.459   1.00 48.87 ? 406 GLY A O   1 
ATOM   124  N N   . VAL A 1 19  ? -3.578  1.600   4.341   1.00 38.76 ? 407 VAL A N   1 
ATOM   125  C CA  . VAL A 1 19  ? -3.898  2.802   3.536   1.00 37.23 ? 407 VAL A CA  1 
ATOM   126  C C   . VAL A 1 19  ? -4.935  2.401   2.487   1.00 41.56 ? 407 VAL A C   1 
ATOM   127  O O   . VAL A 1 19  ? -4.716  1.382   1.801   1.00 42.37 ? 407 VAL A O   1 
ATOM   128  C CB  . VAL A 1 19  ? -2.642  3.308   2.814   1.00 36.71 ? 407 VAL A CB  1 
ATOM   129  C CG1 . VAL A 1 19  ? -2.965  4.512   1.952   1.00 40.97 ? 407 VAL A CG1 1 
ATOM   130  C CG2 . VAL A 1 19  ? -1.506  3.611   3.759   1.00 36.48 ? 407 VAL A CG2 1 
ATOM   131  N N   . MET A 1 20  ? -5.987  3.200   2.307   1.00 44.39 ? 408 MET A N   1 
ATOM   132  C CA  . MET A 1 20  ? -6.799  3.172   1.065   1.00 42.82 ? 408 MET A CA  1 
ATOM   133  C C   . MET A 1 20  ? -6.014  3.918   0.002   1.00 39.19 ? 408 MET A C   1 
ATOM   134  O O   . MET A 1 20  ? -5.653  5.066   0.267   1.00 42.86 ? 408 MET A O   1 
ATOM   135  C CB  . MET A 1 20  ? -8.165  3.846   1.186   1.00 45.18 ? 408 MET A CB  1 
ATOM   136  C CG  . MET A 1 20  ? -8.801  4.056   -0.175  1.00 47.61 ? 408 MET A CG  1 
ATOM   137  S SD  . MET A 1 20  ? -10.579 4.170   -0.118  1.00 45.31 ? 408 MET A SD  1 
ATOM   138  C CE  . MET A 1 20  ? -10.927 4.830   -1.744  1.00 44.52 ? 408 MET A CE  1 
ATOM   139  N N   . THR A 1 21  ? -5.771  3.260   -1.128  1.00 35.51 ? 409 THR A N   1 
ATOM   140  C CA  . THR A 1 21  ? -5.236  3.863   -2.363  1.00 37.80 ? 409 THR A CA  1 
ATOM   141  C C   . THR A 1 21  ? -6.392  4.008   -3.355  1.00 39.93 ? 409 THR A C   1 
ATOM   142  O O   . THR A 1 21  ? -7.161  3.045   -3.532  1.00 49.84 ? 409 THR A O   1 
ATOM   143  C CB  . THR A 1 21  ? -4.060  3.045   -2.901  1.00 38.04 ? 409 THR A CB  1 
ATOM   144  O OG1 . THR A 1 21  ? -3.158  2.829   -1.814  1.00 36.88 ? 409 THR A OG1 1 
ATOM   145  C CG2 . THR A 1 21  ? -3.341  3.740   -4.033  1.00 37.35 ? 409 THR A CG2 1 
ATOM   146  N N   . THR A 1 22  ? -6.517  5.182   -3.959  1.00 38.44 ? 410 THR A N   1 
ATOM   147  C CA  . THR A 1 22  ? -7.677  5.573   -4.792  1.00 38.48 ? 410 THR A CA  1 
ATOM   148  C C   . THR A 1 22  ? -7.346  5.245   -6.245  1.00 36.29 ? 410 THR A C   1 
ATOM   149  O O   . THR A 1 22  ? -6.200  5.379   -6.606  1.00 33.39 ? 410 THR A O   1 
ATOM   150  C CB  . THR A 1 22  ? -8.029  7.038   -4.521  1.00 38.28 ? 410 THR A CB  1 
ATOM   151  O OG1 . THR A 1 22  ? -8.456  7.073   -3.158  1.00 38.88 ? 410 THR A OG1 1 
ATOM   152  C CG2 . THR A 1 22  ? -9.108  7.569   -5.437  1.00 39.24 ? 410 THR A CG2 1 
ATOM   153  N N   . LEU A 1 23  ? -8.324  4.746   -6.995  1.00 40.68 ? 411 LEU A N   1 
ATOM   154  C CA  . LEU A 1 23  ? -8.216  4.411   -8.441  1.00 43.84 ? 411 LEU A CA  1 
ATOM   155  C C   . LEU A 1 23  ? -9.097  5.391   -9.207  1.00 41.03 ? 411 LEU A C   1 
ATOM   156  O O   . LEU A 1 23  ? -8.588  6.072   -10.128 1.00 48.14 ? 411 LEU A O   1 
ATOM   157  C CB  . LEU A 1 23  ? -8.711  2.979   -8.673  1.00 45.55 ? 411 LEU A CB  1 
ATOM   158  C CG  . LEU A 1 23  ? -7.681  1.861   -8.526  1.00 43.82 ? 411 LEU A CG  1 
ATOM   159  C CD1 . LEU A 1 23  ? -6.752  1.844   -9.713  1.00 44.28 ? 411 LEU A CD1 1 
ATOM   160  C CD2 . LEU A 1 23  ? -6.907  1.982   -7.228  1.00 42.64 ? 411 LEU A CD2 1 
ATOM   161  N N   . ILE A 1 24  ? -10.370 5.424   -8.814  1.00 34.40 ? 412 ILE A N   1 
ATOM   162  C CA  . ILE A 1 24  ? -11.403 6.351   -9.337  1.00 34.68 ? 412 ILE A CA  1 
ATOM   163  C C   . ILE A 1 24  ? -11.760 7.349   -8.239  1.00 33.89 ? 412 ILE A C   1 
ATOM   164  O O   . ILE A 1 24  ? -12.277 6.918   -7.197  1.00 30.56 ? 412 ILE A O   1 
ATOM   165  C CB  . ILE A 1 24  ? -12.619 5.549   -9.824  1.00 36.53 ? 412 ILE A CB  1 
ATOM   166  C CG1 . ILE A 1 24  ? -12.175 4.358   -10.684 1.00 36.10 ? 412 ILE A CG1 1 
ATOM   167  C CG2 . ILE A 1 24  ? -13.600 6.475   -10.523 1.00 36.07 ? 412 ILE A CG2 1 
ATOM   168  C CD1 . ILE A 1 24  ? -13.162 3.920   -11.729 1.00 36.96 ? 412 ILE A CD1 1 
ATOM   169  N N   . ALA A 1 25  ? -11.457 8.628   -8.485  1.00 35.64 ? 413 ALA A N   1 
ATOM   170  C CA  . ALA A 1 25  ? -11.645 9.767   -7.561  1.00 34.74 ? 413 ALA A CA  1 
ATOM   171  C C   . ALA A 1 25  ? -13.118 10.155  -7.484  1.00 35.75 ? 413 ALA A C   1 
ATOM   172  O O   . ALA A 1 25  ? -13.794 10.058  -8.509  1.00 36.60 ? 413 ALA A O   1 
ATOM   173  C CB  . ALA A 1 25  ? -10.843 10.937  -8.041  1.00 34.58 ? 413 ALA A CB  1 
ATOM   174  N N   . LYS A 1 26  ? -13.553 10.571  -6.290  1.00 39.16 ? 414 LYS A N   1 
ATOM   175  C CA  . LYS A 1 26  ? -14.800 11.324  -5.971  1.00 42.63 ? 414 LYS A CA  1 
ATOM   176  C C   . LYS A 1 26  ? -15.257 12.159  -7.169  1.00 43.42 ? 414 LYS A C   1 
ATOM   177  O O   . LYS A 1 26  ? -14.417 12.833  -7.789  1.00 45.71 ? 414 LYS A O   1 
ATOM   178  C CB  . LYS A 1 26  ? -14.524 12.248  -4.778  1.00 47.71 ? 414 LYS A CB  1 
ATOM   179  C CG  . LYS A 1 26  ? -15.727 12.796  -4.019  1.00 53.55 ? 414 LYS A CG  1 
ATOM   180  C CD  . LYS A 1 26  ? -15.344 13.990  -3.127  1.00 61.57 ? 414 LYS A CD  1 
ATOM   181  C CE  . LYS A 1 26  ? -16.402 14.414  -2.125  1.00 65.70 ? 414 LYS A CE  1 
ATOM   182  N NZ  . LYS A 1 26  ? -17.540 15.114  -2.771  1.00 68.52 ? 414 LYS A NZ  1 
ATOM   183  N N   . ASN A 1 27  ? -16.558 12.117  -7.463  1.00 49.92 ? 415 ASN A N   1 
ATOM   184  C CA  . ASN A 1 27  ? -17.249 12.982  -8.460  1.00 46.94 ? 415 ASN A CA  1 
ATOM   185  C C   . ASN A 1 27  ? -16.625 12.771  -9.830  1.00 44.26 ? 415 ASN A C   1 
ATOM   186  O O   . ASN A 1 27  ? -16.298 13.769  -10.495 1.00 46.64 ? 415 ASN A O   1 
ATOM   187  C CB  . ASN A 1 27  ? -17.214 14.454  -8.057  1.00 44.12 ? 415 ASN A CB  1 
ATOM   188  C CG  . ASN A 1 27  ? -17.823 14.649  -6.690  1.00 46.11 ? 415 ASN A CG  1 
ATOM   189  O OD1 . ASN A 1 27  ? -17.240 15.310  -5.833  1.00 52.04 ? 415 ASN A OD1 1 
ATOM   190  N ND2 . ASN A 1 27  ? -18.976 14.039  -6.471  1.00 43.12 ? 415 ASN A ND2 1 
ATOM   191  N N   . THR A 1 28  ? -16.467 11.514  -10.224 1.00 38.61 ? 416 THR A N   1 
ATOM   192  C CA  . THR A 1 28  ? -16.088 11.161  -11.608 1.00 38.40 ? 416 THR A CA  1 
ATOM   193  C C   . THR A 1 28  ? -17.367 10.737  -12.311 1.00 43.88 ? 416 THR A C   1 
ATOM   194  O O   . THR A 1 28  ? -18.215 10.072  -11.657 1.00 44.04 ? 416 THR A O   1 
ATOM   195  C CB  . THR A 1 28  ? -15.011 10.081  -11.660 1.00 34.28 ? 416 THR A CB  1 
ATOM   196  O OG1 . THR A 1 28  ? -14.007 10.505  -10.749 1.00 34.88 ? 416 THR A OG1 1 
ATOM   197  C CG2 . THR A 1 28  ? -14.411 9.901   -13.031 1.00 34.63 ? 416 THR A CG2 1 
ATOM   198  N N   . THR A 1 29  ? -17.496 11.135  -13.572 1.00 45.31 ? 417 THR A N   1 
ATOM   199  C CA  . THR A 1 29  ? -18.666 10.831  -14.424 1.00 49.14 ? 417 THR A CA  1 
ATOM   200  C C   . THR A 1 29  ? -18.441 9.431   -15.005 1.00 46.51 ? 417 THR A C   1 
ATOM   201  O O   . THR A 1 29  ? -17.377 9.217   -15.586 1.00 43.93 ? 417 THR A O   1 
ATOM   202  C CB  . THR A 1 29  ? -18.862 11.959  -15.449 1.00 52.77 ? 417 THR A CB  1 
ATOM   203  O OG1 . THR A 1 29  ? -17.845 11.859  -16.447 1.00 61.68 ? 417 THR A OG1 1 
ATOM   204  C CG2 . THR A 1 29  ? -18.766 13.337  -14.835 1.00 52.89 ? 417 THR A CG2 1 
ATOM   205  N N   . ILE A 1 30  ? -19.389 8.511   -14.814 1.00 50.35 ? 418 ILE A N   1 
ATOM   206  C CA  . ILE A 1 30  ? -19.361 7.152   -15.437 1.00 52.93 ? 418 ILE A CA  1 
ATOM   207  C C   . ILE A 1 30  ? -20.006 7.263   -16.821 1.00 52.33 ? 418 ILE A C   1 
ATOM   208  O O   . ILE A 1 30  ? -20.854 8.131   -17.033 1.00 42.39 ? 418 ILE A O   1 
ATOM   209  C CB  . ILE A 1 30  ? -20.047 6.081   -14.555 1.00 53.67 ? 418 ILE A CB  1 
ATOM   210  C CG1 . ILE A 1 30  ? -21.499 5.829   -14.960 1.00 51.23 ? 418 ILE A CG1 1 
ATOM   211  C CG2 . ILE A 1 30  ? -19.935 6.416   -13.078 1.00 56.87 ? 418 ILE A CG2 1 
ATOM   212  N N   . PRO A 1 31  ? -19.630 6.409   -17.809 1.00 52.54 ? 419 PRO A N   1 
ATOM   213  C CA  . PRO A 1 31  ? -18.653 5.329   -17.627 1.00 50.84 ? 419 PRO A CA  1 
ATOM   214  C C   . PRO A 1 31  ? -17.186 5.787   -17.513 1.00 47.24 ? 419 PRO A C   1 
ATOM   215  O O   . PRO A 1 31  ? -16.892 6.846   -18.015 1.00 44.41 ? 419 PRO A O   1 
ATOM   216  C CB  . PRO A 1 31  ? -18.811 4.531   -18.932 1.00 52.93 ? 419 PRO A CB  1 
ATOM   217  C CG  . PRO A 1 31  ? -19.114 5.609   -19.938 1.00 52.97 ? 419 PRO A CG  1 
ATOM   218  C CD  . PRO A 1 31  ? -20.118 6.470   -19.197 1.00 54.06 ? 419 PRO A CD  1 
ATOM   219  N N   . THR A 1 32  ? -16.317 4.969   -16.895 1.00 44.84 ? 420 THR A N   1 
ATOM   220  C CA  . THR A 1 32  ? -14.896 5.301   -16.574 1.00 41.58 ? 420 THR A CA  1 
ATOM   221  C C   . THR A 1 32  ? -14.090 4.020   -16.333 1.00 39.38 ? 420 THR A C   1 
ATOM   222  O O   . THR A 1 32  ? -14.680 2.975   -16.029 1.00 42.14 ? 420 THR A O   1 
ATOM   223  C CB  . THR A 1 32  ? -14.809 6.274   -15.388 1.00 39.44 ? 420 THR A CB  1 
ATOM   224  O OG1 . THR A 1 32  ? -13.458 6.697   -15.187 1.00 36.60 ? 420 THR A OG1 1 
ATOM   225  C CG2 . THR A 1 32  ? -15.353 5.691   -14.105 1.00 37.55 ? 420 THR A CG2 1 
ATOM   226  N N   . LYS A 1 33  ? -12.777 4.119   -16.484 1.00 39.37 ? 421 LYS A N   1 
ATOM   227  C CA  . LYS A 1 33  ? -11.817 2.994   -16.414 1.00 42.75 ? 421 LYS A CA  1 
ATOM   228  C C   . LYS A 1 33  ? -10.457 3.563   -16.023 1.00 43.68 ? 421 LYS A C   1 
ATOM   229  O O   . LYS A 1 33  ? -9.929  4.380   -16.790 1.00 50.80 ? 421 LYS A O   1 
ATOM   230  C CB  . LYS A 1 33  ? -11.730 2.290   -17.771 1.00 45.55 ? 421 LYS A CB  1 
ATOM   231  C CG  . LYS A 1 33  ? -10.888 1.022   -17.790 1.00 47.57 ? 421 LYS A CG  1 
ATOM   232  C CD  . LYS A 1 33  ? -11.128 0.169   -19.019 1.00 51.74 ? 421 LYS A CD  1 
ATOM   233  N N   . HIS A 1 34  ? -9.928  3.193   -14.864 1.00 44.81 ? 422 HIS A N   1 
ATOM   234  C CA  . HIS A 1 34  ? -8.554  3.582   -14.451 1.00 47.59 ? 422 HIS A CA  1 
ATOM   235  C C   . HIS A 1 34  ? -7.827  2.316   -14.061 1.00 43.48 ? 422 HIS A C   1 
ATOM   236  O O   . HIS A 1 34  ? -8.468  1.412   -13.537 1.00 44.20 ? 422 HIS A O   1 
ATOM   237  C CB  . HIS A 1 34  ? -8.541  4.625   -13.327 1.00 54.67 ? 422 HIS A CB  1 
ATOM   238  C CG  . HIS A 1 34  ? -9.207  5.907   -13.710 1.00 65.52 ? 422 HIS A CG  1 
ATOM   239  N ND1 . HIS A 1 34  ? -8.563  6.879   -14.460 1.00 68.98 ? 422 HIS A ND1 1 
ATOM   240  C CD2 . HIS A 1 34  ? -10.461 6.367   -13.483 1.00 63.79 ? 422 HIS A CD2 1 
ATOM   241  C CE1 . HIS A 1 34  ? -9.385  7.891   -14.658 1.00 68.50 ? 422 HIS A CE1 1 
ATOM   242  N NE2 . HIS A 1 34  ? -10.556 7.598   -14.068 1.00 67.53 ? 422 HIS A NE2 1 
ATOM   243  N N   . SER A 1 35  ? -6.546  2.252   -14.383 1.00 45.48 ? 423 SER A N   1 
ATOM   244  C CA  . SER A 1 35  ? -5.678  1.117   -14.023 1.00 43.81 ? 423 SER A CA  1 
ATOM   245  C C   . SER A 1 35  ? -4.524  1.656   -13.185 1.00 43.52 ? 423 SER A C   1 
ATOM   246  O O   . SER A 1 35  ? -4.296  2.857   -13.203 1.00 45.66 ? 423 SER A O   1 
ATOM   247  C CB  . SER A 1 35  ? -5.195  0.416   -15.238 1.00 46.04 ? 423 SER A CB  1 
ATOM   248  O OG  . SER A 1 35  ? -3.862  0.820   -15.532 1.00 53.13 ? 423 SER A OG  1 
ATOM   249  N N   . GLN A 1 36  ? -3.853  0.789   -12.443 1.00 45.51 ? 424 GLN A N   1 
ATOM   250  C CA  . GLN A 1 36  ? -2.596  1.125   -11.741 1.00 42.67 ? 424 GLN A CA  1 
ATOM   251  C C   . GLN A 1 36  ? -1.902  -0.195  -11.459 1.00 42.18 ? 424 GLN A C   1 
ATOM   252  O O   . GLN A 1 36  ? -2.577  -1.177  -11.110 1.00 44.19 ? 424 GLN A O   1 
ATOM   253  C CB  . GLN A 1 36  ? -2.851  1.947   -10.477 1.00 44.27 ? 424 GLN A CB  1 
ATOM   254  C CG  . GLN A 1 36  ? -1.602  2.610   -9.900  1.00 44.59 ? 424 GLN A CG  1 
ATOM   255  C CD  . GLN A 1 36  ? -1.869  3.558   -8.743  1.00 47.27 ? 424 GLN A CD  1 
ATOM   256  O OE1 . GLN A 1 36  ? -0.995  3.824   -7.923  1.00 52.50 ? 424 GLN A OE1 1 
ATOM   257  N NE2 . GLN A 1 36  ? -3.083  4.077   -8.642  1.00 44.27 ? 424 GLN A NE2 1 
ATOM   258  N N   . VAL A 1 37  ? -0.603  -0.203  -11.694 1.00 41.20 ? 425 VAL A N   1 
ATOM   259  C CA  . VAL A 1 37  ? 0.280   -1.354  -11.420 1.00 37.74 ? 425 VAL A CA  1 
ATOM   260  C C   . VAL A 1 37  ? 0.714   -1.241  -9.963  1.00 36.63 ? 425 VAL A C   1 
ATOM   261  O O   . VAL A 1 37  ? 1.204   -0.156  -9.569  1.00 29.45 ? 425 VAL A O   1 
ATOM   262  C CB  . VAL A 1 37  ? 1.478   -1.344  -12.376 1.00 40.03 ? 425 VAL A CB  1 
ATOM   263  C CG1 . VAL A 1 37  ? 2.408   -2.510  -12.092 1.00 43.30 ? 425 VAL A CG1 1 
ATOM   264  C CG2 . VAL A 1 37  ? 1.024   -1.333  -13.825 1.00 40.62 ? 425 VAL A CG2 1 
ATOM   265  N N   . PHE A 1 38  ? 0.496   -2.323  -9.219  1.00 35.79 ? 426 PHE A N   1 
ATOM   266  C CA  . PHE A 1 38  ? 0.972   -2.543  -7.834  1.00 35.02 ? 426 PHE A CA  1 
ATOM   267  C C   . PHE A 1 38  ? 1.932   -3.730  -7.813  1.00 33.80 ? 426 PHE A C   1 
ATOM   268  O O   . PHE A 1 38  ? 2.059   -4.399  -8.842  1.00 33.13 ? 426 PHE A O   1 
ATOM   269  C CB  . PHE A 1 38  ? -0.228  -2.810  -6.939  1.00 36.79 ? 426 PHE A CB  1 
ATOM   270  C CG  . PHE A 1 38  ? -1.186  -1.657  -6.893  1.00 34.66 ? 426 PHE A CG  1 
ATOM   271  C CD1 . PHE A 1 38  ? -2.163  -1.525  -7.858  1.00 33.78 ? 426 PHE A CD1 1 
ATOM   272  C CD2 . PHE A 1 38  ? -1.085  -0.705  -5.895  1.00 33.36 ? 426 PHE A CD2 1 
ATOM   273  C CE1 . PHE A 1 38  ? -3.045  -0.461  -7.821  1.00 35.64 ? 426 PHE A CE1 1 
ATOM   274  C CE2 . PHE A 1 38  ? -1.963  0.362   -5.865  1.00 36.69 ? 426 PHE A CE2 1 
ATOM   275  C CZ  . PHE A 1 38  ? -2.937  0.487   -6.831  1.00 36.74 ? 426 PHE A CZ  1 
ATOM   276  N N   . SER A 1 39  ? 2.555   -3.988  -6.664  1.00 32.91 ? 427 SER A N   1 
ATOM   277  C CA  . SER A 1 39  ? 3.487   -5.126  -6.463  1.00 33.16 ? 427 SER A CA  1 
ATOM   278  C C   . SER A 1 39  ? 3.222   -5.785  -5.110  1.00 33.68 ? 427 SER A C   1 
ATOM   279  O O   . SER A 1 39  ? 2.243   -5.423  -4.469  1.00 35.12 ? 427 SER A O   1 
ATOM   280  C CB  . SER A 1 39  ? 4.912   -4.678  -6.584  1.00 32.63 ? 427 SER A CB  1 
ATOM   281  O OG  . SER A 1 39  ? 5.761   -5.802  -6.744  1.00 31.95 ? 427 SER A OG  1 
ATOM   282  N N   . THR A 1 40  ? 4.084   -6.717  -4.711  1.00 38.09 ? 428 THR A N   1 
ATOM   283  C CA  . THR A 1 40  ? 3.970   -7.524  -3.469  1.00 38.15 ? 428 THR A CA  1 
ATOM   284  C C   . THR A 1 40  ? 4.727   -6.837  -2.336  1.00 38.72 ? 428 THR A C   1 
ATOM   285  O O   . THR A 1 40  ? 5.705   -6.082  -2.618  1.00 35.75 ? 428 THR A O   1 
ATOM   286  C CB  . THR A 1 40  ? 4.494   -8.942  -3.711  1.00 38.21 ? 428 THR A CB  1 
ATOM   287  O OG1 . THR A 1 40  ? 5.716   -8.827  -4.443  1.00 35.93 ? 428 THR A OG1 1 
ATOM   288  C CG2 . THR A 1 40  ? 3.493   -9.777  -4.481  1.00 38.63 ? 428 THR A CG2 1 
ATOM   289  N N   . ALA A 1 41  ? 4.296   -7.113  -1.108  1.00 38.43 ? 429 ALA A N   1 
ATOM   290  C CA  . ALA A 1 41  ? 4.786   -6.451  0.118   1.00 42.36 ? 429 ALA A CA  1 
ATOM   291  C C   . ALA A 1 41  ? 6.003   -7.206  0.637   1.00 43.04 ? 429 ALA A C   1 
ATOM   292  O O   . ALA A 1 41  ? 6.892   -6.565  1.211   1.00 44.25 ? 429 ALA A O   1 
ATOM   293  C CB  . ALA A 1 41  ? 3.692   -6.412  1.162   1.00 44.08 ? 429 ALA A CB  1 
ATOM   294  N N   . GLU A 1 42  ? 5.993   -8.520  0.431   1.00 48.46 ? 430 GLU A N   1 
ATOM   295  C CA  . GLU A 1 42  ? 6.874   -9.513  1.091   1.00 54.58 ? 430 GLU A CA  1 
ATOM   296  C C   . GLU A 1 42  ? 7.554   -10.343 0.001   1.00 50.22 ? 430 GLU A C   1 
ATOM   297  O O   . GLU A 1 42  ? 6.928   -10.532 -1.054  1.00 49.56 ? 430 GLU A O   1 
ATOM   298  C CB  . GLU A 1 42  ? 6.031   -10.410 2.002   1.00 62.08 ? 430 GLU A CB  1 
ATOM   299  C CG  . GLU A 1 42  ? 6.759   -10.877 3.250   1.00 68.89 ? 430 GLU A CG  1 
ATOM   300  C CD  . GLU A 1 42  ? 6.575   -9.960  4.447   1.00 81.74 ? 430 GLU A CD  1 
ATOM   301  O OE1 . GLU A 1 42  ? 6.725   -8.718  4.282   1.00 86.55 ? 430 GLU A OE1 1 
ATOM   302  O OE2 . GLU A 1 42  ? 6.267   -10.485 5.541   1.00 88.37 ? 430 GLU A OE2 1 
ATOM   303  N N   . ASP A 1 43  ? 8.773   -10.823 0.254   1.00 45.97 ? 431 ASP A N   1 
ATOM   304  C CA  . ASP A 1 43  ? 9.523   -11.707 -0.675  1.00 47.23 ? 431 ASP A CA  1 
ATOM   305  C C   . ASP A 1 43  ? 8.731   -13.002 -0.913  1.00 44.62 ? 431 ASP A C   1 
ATOM   306  O O   . ASP A 1 43  ? 8.014   -13.427 0.019   1.00 43.31 ? 431 ASP A O   1 
ATOM   307  C CB  . ASP A 1 43  ? 10.917  -12.013 -0.126  1.00 49.75 ? 431 ASP A CB  1 
ATOM   308  C CG  . ASP A 1 43  ? 11.872  -10.830 -0.102  1.00 49.98 ? 431 ASP A CG  1 
ATOM   309  O OD1 . ASP A 1 43  ? 11.579  -9.800  -0.742  1.00 46.26 ? 431 ASP A OD1 1 
ATOM   310  O OD2 . ASP A 1 43  ? 12.917  -10.966 0.552   1.00 55.75 ? 431 ASP A OD2 1 
ATOM   311  N N   . ASN A 1 44  ? 8.829   -13.568 -2.125  1.00 40.04 ? 432 ASN A N   1 
ATOM   312  C CA  . ASN A 1 44  ? 8.289   -14.905 -2.507  1.00 44.54 ? 432 ASN A CA  1 
ATOM   313  C C   . ASN A 1 44  ? 6.793   -14.970 -2.140  1.00 40.60 ? 432 ASN A C   1 
ATOM   314  O O   . ASN A 1 44  ? 6.312   -16.052 -1.780  1.00 44.54 ? 432 ASN A O   1 
ATOM   315  C CB  . ASN A 1 44  ? 9.166   -16.026 -1.911  1.00 49.02 ? 432 ASN A CB  1 
ATOM   316  C CG  . ASN A 1 44  ? 8.744   -17.443 -2.260  1.00 46.92 ? 432 ASN A CG  1 
ATOM   317  O OD1 . ASN A 1 44  ? 8.284   -17.715 -3.364  1.00 51.91 ? 432 ASN A OD1 1 
ATOM   318  N ND2 . ASN A 1 44  ? 8.908   -18.365 -1.328  1.00 43.92 ? 432 ASN A ND2 1 
ATOM   319  N N   . GLN A 1 45  ? 6.091   -13.844 -2.250  1.00 38.60 ? 433 GLN A N   1 
ATOM   320  C CA  . GLN A 1 45  ? 4.627   -13.695 -2.001  1.00 38.74 ? 433 GLN A CA  1 
ATOM   321  C C   . GLN A 1 45  ? 3.944   -14.315 -3.217  1.00 37.74 ? 433 GLN A C   1 
ATOM   322  O O   . GLN A 1 45  ? 4.344   -13.977 -4.343  1.00 38.57 ? 433 GLN A O   1 
ATOM   323  C CB  . GLN A 1 45  ? 4.260   -12.213 -1.784  1.00 36.47 ? 433 GLN A CB  1 
ATOM   324  C CG  . GLN A 1 45  ? 2.844   -11.968 -1.276  1.00 36.92 ? 433 GLN A CG  1 
ATOM   325  C CD  . GLN A 1 45  ? 2.500   -10.517 -0.990  1.00 38.58 ? 433 GLN A CD  1 
ATOM   326  O OE1 . GLN A 1 45  ? 3.236   -9.772  -0.335  1.00 35.17 ? 433 GLN A OE1 1 
ATOM   327  N NE2 . GLN A 1 45  ? 1.341   -10.096 -1.472  1.00 37.00 ? 433 GLN A NE2 1 
ATOM   328  N N   . SER A 1 46  ? 3.029   -15.256 -3.011  1.00 36.67 ? 434 SER A N   1 
ATOM   329  C CA  . SER A 1 46  ? 2.462   -16.092 -4.099  1.00 37.36 ? 434 SER A CA  1 
ATOM   330  C C   . SER A 1 46  ? 1.057   -15.604 -4.444  1.00 39.21 ? 434 SER A C   1 
ATOM   331  O O   . SER A 1 46  ? 0.489   -16.086 -5.440  1.00 38.60 ? 434 SER A O   1 
ATOM   332  C CB  . SER A 1 46  ? 2.480   -17.535 -3.724  1.00 36.55 ? 434 SER A CB  1 
ATOM   333  O OG  . SER A 1 46  ? 1.567   -17.787 -2.673  1.00 35.73 ? 434 SER A OG  1 
ATOM   334  N N   . ALA A 1 47  ? 0.547   -14.636 -3.682  1.00 43.98 ? 435 ALA A N   1 
ATOM   335  C CA  . ALA A 1 47  ? -0.805  -14.059 -3.864  1.00 47.96 ? 435 ALA A CA  1 
ATOM   336  C C   . ALA A 1 47  ? -0.869  -12.637 -3.294  1.00 48.42 ? 435 ALA A C   1 
ATOM   337  O O   . ALA A 1 47  ? -0.016  -12.248 -2.459  1.00 42.99 ? 435 ALA A O   1 
ATOM   338  C CB  . ALA A 1 47  ? -1.846  -14.951 -3.220  1.00 49.20 ? 435 ALA A CB  1 
ATOM   339  N N   . VAL A 1 48  ? -1.882  -11.899 -3.741  1.00 47.11 ? 436 VAL A N   1 
ATOM   340  C CA  . VAL A 1 48  ? -2.224  -10.540 -3.245  1.00 43.73 ? 436 VAL A CA  1 
ATOM   341  C C   . VAL A 1 48  ? -3.716  -10.565 -2.998  1.00 44.98 ? 436 VAL A C   1 
ATOM   342  O O   . VAL A 1 48  ? -4.423  -11.217 -3.818  1.00 41.40 ? 436 VAL A O   1 
ATOM   343  C CB  . VAL A 1 48  ? -1.873  -9.440  -4.255  1.00 44.72 ? 436 VAL A CB  1 
ATOM   344  C CG1 . VAL A 1 48  ? -0.376  -9.389  -4.516  1.00 45.52 ? 436 VAL A CG1 1 
ATOM   345  C CG2 . VAL A 1 48  ? -2.651  -9.608  -5.556  1.00 44.88 ? 436 VAL A CG2 1 
ATOM   346  N N   . THR A 1 49  ? -4.139  -9.914  -1.911  1.00 43.15 ? 437 THR A N   1 
ATOM   347  C CA  . THR A 1 49  ? -5.565  -9.690  -1.589  1.00 43.55 ? 437 THR A CA  1 
ATOM   348  C C   . THR A 1 49  ? -5.987  -8.317  -2.115  1.00 42.21 ? 437 THR A C   1 
ATOM   349  O O   . THR A 1 49  ? -5.417  -7.291  -1.701  1.00 42.27 ? 437 THR A O   1 
ATOM   350  C CB  . THR A 1 49  ? -5.794  -9.928  -0.102  1.00 43.23 ? 437 THR A CB  1 
ATOM   351  O OG1 . THR A 1 49  ? -5.210  -11.219 0.050   1.00 42.74 ? 437 THR A OG1 1 
ATOM   352  C CG2 . THR A 1 49  ? -7.253  -9.917  0.295   1.00 44.12 ? 437 THR A CG2 1 
ATOM   353  N N   . ILE A 1 50  ? -6.917  -8.318  -3.060  1.00 39.95 ? 438 ILE A N   1 
ATOM   354  C CA  . ILE A 1 50  ? -7.505  -7.074  -3.618  1.00 35.93 ? 438 ILE A CA  1 
ATOM   355  C C   . ILE A 1 50  ? -8.723  -6.738  -2.763  1.00 34.12 ? 438 ILE A C   1 
ATOM   356  O O   . ILE A 1 50  ? -9.746  -7.404  -2.919  1.00 33.16 ? 438 ILE A O   1 
ATOM   357  C CB  . ILE A 1 50  ? -7.857  -7.226  -5.103  1.00 33.87 ? 438 ILE A CB  1 
ATOM   358  C CG1 . ILE A 1 50  ? -6.680  -7.736  -5.931  1.00 35.20 ? 438 ILE A CG1 1 
ATOM   359  C CG2 . ILE A 1 50  ? -8.380  -5.912  -5.641  1.00 37.06 ? 438 ILE A CG2 1 
ATOM   360  C CD1 . ILE A 1 50  ? -5.497  -6.811  -5.934  1.00 36.50 ? 438 ILE A CD1 1 
ATOM   361  N N   . HIS A 1 51  ? -8.580  -5.774  -1.851  1.00 36.17 ? 439 HIS A N   1 
ATOM   362  C CA  . HIS A 1 51  ? -9.652  -5.334  -0.919  1.00 33.48 ? 439 HIS A CA  1 
ATOM   363  C C   . HIS A 1 51  ? -10.213 -4.019  -1.470  1.00 33.14 ? 439 HIS A C   1 
ATOM   364  O O   . HIS A 1 51  ? -9.469  -3.031  -1.500  1.00 32.10 ? 439 HIS A O   1 
ATOM   365  C CB  . HIS A 1 51  ? -9.149  -5.353  0.531   1.00 31.16 ? 439 HIS A CB  1 
ATOM   366  C CG  . HIS A 1 51  ? -10.193 -4.937  1.512   1.00 34.30 ? 439 HIS A CG  1 
ATOM   367  N ND1 . HIS A 1 51  ? -9.875  -4.434  2.776   1.00 33.55 ? 439 HIS A ND1 1 
ATOM   368  C CD2 . HIS A 1 51  ? -11.539 -4.886  1.410   1.00 34.49 ? 439 HIS A CD2 1 
ATOM   369  C CE1 . HIS A 1 51  ? -10.977 -4.108  3.408   1.00 33.80 ? 439 HIS A CE1 1 
ATOM   370  N NE2 . HIS A 1 51  ? -12.017 -4.383  2.595   1.00 37.91 ? 439 HIS A NE2 1 
ATOM   371  N N   . VAL A 1 52  ? -11.469 -4.054  -1.939  1.00 33.64 ? 440 VAL A N   1 
ATOM   372  C CA  . VAL A 1 52  ? -12.150 -2.934  -2.649  1.00 34.21 ? 440 VAL A CA  1 
ATOM   373  C C   . VAL A 1 52  ? -12.884 -2.066  -1.623  1.00 35.52 ? 440 VAL A C   1 
ATOM   374  O O   . VAL A 1 52  ? -13.685 -2.619  -0.811  1.00 30.78 ? 440 VAL A O   1 
ATOM   375  C CB  . VAL A 1 52  ? -13.101 -3.426  -3.756  1.00 33.71 ? 440 VAL A CB  1 
ATOM   376  C CG1 . VAL A 1 52  ? -13.678 -2.265  -4.534  1.00 34.69 ? 440 VAL A CG1 1 
ATOM   377  C CG2 . VAL A 1 52  ? -12.407 -4.367  -4.715  1.00 32.70 ? 440 VAL A CG2 1 
ATOM   378  N N   . LEU A 1 53  ? -12.623 -0.755  -1.688  1.00 34.06 ? 441 LEU A N   1 
ATOM   379  C CA  . LEU A 1 53  ? -13.048 0.228   -0.662  1.00 34.19 ? 441 LEU A CA  1 
ATOM   380  C C   . LEU A 1 53  ? -13.779 1.378   -1.346  1.00 31.05 ? 441 LEU A C   1 
ATOM   381  O O   . LEU A 1 53  ? -13.381 1.699   -2.482  1.00 29.13 ? 441 LEU A O   1 
ATOM   382  C CB  . LEU A 1 53  ? -11.807 0.766   0.048   1.00 34.95 ? 441 LEU A CB  1 
ATOM   383  C CG  . LEU A 1 53  ? -10.851 -0.284  0.591   1.00 37.20 ? 441 LEU A CG  1 
ATOM   384  C CD1 . LEU A 1 53  ? -9.554  0.383   1.055   1.00 38.98 ? 441 LEU A CD1 1 
ATOM   385  C CD2 . LEU A 1 53  ? -11.514 -1.068  1.711   1.00 37.13 ? 441 LEU A CD2 1 
ATOM   386  N N   . GLN A 1 54  ? -14.764 1.962   -0.651  1.00 29.16 ? 442 GLN A N   1 
ATOM   387  C CA  . GLN A 1 54  ? -15.509 3.195   -1.029  1.00 31.15 ? 442 GLN A CA  1 
ATOM   388  C C   . GLN A 1 54  ? -15.391 4.170   0.133   1.00 29.71 ? 442 GLN A C   1 
ATOM   389  O O   . GLN A 1 54  ? -15.630 3.738   1.250   1.00 31.61 ? 442 GLN A O   1 
ATOM   390  C CB  . GLN A 1 54  ? -16.989 2.922   -1.321  1.00 30.64 ? 442 GLN A CB  1 
ATOM   391  C CG  . GLN A 1 54  ? -17.749 4.145   -1.815  1.00 30.91 ? 442 GLN A CG  1 
ATOM   392  C CD  . GLN A 1 54  ? -19.252 3.974   -1.912  1.00 32.72 ? 442 GLN A CD  1 
ATOM   393  O OE1 . GLN A 1 54  ? -19.850 3.189   -1.173  1.00 34.21 ? 442 GLN A OE1 1 
ATOM   394  N NE2 . GLN A 1 54  ? -19.889 4.750   -2.788  1.00 29.08 ? 442 GLN A NE2 1 
ATOM   395  N N   . GLY A 1 55  ? -14.994 5.415   -0.121  1.00 31.85 ? 443 GLY A N   1 
ATOM   396  C CA  . GLY A 1 55  ? -14.851 6.425   0.945   1.00 33.37 ? 443 GLY A CA  1 
ATOM   397  C C   . GLY A 1 55  ? -13.703 7.385   0.703   1.00 33.87 ? 443 GLY A C   1 
ATOM   398  O O   . GLY A 1 55  ? -12.989 7.202   -0.295  1.00 34.99 ? 443 GLY A O   1 
ATOM   399  N N   . GLU A 1 56  ? -13.562 8.390   1.576   1.00 35.64 ? 444 GLU A N   1 
ATOM   400  C CA  . GLU A 1 56  ? -12.563 9.486   1.441   1.00 39.69 ? 444 GLU A CA  1 
ATOM   401  C C   . GLU A 1 56  ? -11.522 9.416   2.564   1.00 40.21 ? 444 GLU A C   1 
ATOM   402  O O   . GLU A 1 56  ? -10.627 10.286  2.572   1.00 41.29 ? 444 GLU A O   1 
ATOM   403  C CB  . GLU A 1 56  ? -13.275 10.839  1.467   1.00 42.41 ? 444 GLU A CB  1 
ATOM   404  C CG  . GLU A 1 56  ? -14.270 11.020  0.329   1.00 43.15 ? 444 GLU A CG  1 
ATOM   405  C CD  . GLU A 1 56  ? -13.653 10.793  -1.036  1.00 39.85 ? 444 GLU A CD  1 
ATOM   406  O OE1 . GLU A 1 56  ? -12.860 11.634  -1.485  1.00 41.11 ? 444 GLU A OE1 1 
ATOM   407  O OE2 . GLU A 1 56  ? -13.937 9.758   -1.615  1.00 40.38 ? 444 GLU A OE2 1 
ATOM   408  N N   . ARG A 1 57  ? -11.646 8.442   3.475   1.00 39.86 ? 445 ARG A N   1 
ATOM   409  C CA  . ARG A 1 57  ? -10.763 8.265   4.656   1.00 42.07 ? 445 ARG A CA  1 
ATOM   410  C C   . ARG A 1 57  ? -9.454  7.614   4.203   1.00 43.15 ? 445 ARG A C   1 
ATOM   411  O O   . ARG A 1 57  ? -9.501  6.791   3.268   1.00 46.91 ? 445 ARG A O   1 
ATOM   412  C CB  . ARG A 1 57  ? -11.460 7.424   5.731   1.00 40.89 ? 445 ARG A CB  1 
ATOM   413  C CG  . ARG A 1 57  ? -12.720 8.079   6.270   1.00 38.18 ? 445 ARG A CG  1 
ATOM   414  C CD  . ARG A 1 57  ? -12.420 9.239   7.195   1.00 40.16 ? 445 ARG A CD  1 
ATOM   415  N NE  . ARG A 1 57  ? -12.753 8.918   8.576   1.00 40.45 ? 445 ARG A NE  1 
ATOM   416  C CZ  . ARG A 1 57  ? -11.941 9.056   9.611   1.00 44.36 ? 445 ARG A CZ  1 
ATOM   417  N NH1 . ARG A 1 57  ? -10.719 9.522   9.439   1.00 46.79 ? 445 ARG A NH1 1 
ATOM   418  N NH2 . ARG A 1 57  ? -12.348 8.723   10.826  1.00 49.71 ? 445 ARG A NH2 1 
ATOM   419  N N   . LYS A 1 58  ? -8.336  8.005   4.821   1.00 45.85 ? 446 LYS A N   1 
ATOM   420  C CA  . LYS A 1 58  ? -6.974  7.534   4.452   1.00 48.57 ? 446 LYS A CA  1 
ATOM   421  C C   . LYS A 1 58  ? -6.809  6.093   4.953   1.00 44.17 ? 446 LYS A C   1 
ATOM   422  O O   . LYS A 1 58  ? -6.209  5.291   4.248   1.00 41.27 ? 446 LYS A O   1 
ATOM   423  C CB  . LYS A 1 58  ? -5.888  8.470   4.998   1.00 49.00 ? 446 LYS A CB  1 
ATOM   424  C CG  . LYS A 1 58  ? -5.256  9.409   3.977   1.00 50.79 ? 446 LYS A CG  1 
ATOM   425  C CD  . LYS A 1 58  ? -6.108  10.609  3.594   1.00 48.24 ? 446 LYS A CD  1 
ATOM   426  N N   . ARG A 1 59  ? -7.360  5.787   6.122   1.00 43.61 ? 447 ARG A N   1 
ATOM   427  C CA  . ARG A 1 59  ? -7.303  4.437   6.732   1.00 42.77 ? 447 ARG A CA  1 
ATOM   428  C C   . ARG A 1 59  ? -8.340  3.529   6.049   1.00 39.55 ? 447 ARG A C   1 
ATOM   429  O O   . ARG A 1 59  ? -9.538  3.832   6.121   1.00 42.02 ? 447 ARG A O   1 
ATOM   430  C CB  . ARG A 1 59  ? -7.524  4.589   8.237   1.00 43.47 ? 447 ARG A CB  1 
ATOM   431  C CG  . ARG A 1 59  ? -7.060  3.410   9.070   1.00 46.00 ? 447 ARG A CG  1 
ATOM   432  C CD  . ARG A 1 59  ? -7.427  3.657   10.522  1.00 50.98 ? 447 ARG A CD  1 
ATOM   433  N NE  . ARG A 1 59  ? -6.865  4.876   11.113  1.00 46.55 ? 447 ARG A NE  1 
ATOM   434  C CZ  . ARG A 1 59  ? -5.691  4.955   11.744  1.00 49.22 ? 447 ARG A CZ  1 
ATOM   435  N NH1 . ARG A 1 59  ? -4.892  3.904   11.844  1.00 50.77 ? 447 ARG A NH1 1 
ATOM   436  N NH2 . ARG A 1 59  ? -5.299  6.107   12.257  1.00 51.56 ? 447 ARG A NH2 1 
ATOM   437  N N   . ALA A 1 60  ? -7.896  2.434   5.427   1.00 38.89 ? 448 ALA A N   1 
ATOM   438  C CA  . ALA A 1 60  ? -8.753  1.456   4.716   1.00 39.17 ? 448 ALA A CA  1 
ATOM   439  C C   . ALA A 1 60  ? -9.927  1.051   5.603   1.00 39.00 ? 448 ALA A C   1 
ATOM   440  O O   . ALA A 1 60  ? -11.018 0.821   5.039   1.00 43.22 ? 448 ALA A O   1 
ATOM   441  C CB  . ALA A 1 60  ? -7.968  0.241   4.280   1.00 37.19 ? 448 ALA A CB  1 
ATOM   442  N N   . ALA A 1 61  ? -9.708  0.974   6.921   1.00 36.68 ? 449 ALA A N   1 
ATOM   443  C CA  . ALA A 1 61  ? -10.658 0.407   7.906   1.00 37.59 ? 449 ALA A CA  1 
ATOM   444  C C   . ALA A 1 61  ? -11.772 1.420   8.182   1.00 40.02 ? 449 ALA A C   1 
ATOM   445  O O   . ALA A 1 61  ? -12.835 1.015   8.690   1.00 43.84 ? 449 ALA A O   1 
ATOM   446  C CB  . ALA A 1 61  ? -9.925  0.024   9.168   1.00 36.52 ? 449 ALA A CB  1 
ATOM   447  N N   . ASP A 1 62  ? -11.524 2.692   7.865   1.00 43.18 ? 450 ASP A N   1 
ATOM   448  C CA  . ASP A 1 62  ? -12.480 3.816   8.057   1.00 43.26 ? 450 ASP A CA  1 
ATOM   449  C C   . ASP A 1 62  ? -13.386 3.914   6.834   1.00 42.06 ? 450 ASP A C   1 
ATOM   450  O O   . ASP A 1 62  ? -14.329 4.721   6.905   1.00 40.03 ? 450 ASP A O   1 
ATOM   451  C CB  . ASP A 1 62  ? -11.769 5.160   8.247   1.00 44.00 ? 450 ASP A CB  1 
ATOM   452  C CG  . ASP A 1 62  ? -11.010 5.288   9.559   1.00 43.59 ? 450 ASP A CG  1 
ATOM   453  O OD1 . ASP A 1 62  ? -11.299 4.503   10.485  1.00 41.73 ? 450 ASP A OD1 1 
ATOM   454  O OD2 . ASP A 1 62  ? -10.132 6.165   9.630   1.00 43.15 ? 450 ASP A OD2 1 
ATOM   455  N N   . ASN A 1 63  ? -13.068 3.181   5.756   1.00 37.81 ? 451 ASN A N   1 
ATOM   456  C CA  . ASN A 1 63  ? -13.802 3.265   4.467   1.00 38.42 ? 451 ASN A CA  1 
ATOM   457  C C   . ASN A 1 63  ? -14.766 2.090   4.360   1.00 38.43 ? 451 ASN A C   1 
ATOM   458  O O   . ASN A 1 63  ? -14.646 1.142   5.179   1.00 38.43 ? 451 ASN A O   1 
ATOM   459  C CB  . ASN A 1 63  ? -12.863 3.290   3.268   1.00 37.11 ? 451 ASN A CB  1 
ATOM   460  C CG  . ASN A 1 63  ? -12.087 4.579   3.196   1.00 39.39 ? 451 ASN A CG  1 
ATOM   461  O OD1 . ASN A 1 63  ? -12.672 5.642   3.017   1.00 37.14 ? 451 ASN A OD1 1 
ATOM   462  N ND2 . ASN A 1 63  ? -10.773 4.488   3.327   1.00 41.26 ? 451 ASN A ND2 1 
ATOM   463  N N   . LYS A 1 64  ? -15.652 2.144   3.361   1.00 36.57 ? 452 LYS A N   1 
ATOM   464  C CA  . LYS A 1 64  ? -16.683 1.098   3.138   1.00 39.99 ? 452 LYS A CA  1 
ATOM   465  C C   . LYS A 1 64  ? -16.136 0.002   2.213   1.00 37.14 ? 452 LYS A C   1 
ATOM   466  O O   . LYS A 1 64  ? -15.781 0.321   1.072   1.00 36.85 ? 452 LYS A O   1 
ATOM   467  C CB  . LYS A 1 64  ? -17.973 1.711   2.594   1.00 39.78 ? 452 LYS A CB  1 
ATOM   468  C CG  . LYS A 1 64  ? -18.999 0.687   2.136   1.00 43.05 ? 452 LYS A CG  1 
ATOM   469  C CD  . LYS A 1 64  ? -19.306 -0.366  3.179   1.00 42.13 ? 452 LYS A CD  1 
ATOM   470  C CE  . LYS A 1 64  ? -20.585 -1.121  2.896   1.00 42.67 ? 452 LYS A CE  1 
ATOM   471  N NZ  . LYS A 1 64  ? -21.127 -1.684  4.149   1.00 44.55 ? 452 LYS A NZ  1 
ATOM   472  N N   . SER A 1 65  ? -16.126 -1.248  2.688   1.00 34.65 ? 453 SER A N   1 
ATOM   473  C CA  . SER A 1 65  ? -15.641 -2.434  1.937   1.00 35.98 ? 453 SER A CA  1 
ATOM   474  C C   . SER A 1 65  ? -16.710 -2.866  0.930   1.00 35.72 ? 453 SER A C   1 
ATOM   475  O O   . SER A 1 65  ? -17.898 -2.801  1.269   1.00 40.76 ? 453 SER A O   1 
ATOM   476  C CB  . SER A 1 65  ? -15.246 -3.545  2.886   1.00 36.86 ? 453 SER A CB  1 
ATOM   477  O OG  . SER A 1 65  ? -14.898 -4.723  2.177   1.00 38.72 ? 453 SER A OG  1 
ATOM   478  N N   . LEU A 1 66  ? -16.325 -3.237  -0.289  1.00 34.18 ? 454 LEU A N   1 
ATOM   479  C CA  . LEU A 1 66  ? -17.306 -3.608  -1.350  1.00 33.53 ? 454 LEU A CA  1 
ATOM   480  C C   . LEU A 1 66  ? -17.122 -5.087  -1.727  1.00 36.55 ? 454 LEU A C   1 
ATOM   481  O O   . LEU A 1 66  ? -17.861 -5.576  -2.630  1.00 34.83 ? 454 LEU A O   1 
ATOM   482  C CB  . LEU A 1 66  ? -17.109 -2.696  -2.561  1.00 31.65 ? 454 LEU A CB  1 
ATOM   483  C CG  . LEU A 1 66  ? -17.334 -1.204  -2.333  1.00 30.49 ? 454 LEU A CG  1 
ATOM   484  C CD1 . LEU A 1 66  ? -16.947 -0.409  -3.568  1.00 28.93 ? 454 LEU A CD1 1 
ATOM   485  C CD2 . LEU A 1 66  ? -18.780 -0.936  -1.950  1.00 32.38 ? 454 LEU A CD2 1 
ATOM   486  N N   . GLY A 1 67  ? -16.214 -5.773  -1.019  1.00 36.38 ? 455 GLY A N   1 
ATOM   487  C CA  . GLY A 1 67  ? -15.733 -7.125  -1.342  1.00 38.55 ? 455 GLY A CA  1 
ATOM   488  C C   . GLY A 1 67  ? -14.214 -7.188  -1.409  1.00 41.22 ? 455 GLY A C   1 
ATOM   489  O O   . GLY A 1 67  ? -13.557 -6.130  -1.496  1.00 38.04 ? 455 GLY A O   1 
ATOM   490  N N   . GLN A 1 68  ? -13.660 -8.399  -1.348  1.00 43.47 ? 456 GLN A N   1 
ATOM   491  C CA  . GLN A 1 68  ? -12.238 -8.654  -1.661  1.00 42.25 ? 456 GLN A CA  1 
ATOM   492  C C   . GLN A 1 68  ? -12.132 -9.988  -2.392  1.00 39.49 ? 456 GLN A C   1 
ATOM   493  O O   . GLN A 1 68  ? -13.073 -10.763 -2.319  1.00 41.26 ? 456 GLN A O   1 
ATOM   494  C CB  . GLN A 1 68  ? -11.393 -8.608  -0.395  1.00 50.21 ? 456 GLN A CB  1 
ATOM   495  C CG  . GLN A 1 68  ? -11.697 -9.685  0.640   1.00 54.18 ? 456 GLN A CG  1 
ATOM   496  C CD  . GLN A 1 68  ? -10.650 -9.657  1.733   1.00 59.48 ? 456 GLN A CD  1 
ATOM   497  O OE1 . GLN A 1 68  ? -10.175 -10.693 2.183   1.00 69.25 ? 456 GLN A OE1 1 
ATOM   498  N NE2 . GLN A 1 68  ? -10.244 -8.463  2.143   1.00 57.57 ? 456 GLN A NE2 1 
ATOM   499  N N   . PHE A 1 69  ? -11.027 -10.190 -3.104  1.00 39.25 ? 457 PHE A N   1 
ATOM   500  C CA  . PHE A 1 69  ? -10.715 -11.376 -3.934  1.00 35.87 ? 457 PHE A CA  1 
ATOM   501  C C   . PHE A 1 69  ? -9.193  -11.491 -4.032  1.00 39.89 ? 457 PHE A C   1 
ATOM   502  O O   . PHE A 1 69  ? -8.513  -10.434 -4.029  1.00 36.03 ? 457 PHE A O   1 
ATOM   503  C CB  . PHE A 1 69  ? -11.350 -11.243 -5.318  1.00 35.00 ? 457 PHE A CB  1 
ATOM   504  C CG  . PHE A 1 69  ? -10.675 -10.252 -6.233  1.00 33.47 ? 457 PHE A CG  1 
ATOM   505  C CD1 . PHE A 1 69  ? -9.618  -10.634 -7.042  1.00 32.29 ? 457 PHE A CD1 1 
ATOM   506  C CD2 . PHE A 1 69  ? -11.118 -8.942  -6.308  1.00 34.28 ? 457 PHE A CD2 1 
ATOM   507  C CE1 . PHE A 1 69  ? -9.010  -9.725  -7.893  1.00 32.54 ? 457 PHE A CE1 1 
ATOM   508  C CE2 . PHE A 1 69  ? -10.525 -8.039  -7.177  1.00 32.31 ? 457 PHE A CE2 1 
ATOM   509  C CZ  . PHE A 1 69  ? -9.468  -8.429  -7.962  1.00 32.18 ? 457 PHE A CZ  1 
ATOM   510  N N   . ASN A 1 70  ? -8.691  -12.728 -4.120  1.00 39.72 ? 458 ASN A N   1 
ATOM   511  C CA  . ASN A 1 70  ? -7.249  -13.038 -4.282  1.00 41.12 ? 458 ASN A CA  1 
ATOM   512  C C   . ASN A 1 70  ? -6.911  -13.187 -5.768  1.00 38.33 ? 458 ASN A C   1 
ATOM   513  O O   . ASN A 1 70  ? -7.779  -13.640 -6.513  1.00 41.62 ? 458 ASN A O   1 
ATOM   514  C CB  . ASN A 1 70  ? -6.879  -14.280 -3.469  1.00 41.73 ? 458 ASN A CB  1 
ATOM   515  C CG  . ASN A 1 70  ? -7.179  -14.072 -2.004  1.00 44.29 ? 458 ASN A CG  1 
ATOM   516  O OD1 . ASN A 1 70  ? -6.964  -12.980 -1.473  1.00 43.88 ? 458 ASN A OD1 1 
ATOM   517  N ND2 . ASN A 1 70  ? -7.709  -15.101 -1.357  1.00 45.37 ? 458 ASN A ND2 1 
ATOM   518  N N   . LEU A 1 71  ? -5.706  -12.778 -6.171  1.00 36.28 ? 459 LEU A N   1 
ATOM   519  C CA  . LEU A 1 71  ? -4.988  -13.300 -7.364  1.00 37.07 ? 459 LEU A CA  1 
ATOM   520  C C   . LEU A 1 71  ? -3.814  -14.143 -6.840  1.00 40.97 ? 459 LEU A C   1 
ATOM   521  O O   . LEU A 1 71  ? -2.955  -13.570 -6.150  1.00 46.58 ? 459 LEU A O   1 
ATOM   522  C CB  . LEU A 1 71  ? -4.530  -12.122 -8.229  1.00 38.31 ? 459 LEU A CB  1 
ATOM   523  C CG  . LEU A 1 71  ? -3.606  -12.456 -9.399  1.00 39.93 ? 459 LEU A CG  1 
ATOM   524  C CD1 . LEU A 1 71  ? -4.282  -13.432 -10.343 1.00 43.41 ? 459 LEU A CD1 1 
ATOM   525  C CD2 . LEU A 1 71  ? -3.158  -11.210 -10.151 1.00 34.92 ? 459 LEU A CD2 1 
ATOM   526  N N   . ASP A 1 72  ? -3.849  -15.463 -7.075  1.00 46.29 ? 460 ASP A N   1 
ATOM   527  C CA  . ASP A 1 72  ? -2.817  -16.473 -6.712  1.00 47.37 ? 460 ASP A CA  1 
ATOM   528  C C   . ASP A 1 72  ? -1.848  -16.662 -7.889  1.00 43.98 ? 460 ASP A C   1 
ATOM   529  O O   . ASP A 1 72  ? -1.992  -15.993 -8.901  1.00 53.72 ? 460 ASP A O   1 
ATOM   530  C CB  . ASP A 1 72  ? -3.471  -17.808 -6.319  1.00 52.47 ? 460 ASP A CB  1 
ATOM   531  C CG  . ASP A 1 72  ? -4.413  -17.718 -5.120  1.00 62.14 ? 460 ASP A CG  1 
ATOM   532  O OD1 . ASP A 1 72  ? -3.924  -17.535 -3.974  1.00 68.46 ? 460 ASP A OD1 1 
ATOM   533  O OD2 . ASP A 1 72  ? -5.638  -17.807 -5.332  1.00 68.01 ? 460 ASP A OD2 1 
ATOM   534  N N   . GLY A 1 73  ? -0.859  -17.531 -7.753  1.00 43.74 ? 461 GLY A N   1 
ATOM   535  C CA  . GLY A 1 73  ? -0.018  -17.951 -8.886  1.00 42.55 ? 461 GLY A CA  1 
ATOM   536  C C   . GLY A 1 73  ? 1.057   -16.932 -9.190  1.00 41.77 ? 461 GLY A C   1 
ATOM   537  O O   . GLY A 1 73  ? 1.596   -16.940 -10.330 1.00 38.60 ? 461 GLY A O   1 
ATOM   538  N N   . ILE A 1 74  ? 1.356   -16.067 -8.225  1.00 39.97 ? 462 ILE A N   1 
ATOM   539  C CA  . ILE A 1 74  ? 2.467   -15.089 -8.377  1.00 41.31 ? 462 ILE A CA  1 
ATOM   540  C C   . ILE A 1 74  ? 3.761   -15.892 -8.205  1.00 42.95 ? 462 ILE A C   1 
ATOM   541  O O   . ILE A 1 74  ? 3.933   -16.556 -7.169  1.00 48.14 ? 462 ILE A O   1 
ATOM   542  C CB  . ILE A 1 74  ? 2.301   -13.893 -7.421  1.00 38.78 ? 462 ILE A CB  1 
ATOM   543  C CG1 . ILE A 1 74  ? 0.917   -13.269 -7.608  1.00 44.29 ? 462 ILE A CG1 1 
ATOM   544  C CG2 . ILE A 1 74  ? 3.389   -12.853 -7.614  1.00 36.87 ? 462 ILE A CG2 1 
ATOM   545  C CD1 . ILE A 1 74  ? 0.596   -12.148 -6.640  1.00 44.42 ? 462 ILE A CD1 1 
ATOM   546  N N   . ASN A 1 75  ? 4.582   -15.924 -9.248  1.00 43.81 ? 463 ASN A N   1 
ATOM   547  C CA  . ASN A 1 75  ? 5.760   -16.821 -9.296  1.00 46.72 ? 463 ASN A CA  1 
ATOM   548  C C   . ASN A 1 75  ? 6.840   -16.154 -8.453  1.00 48.24 ? 463 ASN A C   1 
ATOM   549  O O   . ASN A 1 75  ? 7.025   -14.937 -8.483  1.00 46.26 ? 463 ASN A O   1 
ATOM   550  C CB  . ASN A 1 75  ? 6.120   -17.227 -10.732 1.00 45.84 ? 463 ASN A CB  1 
ATOM   551  C CG  . ASN A 1 75  ? 5.129   -18.243 -11.286 1.00 49.40 ? 463 ASN A CG  1 
ATOM   552  O OD1 . ASN A 1 75  ? 4.716   -19.173 -10.580 1.00 46.33 ? 463 ASN A OD1 1 
ATOM   553  N ND2 . ASN A 1 75  ? 4.705   -18.067 -12.532 1.00 44.79 ? 463 ASN A ND2 1 
ATOM   554  N N   . PRO A 1 76  ? 7.526   -16.958 -7.619  1.00 49.54 ? 464 PRO A N   1 
ATOM   555  C CA  . PRO A 1 76  ? 8.460   -16.439 -6.622  1.00 47.07 ? 464 PRO A CA  1 
ATOM   556  C C   . PRO A 1 76  ? 9.372   -15.330 -7.171  1.00 44.42 ? 464 PRO A C   1 
ATOM   557  O O   . PRO A 1 76  ? 9.917   -15.518 -8.232  1.00 41.68 ? 464 PRO A O   1 
ATOM   558  C CB  . PRO A 1 76  ? 9.305   -17.671 -6.251  1.00 48.15 ? 464 PRO A CB  1 
ATOM   559  C CG  . PRO A 1 76  ? 8.885   -18.774 -7.215  1.00 48.65 ? 464 PRO A CG  1 
ATOM   560  C CD  . PRO A 1 76  ? 7.481   -18.429 -7.645  1.00 47.15 ? 464 PRO A CD  1 
ATOM   561  N N   . ALA A 1 77  ? 9.520   -14.225 -6.428  1.00 45.73 ? 465 ALA A N   1 
ATOM   562  C CA  . ALA A 1 77  ? 10.425  -13.089 -6.739  1.00 42.21 ? 465 ALA A CA  1 
ATOM   563  C C   . ALA A 1 77  ? 10.637  -12.238 -5.490  1.00 37.70 ? 465 ALA A C   1 
ATOM   564  O O   . ALA A 1 77  ? 9.940   -12.421 -4.496  1.00 34.54 ? 465 ALA A O   1 
ATOM   565  C CB  . ALA A 1 77  ? 9.846   -12.260 -7.864  1.00 44.97 ? 465 ALA A CB  1 
ATOM   566  N N   . PRO A 1 78  ? 11.587  -11.268 -5.509  1.00 38.82 ? 466 PRO A N   1 
ATOM   567  C CA  . PRO A 1 78  ? 11.742  -10.304 -4.420  1.00 37.02 ? 466 PRO A CA  1 
ATOM   568  C C   . PRO A 1 78  ? 10.491  -9.440  -4.329  1.00 39.74 ? 466 PRO A C   1 
ATOM   569  O O   . PRO A 1 78  ? 9.885   -9.195  -5.359  1.00 47.42 ? 466 PRO A O   1 
ATOM   570  C CB  . PRO A 1 78  ? 12.917  -9.402  -4.817  1.00 37.06 ? 466 PRO A CB  1 
ATOM   571  C CG  . PRO A 1 78  ? 13.624  -10.158 -5.924  1.00 37.84 ? 466 PRO A CG  1 
ATOM   572  C CD  . PRO A 1 78  ? 12.579  -11.048 -6.574  1.00 38.85 ? 466 PRO A CD  1 
ATOM   573  N N   . ARG A 1 79  ? 10.146  -8.981  -3.131  1.00 40.11 ? 467 ARG A N   1 
ATOM   574  C CA  . ARG A 1 79  ? 9.000   -8.056  -2.935  1.00 36.67 ? 467 ARG A CA  1 
ATOM   575  C C   . ARG A 1 79  ? 9.220   -6.840  -3.837  1.00 36.22 ? 467 ARG A C   1 
ATOM   576  O O   . ARG A 1 79  ? 10.393  -6.468  -4.085  1.00 36.65 ? 467 ARG A O   1 
ATOM   577  C CB  . ARG A 1 79  ? 8.861   -7.689  -1.458  1.00 38.64 ? 467 ARG A CB  1 
ATOM   578  C CG  . ARG A 1 79  ? 9.653   -6.465  -1.042  1.00 42.18 ? 467 ARG A CG  1 
ATOM   579  C CD  . ARG A 1 79  ? 10.592  -6.735  0.097   1.00 46.52 ? 467 ARG A CD  1 
ATOM   580  N NE  . ARG A 1 79  ? 10.749  -5.558  0.936   1.00 50.27 ? 467 ARG A NE  1 
ATOM   581  C CZ  . ARG A 1 79  ? 10.217  -5.399  2.149   1.00 52.91 ? 467 ARG A CZ  1 
ATOM   582  N NH1 . ARG A 1 79  ? 9.462   -6.348  2.687   1.00 48.50 ? 467 ARG A NH1 1 
ATOM   583  N NH2 . ARG A 1 79  ? 10.452  -4.280  2.825   1.00 55.12 ? 467 ARG A NH2 1 
ATOM   584  N N   . GLY A 1 80  ? 8.140   -6.264  -4.355  1.00 37.78 ? 468 GLY A N   1 
ATOM   585  C CA  . GLY A 1 80  ? 8.219   -5.033  -5.166  1.00 37.64 ? 468 GLY A CA  1 
ATOM   586  C C   . GLY A 1 80  ? 8.642   -5.307  -6.598  1.00 33.02 ? 468 GLY A C   1 
ATOM   587  O O   . GLY A 1 80  ? 8.934   -4.355  -7.323  1.00 34.49 ? 468 GLY A O   1 
ATOM   588  N N   . MET A 1 81  ? 8.712   -6.566  -7.000  1.00 33.34 ? 469 MET A N   1 
ATOM   589  C CA  . MET A 1 81  ? 9.209   -6.922  -8.350  1.00 33.18 ? 469 MET A CA  1 
ATOM   590  C C   . MET A 1 81  ? 8.078   -7.400  -9.251  1.00 29.11 ? 469 MET A C   1 
ATOM   591  O O   . MET A 1 81  ? 8.007   -6.954  -10.381 1.00 32.26 ? 469 MET A O   1 
ATOM   592  C CB  . MET A 1 81  ? 10.325  -7.951  -8.237  1.00 38.31 ? 469 MET A CB  1 
ATOM   593  C CG  . MET A 1 81  ? 11.530  -7.373  -7.536  1.00 41.36 ? 469 MET A CG  1 
ATOM   594  S SD  . MET A 1 81  ? 12.292  -6.120  -8.568  1.00 45.99 ? 469 MET A SD  1 
ATOM   595  C CE  . MET A 1 81  ? 12.838  -7.157  -9.923  1.00 40.22 ? 469 MET A CE  1 
ATOM   596  N N   . PRO A 1 82  ? 7.134   -8.264  -8.828  1.00 28.11 ? 470 PRO A N   1 
ATOM   597  C CA  . PRO A 1 82  ? 5.936   -8.525  -9.629  1.00 28.22 ? 470 PRO A CA  1 
ATOM   598  C C   . PRO A 1 82  ? 5.135   -7.277  -10.055 1.00 31.23 ? 470 PRO A C   1 
ATOM   599  O O   . PRO A 1 82  ? 5.101   -6.313  -9.307  1.00 35.43 ? 470 PRO A O   1 
ATOM   600  C CB  . PRO A 1 82  ? 5.077   -9.361  -8.676  1.00 26.74 ? 470 PRO A CB  1 
ATOM   601  C CG  . PRO A 1 82  ? 6.066   -10.088 -7.830  1.00 26.40 ? 470 PRO A CG  1 
ATOM   602  C CD  . PRO A 1 82  ? 7.178   -9.086  -7.611  1.00 27.95 ? 470 PRO A CD  1 
ATOM   603  N N   . GLN A 1 83  ? 4.487   -7.343  -11.223 1.00 32.10 ? 471 GLN A N   1 
ATOM   604  C CA  . GLN A 1 83  ? 3.586   -6.303  -11.788 1.00 33.42 ? 471 GLN A CA  1 
ATOM   605  C C   . GLN A 1 83  ? 2.141   -6.807  -11.749 1.00 31.56 ? 471 GLN A C   1 
ATOM   606  O O   . GLN A 1 83  ? 1.774   -7.648  -12.555 1.00 26.67 ? 471 GLN A O   1 
ATOM   607  C CB  . GLN A 1 83  ? 4.018   -5.938  -13.207 1.00 37.41 ? 471 GLN A CB  1 
ATOM   608  C CG  . GLN A 1 83  ? 5.329   -5.151  -13.241 1.00 40.54 ? 471 GLN A CG  1 
ATOM   609  C CD  . GLN A 1 83  ? 5.976   -5.225  -14.599 1.00 42.41 ? 471 GLN A CD  1 
ATOM   610  O OE1 . GLN A 1 83  ? 7.051   -5.810  -14.773 1.00 49.00 ? 471 GLN A OE1 1 
ATOM   611  N NE2 . GLN A 1 83  ? 5.278   -4.697  -15.586 1.00 39.79 ? 471 GLN A NE2 1 
ATOM   612  N N   . ILE A 1 84  ? 1.367   -6.313  -10.785 1.00 33.78 ? 472 ILE A N   1 
ATOM   613  C CA  . ILE A 1 84  ? -0.082  -6.596  -10.655 1.00 32.40 ? 472 ILE A CA  1 
ATOM   614  C C   . ILE A 1 84  ? -0.822  -5.351  -11.093 1.00 32.37 ? 472 ILE A C   1 
ATOM   615  O O   . ILE A 1 84  ? -0.907  -4.404  -10.298 1.00 33.81 ? 472 ILE A O   1 
ATOM   616  C CB  . ILE A 1 84  ? -0.472  -6.966  -9.223  1.00 33.01 ? 472 ILE A CB  1 
ATOM   617  C CG1 . ILE A 1 84  ? 0.448   -8.031  -8.636  1.00 33.92 ? 472 ILE A CG1 1 
ATOM   618  C CG2 . ILE A 1 84  ? -1.925  -7.388  -9.205  1.00 33.32 ? 472 ILE A CG2 1 
ATOM   619  C CD1 . ILE A 1 84  ? 0.514   -9.290  -9.456  1.00 32.72 ? 472 ILE A CD1 1 
ATOM   620  N N   . GLU A 1 85  ? -1.317  -5.353  -12.322 1.00 34.24 ? 473 GLU A N   1 
ATOM   621  C CA  . GLU A 1 85  ? -2.127  -4.232  -12.821 1.00 34.59 ? 473 GLU A CA  1 
ATOM   622  C C   . GLU A 1 85  ? -3.521  -4.432  -12.254 1.00 36.46 ? 473 GLU A C   1 
ATOM   623  O O   . GLU A 1 85  ? -4.021  -5.569  -12.295 1.00 42.60 ? 473 GLU A O   1 
ATOM   624  C CB  . GLU A 1 85  ? -2.060  -4.184  -14.326 1.00 36.17 ? 473 GLU A CB  1 
ATOM   625  C CG  . GLU A 1 85  ? -2.977  -3.153  -14.924 1.00 39.68 ? 473 GLU A CG  1 
ATOM   626  C CD  . GLU A 1 85  ? -3.391  -3.675  -16.273 1.00 42.03 ? 473 GLU A CD  1 
ATOM   627  O OE1 . GLU A 1 85  ? -4.208  -4.637  -16.311 1.00 46.84 ? 473 GLU A OE1 1 
ATOM   628  O OE2 . GLU A 1 85  ? -2.792  -3.227  -17.241 1.00 46.09 ? 473 GLU A OE2 1 
ATOM   629  N N   . VAL A 1 86  ? -4.048  -3.384  -11.633 1.00 34.83 ? 474 VAL A N   1 
ATOM   630  C CA  . VAL A 1 86  ? -5.394  -3.368  -11.010 1.00 31.86 ? 474 VAL A CA  1 
ATOM   631  C C   . VAL A 1 86  ? -6.213  -2.363  -11.801 1.00 31.47 ? 474 VAL A C   1 
ATOM   632  O O   . VAL A 1 86  ? -5.712  -1.256  -11.994 1.00 31.37 ? 474 VAL A O   1 
ATOM   633  C CB  . VAL A 1 86  ? -5.324  -3.008  -9.521  1.00 30.54 ? 474 VAL A CB  1 
ATOM   634  C CG1 . VAL A 1 86  ? -6.682  -3.164  -8.878  1.00 32.13 ? 474 VAL A CG1 1 
ATOM   635  C CG2 . VAL A 1 86  ? -4.306  -3.851  -8.786  1.00 30.77 ? 474 VAL A CG2 1 
ATOM   636  N N   . THR A 1 87  ? -7.391  -2.768  -12.272 1.00 33.56 ? 475 THR A N   1 
ATOM   637  C CA  . THR A 1 87  ? -8.238  -1.983  -13.206 1.00 33.56 ? 475 THR A CA  1 
ATOM   638  C C   . THR A 1 87  ? -9.608  -1.816  -12.567 1.00 32.95 ? 475 THR A C   1 
ATOM   639  O O   . THR A 1 87  ? -10.217 -2.846  -12.285 1.00 34.80 ? 475 THR A O   1 
ATOM   640  C CB  . THR A 1 87  ? -8.310  -2.673  -14.575 1.00 33.78 ? 475 THR A CB  1 
ATOM   641  O OG1 . THR A 1 87  ? -7.024  -2.581  -15.190 1.00 34.38 ? 475 THR A OG1 1 
ATOM   642  C CG2 . THR A 1 87  ? -9.348  -2.081  -15.500 1.00 33.72 ? 475 THR A CG2 1 
ATOM   643  N N   . PHE A 1 88  ? -10.035 -0.579  -12.305 1.00 32.34 ? 476 PHE A N   1 
ATOM   644  C CA  . PHE A 1 88  ? -11.450 -0.252  -11.991 1.00 32.88 ? 476 PHE A CA  1 
ATOM   645  C C   . PHE A 1 88  ? -12.108 0.253   -13.267 1.00 34.97 ? 476 PHE A C   1 
ATOM   646  O O   . PHE A 1 88  ? -11.533 1.122   -13.954 1.00 35.95 ? 476 PHE A O   1 
ATOM   647  C CB  . PHE A 1 88  ? -11.587 0.799   -10.896 1.00 32.66 ? 476 PHE A CB  1 
ATOM   648  C CG  . PHE A 1 88  ? -11.345 0.296   -9.499  1.00 30.51 ? 476 PHE A CG  1 
ATOM   649  C CD1 . PHE A 1 88  ? -10.265 -0.515  -9.212  1.00 28.51 ? 476 PHE A CD1 1 
ATOM   650  C CD2 . PHE A 1 88  ? -12.169 0.694   -8.463  1.00 29.79 ? 476 PHE A CD2 1 
ATOM   651  C CE1 . PHE A 1 88  ? -10.039 -0.954  -7.923  1.00 28.19 ? 476 PHE A CE1 1 
ATOM   652  C CE2 . PHE A 1 88  ? -11.940 0.257   -7.172  1.00 29.22 ? 476 PHE A CE2 1 
ATOM   653  C CZ  . PHE A 1 88  ? -10.874 -0.566  -6.909  1.00 30.76 ? 476 PHE A CZ  1 
ATOM   654  N N   . ASP A 1 89  ? -13.256 -0.340  -13.574 1.00 37.26 ? 477 ASP A N   1 
ATOM   655  C CA  . ASP A 1 89  ? -14.033 -0.127  -14.814 1.00 40.82 ? 477 ASP A CA  1 
ATOM   656  C C   . ASP A 1 89  ? -15.496 -0.015  -14.389 1.00 42.06 ? 477 ASP A C   1 
ATOM   657  O O   . ASP A 1 89  ? -16.074 -1.056  -13.985 1.00 43.84 ? 477 ASP A O   1 
ATOM   658  C CB  . ASP A 1 89  ? -13.777 -1.268  -15.800 1.00 43.34 ? 477 ASP A CB  1 
ATOM   659  C CG  . ASP A 1 89  ? -14.521 -1.158  -17.119 1.00 46.47 ? 477 ASP A CG  1 
ATOM   660  O OD1 . ASP A 1 89  ? -15.603 -0.549  -17.120 1.00 44.28 ? 477 ASP A OD1 1 
ATOM   661  O OD2 . ASP A 1 89  ? -14.007 -1.702  -18.144 1.00 56.37 ? 477 ASP A OD2 1 
ATOM   662  N N   . ILE A 1 90  ? -16.039 1.206   -14.417 1.00 44.26 ? 478 ILE A N   1 
ATOM   663  C CA  . ILE A 1 90  ? -17.506 1.463   -14.267 1.00 47.14 ? 478 ILE A CA  1 
ATOM   664  C C   . ILE A 1 90  ? -18.090 1.677   -15.666 1.00 48.07 ? 478 ILE A C   1 
ATOM   665  O O   . ILE A 1 90  ? -17.657 2.624   -16.360 1.00 46.01 ? 478 ILE A O   1 
ATOM   666  C CB  . ILE A 1 90  ? -17.773 2.631   -13.306 1.00 45.72 ? 478 ILE A CB  1 
ATOM   667  C CG1 . ILE A 1 90  ? -16.842 2.537   -12.096 1.00 46.04 ? 478 ILE A CG1 1 
ATOM   668  C CG2 . ILE A 1 90  ? -19.232 2.670   -12.897 1.00 43.98 ? 478 ILE A CG2 1 
ATOM   669  C CD1 . ILE A 1 90  ? -17.248 3.389   -10.924 1.00 45.80 ? 478 ILE A CD1 1 
ATOM   670  N N   . ASP A 1 91  ? -18.954 0.751   -16.090 1.00 53.38 ? 479 ASP A N   1 
ATOM   671  C CA  . ASP A 1 91  ? -19.684 0.808   -17.383 1.00 58.36 ? 479 ASP A CA  1 
ATOM   672  C C   . ASP A 1 91  ? -20.822 1.832   -17.248 1.00 56.08 ? 479 ASP A C   1 
ATOM   673  O O   . ASP A 1 91  ? -21.059 2.348   -16.125 1.00 46.84 ? 479 ASP A O   1 
ATOM   674  C CB  . ASP A 1 91  ? -20.140 -0.595  -17.804 1.00 60.85 ? 479 ASP A CB  1 
ATOM   675  C CG  . ASP A 1 91  ? -21.148 -1.263  -16.874 1.00 64.32 ? 479 ASP A CG  1 
ATOM   676  O OD1 . ASP A 1 91  ? -21.721 -0.561  -16.008 1.00 61.55 ? 479 ASP A OD1 1 
ATOM   677  O OD2 . ASP A 1 91  ? -21.368 -2.491  -17.035 1.00 63.76 ? 479 ASP A OD2 1 
ATOM   678  N N   . ALA A 1 92  ? -21.522 2.110   -18.345 1.00 60.34 ? 480 ALA A N   1 
ATOM   679  C CA  . ALA A 1 92  ? -22.646 3.080   -18.394 1.00 60.23 ? 480 ALA A CA  1 
ATOM   680  C C   . ALA A 1 92  ? -23.798 2.696   -17.434 1.00 55.74 ? 480 ALA A C   1 
ATOM   681  O O   . ALA A 1 92  ? -24.577 3.584   -17.116 1.00 47.86 ? 480 ALA A O   1 
ATOM   682  C CB  . ALA A 1 92  ? -23.117 3.212   -19.826 1.00 61.74 ? 480 ALA A CB  1 
ATOM   683  N N   . ASP A 1 93  ? -23.906 1.443   -16.965 1.00 55.18 ? 481 ASP A N   1 
ATOM   684  C CA  . ASP A 1 93  ? -25.041 0.963   -16.121 1.00 56.39 ? 481 ASP A CA  1 
ATOM   685  C C   . ASP A 1 93  ? -24.750 1.064   -14.600 1.00 55.28 ? 481 ASP A C   1 
ATOM   686  O O   . ASP A 1 93  ? -25.646 0.653   -13.800 1.00 52.74 ? 481 ASP A O   1 
ATOM   687  C CB  . ASP A 1 93  ? -25.433 -0.461  -16.534 1.00 58.70 ? 481 ASP A CB  1 
ATOM   688  C CG  . ASP A 1 93  ? -26.074 -0.545  -17.909 1.00 62.32 ? 481 ASP A CG  1 
ATOM   689  O OD1 . ASP A 1 93  ? -26.800 0.396   -18.287 1.00 65.60 ? 481 ASP A OD1 1 
ATOM   690  O OD2 . ASP A 1 93  ? -25.855 -1.559  -18.591 1.00 69.23 ? 481 ASP A OD2 1 
ATOM   691  N N   . GLY A 1 94  ? -23.578 1.579   -14.190 1.00 49.30 ? 482 GLY A N   1 
ATOM   692  C CA  . GLY A 1 94  ? -23.218 1.840   -12.781 1.00 42.78 ? 482 GLY A CA  1 
ATOM   693  C C   . GLY A 1 94  ? -22.529 0.657   -12.095 1.00 44.15 ? 482 GLY A C   1 
ATOM   694  O O   . GLY A 1 94  ? -22.200 0.773   -10.877 1.00 40.17 ? 482 GLY A O   1 
ATOM   695  N N   . ILE A 1 95  ? -22.282 -0.441  -12.819 1.00 42.14 ? 483 ILE A N   1 
ATOM   696  C CA  . ILE A 1 95  ? -21.595 -1.653  -12.277 1.00 41.68 ? 483 ILE A CA  1 
ATOM   697  C C   . ILE A 1 95  ? -20.079 -1.409  -12.258 1.00 38.31 ? 483 ILE A C   1 
ATOM   698  O O   . ILE A 1 95  ? -19.555 -0.880  -13.259 1.00 34.54 ? 483 ILE A O   1 
ATOM   699  C CB  . ILE A 1 95  ? -21.957 -2.903  -13.101 1.00 45.07 ? 483 ILE A CB  1 
ATOM   700  C CG1 . ILE A 1 95  ? -23.462 -3.172  -13.088 1.00 45.03 ? 483 ILE A CG1 1 
ATOM   701  C CG2 . ILE A 1 95  ? -21.172 -4.113  -12.619 1.00 46.89 ? 483 ILE A CG2 1 
ATOM   702  C CD1 . ILE A 1 95  ? -23.955 -3.901  -14.297 1.00 46.41 ? 483 ILE A CD1 1 
ATOM   703  N N   . LEU A 1 96  ? -19.416 -1.794  -11.160 1.00 34.18 ? 484 LEU A N   1 
ATOM   704  C CA  . LEU A 1 96  ? -17.939 -1.720  -11.006 1.00 36.94 ? 484 LEU A CA  1 
ATOM   705  C C   . LEU A 1 96  ? -17.340 -3.104  -11.295 1.00 36.23 ? 484 LEU A C   1 
ATOM   706  O O   . LEU A 1 96  ? -17.781 -4.096  -10.664 1.00 34.48 ? 484 LEU A O   1 
ATOM   707  C CB  . LEU A 1 96  ? -17.565 -1.233  -9.592  1.00 33.89 ? 484 LEU A CB  1 
ATOM   708  C CG  . LEU A 1 96  ? -16.065 -1.149  -9.290  1.00 29.86 ? 484 LEU A CG  1 
ATOM   709  C CD1 . LEU A 1 96  ? -15.385 -0.160  -10.212 1.00 28.05 ? 484 LEU A CD1 1 
ATOM   710  C CD2 . LEU A 1 96  ? -15.796 -0.775  -7.844  1.00 28.49 ? 484 LEU A CD2 1 
ATOM   711  N N   . HIS A 1 97  ? -16.370 -3.149  -12.209 1.00 37.03 ? 485 HIS A N   1 
ATOM   712  C CA  . HIS A 1 97  ? -15.556 -4.347  -12.527 1.00 40.44 ? 485 HIS A CA  1 
ATOM   713  C C   . HIS A 1 97  ? -14.125 -4.062  -12.096 1.00 39.99 ? 485 HIS A C   1 
ATOM   714  O O   . HIS A 1 97  ? -13.488 -3.229  -12.739 1.00 43.22 ? 485 HIS A O   1 
ATOM   715  C CB  . HIS A 1 97  ? -15.632 -4.691  -14.017 1.00 41.45 ? 485 HIS A CB  1 
ATOM   716  C CG  . HIS A 1 97  ? -17.024 -4.754  -14.531 1.00 42.62 ? 485 HIS A CG  1 
ATOM   717  N ND1 . HIS A 1 97  ? -17.765 -5.920  -14.488 1.00 45.31 ? 485 HIS A ND1 1 
ATOM   718  C CD2 . HIS A 1 97  ? -17.827 -3.788  -15.038 1.00 43.30 ? 485 HIS A CD2 1 
ATOM   719  C CE1 . HIS A 1 97  ? -18.969 -5.675  -14.978 1.00 48.70 ? 485 HIS A CE1 1 
ATOM   720  N NE2 . HIS A 1 97  ? -19.035 -4.365  -15.314 1.00 43.84 ? 485 HIS A NE2 1 
ATOM   721  N N   . VAL A 1 98  ? -13.671 -4.708  -11.026 1.00 36.97 ? 486 VAL A N   1 
ATOM   722  C CA  . VAL A 1 98  ? -12.246 -4.691  -10.612 1.00 35.55 ? 486 VAL A CA  1 
ATOM   723  C C   . VAL A 1 98  ? -11.583 -6.004  -11.038 1.00 34.39 ? 486 VAL A C   1 
ATOM   724  O O   . VAL A 1 98  ? -12.109 -7.063  -10.741 1.00 32.90 ? 486 VAL A O   1 
ATOM   725  C CB  . VAL A 1 98  ? -12.126 -4.414  -9.109  1.00 36.62 ? 486 VAL A CB  1 
ATOM   726  C CG1 . VAL A 1 98  ? -10.703 -4.588  -8.602  1.00 38.59 ? 486 VAL A CG1 1 
ATOM   727  C CG2 . VAL A 1 98  ? -12.625 -3.015  -8.806  1.00 40.16 ? 486 VAL A CG2 1 
ATOM   728  N N   . SER A 1 99  ? -10.478 -5.895  -11.770 1.00 36.35 ? 487 SER A N   1 
ATOM   729  C CA  . SER A 1 99  ? -9.539  -6.984  -12.124 1.00 36.51 ? 487 SER A CA  1 
ATOM   730  C C   . SER A 1 99  ? -8.131  -6.675  -11.588 1.00 36.21 ? 487 SER A C   1 
ATOM   731  O O   . SER A 1 99  ? -7.731  -5.484  -11.539 1.00 31.73 ? 487 SER A O   1 
ATOM   732  C CB  . SER A 1 99  ? -9.498  -7.173  -13.596 1.00 37.23 ? 487 SER A CB  1 
ATOM   733  O OG  . SER A 1 99  ? -9.303  -5.926  -14.229 1.00 40.44 ? 487 SER A OG  1 
ATOM   734  N N   . ALA A 1 100 ? -7.450  -7.736  -11.160 1.00 34.81 ? 488 ALA A N   1 
ATOM   735  C CA  . ALA A 1 100 ? -5.999  -7.823  -10.953 1.00 36.18 ? 488 ALA A CA  1 
ATOM   736  C C   . ALA A 1 100 ? -5.427  -8.773  -12.011 1.00 37.81 ? 488 ALA A C   1 
ATOM   737  O O   . ALA A 1 100 ? -6.007  -9.858  -12.225 1.00 35.63 ? 488 ALA A O   1 
ATOM   738  C CB  . ALA A 1 100 ? -5.739  -8.296  -9.549  1.00 36.32 ? 488 ALA A CB  1 
ATOM   739  N N   . LYS A 1 101 ? -4.344  -8.364  -12.665 1.00 40.03 ? 489 LYS A N   1 
ATOM   740  C CA  . LYS A 1 101 ? -3.633  -9.193  -13.662 1.00 44.42 ? 489 LYS A CA  1 
ATOM   741  C C   . LYS A 1 101 ? -2.139  -9.165  -13.326 1.00 43.05 ? 489 LYS A C   1 
ATOM   742  O O   . LYS A 1 101 ? -1.564  -8.076  -13.299 1.00 43.37 ? 489 LYS A O   1 
ATOM   743  C CB  . LYS A 1 101 ? -3.929  -8.709  -15.084 1.00 49.23 ? 489 LYS A CB  1 
ATOM   744  C CG  . LYS A 1 101 ? -3.190  -9.475  -16.180 1.00 55.84 ? 489 LYS A CG  1 
ATOM   745  C CD  . LYS A 1 101 ? -3.272  -8.824  -17.551 1.00 60.38 ? 489 LYS A CD  1 
ATOM   746  C CE  . LYS A 1 101 ? -4.632  -8.995  -18.202 1.00 64.67 ? 489 LYS A CE  1 
ATOM   747  N NZ  . LYS A 1 101 ? -4.968  -7.872  -19.113 1.00 65.89 ? 489 LYS A NZ  1 
ATOM   748  N N   . ASP A 1 102 ? -1.576  -10.341 -13.043 1.00 44.10 ? 490 ASP A N   1 
ATOM   749  C CA  . ASP A 1 102 ? -0.121  -10.648 -12.982 1.00 40.65 ? 490 ASP A CA  1 
ATOM   750  C C   . ASP A 1 102 ? 0.376   -10.589 -14.424 1.00 43.80 ? 490 ASP A C   1 
ATOM   751  O O   . ASP A 1 102 ? 0.031   -11.508 -15.215 1.00 43.43 ? 490 ASP A O   1 
ATOM   752  C CB  . ASP A 1 102 ? 0.096   -12.006 -12.308 1.00 39.97 ? 490 ASP A CB  1 
ATOM   753  C CG  . ASP A 1 102 ? 1.523   -12.493 -12.130 1.00 40.98 ? 490 ASP A CG  1 
ATOM   754  O OD1 . ASP A 1 102 ? 2.392   -12.202 -12.986 1.00 41.52 ? 490 ASP A OD1 1 
ATOM   755  O OD2 . ASP A 1 102 ? 1.741   -13.225 -11.156 1.00 43.93 ? 490 ASP A OD2 1 
ATOM   756  N N   . LYS A 1 103 ? 1.092   -9.509  -14.754 1.00 43.94 ? 491 LYS A N   1 
ATOM   757  C CA  . LYS A 1 103 ? 1.564   -9.190  -16.122 1.00 44.84 ? 491 LYS A CA  1 
ATOM   758  C C   . LYS A 1 103 ? 2.670   -10.164 -16.550 1.00 44.04 ? 491 LYS A C   1 
ATOM   759  O O   . LYS A 1 103 ? 2.998   -10.146 -17.750 1.00 48.67 ? 491 LYS A O   1 
ATOM   760  C CB  . LYS A 1 103 ? 2.028   -7.730  -16.199 1.00 49.50 ? 491 LYS A CB  1 
ATOM   761  C CG  . LYS A 1 103 ? 0.976   -6.725  -16.665 1.00 53.12 ? 491 LYS A CG  1 
ATOM   762  C CD  . LYS A 1 103 ? 1.317   -5.285  -16.314 1.00 55.47 ? 491 LYS A CD  1 
ATOM   763  C CE  . LYS A 1 103 ? 1.144   -4.286  -17.444 1.00 58.92 ? 491 LYS A CE  1 
ATOM   764  N NZ  . LYS A 1 103 ? 2.154   -3.197  -17.344 1.00 62.62 ? 491 LYS A NZ  1 
ATOM   765  N N   . ASN A 1 104 ? 3.227   -10.974 -15.642 1.00 43.29 ? 492 ASN A N   1 
ATOM   766  C CA  . ASN A 1 104 ? 4.184   -12.057 -16.006 1.00 50.23 ? 492 ASN A CA  1 
ATOM   767  C C   . ASN A 1 104 ? 3.376   -13.310 -16.366 1.00 54.62 ? 492 ASN A C   1 
ATOM   768  O O   . ASN A 1 104 ? 3.577   -13.824 -17.481 1.00 59.75 ? 492 ASN A O   1 
ATOM   769  C CB  . ASN A 1 104 ? 5.259   -12.300 -14.936 1.00 49.32 ? 492 ASN A CB  1 
ATOM   770  C CG  . ASN A 1 104 ? 5.844   -13.700 -14.928 1.00 50.36 ? 492 ASN A CG  1 
ATOM   771  O OD1 . ASN A 1 104 ? 5.330   -14.594 -14.255 1.00 48.46 ? 492 ASN A OD1 1 
ATOM   772  N ND2 . ASN A 1 104 ? 6.952   -13.895 -15.623 1.00 51.61 ? 492 ASN A ND2 1 
ATOM   773  N N   . SER A 1 105 ? 2.478   -13.743 -15.476 1.00 56.17 ? 493 SER A N   1 
ATOM   774  C CA  . SER A 1 105 ? 1.783   -15.053 -15.528 1.00 58.22 ? 493 SER A CA  1 
ATOM   775  C C   . SER A 1 105 ? 0.517   -14.946 -16.380 1.00 56.85 ? 493 SER A C   1 
ATOM   776  O O   . SER A 1 105 ? -0.113  -15.988 -16.597 1.00 61.48 ? 493 SER A O   1 
ATOM   777  C CB  . SER A 1 105 ? 1.469   -15.559 -14.136 1.00 63.31 ? 493 SER A CB  1 
ATOM   778  O OG  . SER A 1 105 ? 0.173   -15.156 -13.723 1.00 71.75 ? 493 SER A OG  1 
ATOM   779  N N   . GLY A 1 106 ? 0.135   -13.729 -16.787 1.00 55.55 ? 494 GLY A N   1 
ATOM   780  C CA  . GLY A 1 106 ? -1.114  -13.441 -17.523 1.00 52.59 ? 494 GLY A CA  1 
ATOM   781  C C   . GLY A 1 106 ? -2.388  -13.721 -16.724 1.00 52.76 ? 494 GLY A C   1 
ATOM   782  O O   . GLY A 1 106 ? -3.478  -13.318 -17.220 1.00 53.36 ? 494 GLY A O   1 
ATOM   783  N N   . LYS A 1 107 ? -2.290  -14.368 -15.546 1.00 52.01 ? 495 LYS A N   1 
ATOM   784  C CA  . LYS A 1 107 ? -3.450  -14.753 -14.681 1.00 52.47 ? 495 LYS A CA  1 
ATOM   785  C C   . LYS A 1 107 ? -4.314  -13.517 -14.333 1.00 50.67 ? 495 LYS A C   1 
ATOM   786  O O   . LYS A 1 107 ? -3.813  -12.358 -14.292 1.00 44.65 ? 495 LYS A O   1 
ATOM   787  C CB  . LYS A 1 107 ? -3.004  -15.435 -13.377 1.00 54.07 ? 495 LYS A CB  1 
ATOM   788  C CG  . LYS A 1 107 ? -2.304  -16.789 -13.492 1.00 55.89 ? 495 LYS A CG  1 
ATOM   789  C CD  . LYS A 1 107 ? -3.095  -17.991 -12.963 1.00 55.81 ? 495 LYS A CD  1 
ATOM   790  C CE  . LYS A 1 107 ? -2.297  -18.909 -12.045 1.00 60.81 ? 495 LYS A CE  1 
ATOM   791  N NZ  . LYS A 1 107 ? -1.630  -20.058 -12.719 1.00 52.75 ? 495 LYS A NZ  1 
ATOM   792  N N   . GLU A 1 108 ? -5.597  -13.755 -14.088 1.00 46.67 ? 496 GLU A N   1 
ATOM   793  C CA  . GLU A 1 108 ? -6.592  -12.691 -13.853 1.00 47.67 ? 496 GLU A CA  1 
ATOM   794  C C   . GLU A 1 108 ? -7.656  -13.193 -12.887 1.00 47.03 ? 496 GLU A C   1 
ATOM   795  O O   . GLU A 1 108 ? -8.088  -14.350 -13.011 1.00 47.91 ? 496 GLU A O   1 
ATOM   796  C CB  . GLU A 1 108 ? -7.246  -12.239 -15.153 1.00 51.10 ? 496 GLU A CB  1 
ATOM   797  C CG  . GLU A 1 108 ? -8.291  -11.158 -14.937 1.00 52.42 ? 496 GLU A CG  1 
ATOM   798  C CD  . GLU A 1 108 ? -8.438  -10.194 -16.097 1.00 55.43 ? 496 GLU A CD  1 
ATOM   799  O OE1 . GLU A 1 108 ? -9.498  -9.553  -16.183 1.00 58.86 ? 496 GLU A OE1 1 
ATOM   800  O OE2 . GLU A 1 108 ? -7.489  -10.091 -16.908 1.00 58.54 ? 496 GLU A OE2 1 
ATOM   801  N N   . GLN A 1 109 ? -8.041  -12.323 -11.960 1.00 44.19 ? 497 GLN A N   1 
ATOM   802  C CA  . GLN A 1 109 ? -9.245  -12.479 -11.119 1.00 40.56 ? 497 GLN A CA  1 
ATOM   803  C C   . GLN A 1 109 ? -9.992  -11.143 -11.134 1.00 39.31 ? 497 GLN A C   1 
ATOM   804  O O   . GLN A 1 109 ? -9.361  -10.097 -10.940 1.00 36.73 ? 497 GLN A O   1 
ATOM   805  C CB  . GLN A 1 109 ? -8.836  -12.964 -9.732  1.00 44.60 ? 497 GLN A CB  1 
ATOM   806  C CG  . GLN A 1 109 ? -8.395  -14.418 -9.715  1.00 49.15 ? 497 GLN A CG  1 
ATOM   807  C CD  . GLN A 1 109 ? -9.550  -15.375 -9.893  1.00 51.53 ? 497 GLN A CD  1 
ATOM   808  O OE1 . GLN A 1 109 ? -10.449 -15.452 -9.058  1.00 56.05 ? 497 GLN A OE1 1 
ATOM   809  N NE2 . GLN A 1 109 ? -9.533  -16.111 -10.996 1.00 51.19 ? 497 GLN A NE2 1 
ATOM   810  N N   . LYS A 1 110 ? -11.280 -11.205 -11.460 1.00 37.64 ? 498 LYS A N   1 
ATOM   811  C CA  . LYS A 1 110 ? -12.238 -10.086 -11.449 1.00 34.97 ? 498 LYS A CA  1 
ATOM   812  C C   . LYS A 1 110 ? -13.098 -10.234 -10.199 1.00 36.34 ? 498 LYS A C   1 
ATOM   813  O O   . LYS A 1 110 ? -13.201 -11.352 -9.650  1.00 38.56 ? 498 LYS A O   1 
ATOM   814  C CB  . LYS A 1 110 ? -13.103 -10.095 -12.711 1.00 33.07 ? 498 LYS A CB  1 
ATOM   815  C CG  . LYS A 1 110 ? -12.392 -9.644  -13.979 1.00 35.11 ? 498 LYS A CG  1 
ATOM   816  C CD  . LYS A 1 110 ? -12.925 -10.276 -15.260 1.00 38.11 ? 498 LYS A CD  1 
ATOM   817  C CE  . LYS A 1 110 ? -12.452 -9.619  -16.546 1.00 37.84 ? 498 LYS A CE  1 
ATOM   818  N N   . ILE A 1 111 ? -13.669 -9.121  -9.756  1.00 37.97 ? 499 ILE A N   1 
ATOM   819  C CA  . ILE A 1 111 ? -14.915 -9.080  -8.939  1.00 36.32 ? 499 ILE A CA  1 
ATOM   820  C C   . ILE A 1 111 ? -15.847 -8.070  -9.618  1.00 37.23 ? 499 ILE A C   1 
ATOM   821  O O   . ILE A 1 111 ? -15.349 -7.110  -10.280 1.00 35.30 ? 499 ILE A O   1 
ATOM   822  C CB  . ILE A 1 111 ? -14.624 -8.747  -7.468  1.00 34.96 ? 499 ILE A CB  1 
ATOM   823  C CG1 . ILE A 1 111 ? -15.875 -8.938  -6.604  1.00 35.71 ? 499 ILE A CG1 1 
ATOM   824  C CG2 . ILE A 1 111 ? -14.032 -7.341  -7.338  1.00 33.11 ? 499 ILE A CG2 1 
ATOM   825  C CD1 . ILE A 1 111 ? -15.676 -8.594  -5.135  1.00 36.50 ? 499 ILE A CD1 1 
ATOM   826  N N   . THR A 1 112 ? -17.151 -8.304  -9.527  1.00 37.96 ? 500 THR A N   1 
ATOM   827  C CA  . THR A 1 112 ? -18.167 -7.397  -10.112 1.00 38.00 ? 500 THR A CA  1 
ATOM   828  C C   . THR A 1 112 ? -19.103 -6.972  -8.990  1.00 38.51 ? 500 THR A C   1 
ATOM   829  O O   . THR A 1 112 ? -19.599 -7.851  -8.244  1.00 35.00 ? 500 THR A O   1 
ATOM   830  C CB  . THR A 1 112 ? -18.876 -8.041  -11.304 1.00 39.49 ? 500 THR A CB  1 
ATOM   831  O OG1 . THR A 1 112 ? -17.877 -8.634  -12.134 1.00 40.34 ? 500 THR A OG1 1 
ATOM   832  C CG2 . THR A 1 112 ? -19.679 -7.029  -12.085 1.00 40.38 ? 500 THR A CG2 1 
ATOM   833  N N   . ILE A 1 113 ? -19.283 -5.660  -8.855  1.00 40.75 ? 501 ILE A N   1 
ATOM   834  C CA  . ILE A 1 113 ? -19.967 -5.042  -7.687  1.00 41.33 ? 501 ILE A CA  1 
ATOM   835  C C   . ILE A 1 113 ? -21.135 -4.230  -8.233  1.00 42.37 ? 501 ILE A C   1 
ATOM   836  O O   . ILE A 1 113 ? -20.877 -3.318  -9.026  1.00 38.21 ? 501 ILE A O   1 
ATOM   837  C CB  . ILE A 1 113 ? -18.939 -4.248  -6.857  1.00 41.57 ? 501 ILE A CB  1 
ATOM   838  C CG1 . ILE A 1 113 ? -17.903 -5.200  -6.248  1.00 39.55 ? 501 ILE A CG1 1 
ATOM   839  C CG2 . ILE A 1 113 ? -19.598 -3.392  -5.788  1.00 40.61 ? 501 ILE A CG2 1 
ATOM   840  C CD1 . ILE A 1 113 ? -16.660 -4.528  -5.775  1.00 40.25 ? 501 ILE A CD1 1 
ATOM   841  N N   . LYS A 1 114 ? -22.363 -4.641  -7.880  1.00 48.17 ? 502 LYS A N   1 
ATOM   842  C CA  . LYS A 1 114 ? -23.639 -4.032  -8.339  1.00 53.70 ? 502 LYS A CA  1 
ATOM   843  C C   . LYS A 1 114 ? -23.526 -2.518  -8.170  1.00 54.69 ? 502 LYS A C   1 
ATOM   844  O O   . LYS A 1 114 ? -22.790 -2.097  -7.245  1.00 49.70 ? 502 LYS A O   1 
ATOM   845  C CB  . LYS A 1 114 ? -24.840 -4.516  -7.513  1.00 57.49 ? 502 LYS A CB  1 
ATOM   846  C CG  . LYS A 1 114 ? -25.263 -5.967  -7.704  1.00 58.36 ? 502 LYS A CG  1 
ATOM   847  C CD  . LYS A 1 114 ? -26.227 -6.467  -6.636  1.00 60.13 ? 502 LYS A CD  1 
ATOM   848  C CE  . LYS A 1 114 ? -25.561 -6.909  -5.349  1.00 61.21 ? 502 LYS A CE  1 
ATOM   849  N N   . ALA A 1 115 ? -24.245 -1.762  -9.013  1.00 55.41 ? 503 ALA A N   1 
ATOM   850  C CA  . ALA A 1 115 ? -24.385 -0.284  -8.967  1.00 48.27 ? 503 ALA A CA  1 
ATOM   851  C C   . ALA A 1 115 ? -24.965 0.149   -7.616  1.00 47.12 ? 503 ALA A C   1 
ATOM   852  O O   . ALA A 1 115 ? -24.722 1.317   -7.242  1.00 42.81 ? 503 ALA A O   1 
ATOM   853  C CB  . ALA A 1 115 ? -25.259 0.188   -10.095 1.00 45.93 ? 503 ALA A CB  1 
ATOM   854  N N   . SER A 1 116 ? -25.654 -0.775  -6.928  1.00 41.74 ? 504 SER A N   1 
ATOM   855  C CA  . SER A 1 116 ? -26.437 -0.564  -5.685  1.00 41.59 ? 504 SER A CA  1 
ATOM   856  C C   . SER A 1 116 ? -25.588 -0.822  -4.443  1.00 42.62 ? 504 SER A C   1 
ATOM   857  O O   . SER A 1 116 ? -26.043 -0.476  -3.342  1.00 47.80 ? 504 SER A O   1 
ATOM   858  C CB  . SER A 1 116 ? -27.671 -1.459  -5.680  1.00 46.63 ? 504 SER A CB  1 
ATOM   859  O OG  . SER A 1 116 ? -27.396 -2.795  -5.253  1.00 43.55 ? 504 SER A OG  1 
ATOM   860  N N   . SER A 1 117 ? -24.435 -1.463  -4.586  1.00 45.45 ? 505 SER A N   1 
ATOM   861  C CA  . SER A 1 117 ? -23.563 -1.854  -3.445  1.00 49.76 ? 505 SER A CA  1 
ATOM   862  C C   . SER A 1 117 ? -22.984 -0.586  -2.794  1.00 46.53 ? 505 SER A C   1 
ATOM   863  O O   . SER A 1 117 ? -22.944 0.444   -3.462  1.00 52.85 ? 505 SER A O   1 
ATOM   864  C CB  . SER A 1 117 ? -22.474 -2.808  -3.892  1.00 50.50 ? 505 SER A CB  1 
ATOM   865  O OG  . SER A 1 117 ? -22.988 -3.818  -4.756  1.00 49.80 ? 505 SER A OG  1 
ATOM   866  N N   . GLY A 1 118 ? -22.557 -0.651  -1.538  1.00 45.08 ? 506 GLY A N   1 
ATOM   867  C CA  . GLY A 1 118 ? -21.875 0.463   -0.856  1.00 48.80 ? 506 GLY A CA  1 
ATOM   868  C C   . GLY A 1 118 ? -22.837 1.428   -0.175  1.00 48.10 ? 506 GLY A C   1 
ATOM   869  O O   . GLY A 1 118 ? -23.946 1.001   0.229   1.00 54.70 ? 506 GLY A O   1 
ATOM   870  N N   . LEU A 1 119 ? -22.432 2.692   -0.054  1.00 44.40 ? 507 LEU A N   1 
ATOM   871  C CA  . LEU A 1 119 ? -23.008 3.646   0.926   1.00 45.44 ? 507 LEU A CA  1 
ATOM   872  C C   . LEU A 1 119 ? -24.206 4.358   0.295   1.00 50.25 ? 507 LEU A C   1 
ATOM   873  O O   . LEU A 1 119 ? -24.091 4.809   -0.877  1.00 48.04 ? 507 LEU A O   1 
ATOM   874  C CB  . LEU A 1 119 ? -21.916 4.626   1.374   1.00 41.80 ? 507 LEU A CB  1 
ATOM   875  C CG  . LEU A 1 119 ? -20.774 4.003   2.182   1.00 41.89 ? 507 LEU A CG  1 
ATOM   876  C CD1 . LEU A 1 119 ? -19.877 5.078   2.785   1.00 41.11 ? 507 LEU A CD1 1 
ATOM   877  C CD2 . LEU A 1 119 ? -21.302 3.087   3.280   1.00 40.13 ? 507 LEU A CD2 1 
ATOM   878  N N   . ASN A 1 120 ? -25.314 4.436   1.045   1.00 52.59 ? 508 ASN A N   1 
ATOM   879  C CA  . ASN A 1 120 ? -26.565 5.118   0.614   1.00 57.29 ? 508 ASN A CA  1 
ATOM   880  C C   . ASN A 1 120 ? -26.333 6.631   0.660   1.00 54.90 ? 508 ASN A C   1 
ATOM   881  O O   . ASN A 1 120 ? -25.331 7.053   1.247   1.00 57.61 ? 508 ASN A O   1 
ATOM   882  C CB  . ASN A 1 120 ? -27.770 4.709   1.466   1.00 60.05 ? 508 ASN A CB  1 
ATOM   883  C CG  . ASN A 1 120 ? -27.723 5.321   2.847   1.00 65.17 ? 508 ASN A CG  1 
ATOM   884  O OD1 . ASN A 1 120 ? -27.523 6.529   2.987   1.00 67.59 ? 508 ASN A OD1 1 
ATOM   885  N ND2 . ASN A 1 120 ? -27.865 4.497   3.872   1.00 66.47 ? 508 ASN A ND2 1 
ATOM   886  N N   . GLU A 1 121 ? -27.272 7.407   0.120   1.00 56.20 ? 509 GLU A N   1 
ATOM   887  C CA  . GLU A 1 121 ? -27.142 8.878   -0.051  1.00 55.43 ? 509 GLU A CA  1 
ATOM   888  C C   . GLU A 1 121 ? -26.756 9.531   1.280   1.00 54.63 ? 509 GLU A C   1 
ATOM   889  O O   . GLU A 1 121 ? -26.040 10.529  1.212   1.00 51.94 ? 509 GLU A O   1 
ATOM   890  C CB  . GLU A 1 121 ? -28.420 9.480   -0.633  1.00 57.57 ? 509 GLU A CB  1 
ATOM   891  C CG  . GLU A 1 121 ? -28.784 8.931   -2.006  1.00 58.89 ? 509 GLU A CG  1 
ATOM   892  C CD  . GLU A 1 121 ? -29.579 9.894   -2.876  1.00 66.62 ? 509 GLU A CD  1 
ATOM   893  O OE1 . GLU A 1 121 ? -30.171 9.430   -3.879  1.00 64.81 ? 509 GLU A OE1 1 
ATOM   894  O OE2 . GLU A 1 121 ? -29.602 11.115  -2.557  1.00 68.99 ? 509 GLU A OE2 1 
ATOM   895  N N   . ASP A 1 122 ? -27.181 8.993   2.432   1.00 58.53 ? 510 ASP A N   1 
ATOM   896  C CA  . ASP A 1 122 ? -26.888 9.591   3.771   1.00 63.72 ? 510 ASP A CA  1 
ATOM   897  C C   . ASP A 1 122 ? -25.428 9.304   4.148   1.00 58.73 ? 510 ASP A C   1 
ATOM   898  O O   . ASP A 1 122 ? -24.615 10.253  4.164   1.00 59.53 ? 510 ASP A O   1 
ATOM   899  C CB  . ASP A 1 122 ? -27.842 9.102   4.874   1.00 67.63 ? 510 ASP A CB  1 
ATOM   900  C CG  . ASP A 1 122 ? -29.214 9.763   4.888   1.00 69.42 ? 510 ASP A CG  1 
ATOM   901  O OD1 . ASP A 1 122 ? -29.337 10.888  4.344   1.00 71.78 ? 510 ASP A OD1 1 
ATOM   902  O OD2 . ASP A 1 122 ? -30.156 9.151   5.453   1.00 63.30 ? 510 ASP A OD2 1 
ATOM   903  N N   . GLU A 1 123 ? -25.122 8.041   4.443   1.00 54.40 ? 511 GLU A N   1 
ATOM   904  C CA  . GLU A 1 123 ? -23.750 7.524   4.696   1.00 53.71 ? 511 GLU A CA  1 
ATOM   905  C C   . GLU A 1 123 ? -22.730 8.312   3.861   1.00 49.84 ? 511 GLU A C   1 
ATOM   906  O O   . GLU A 1 123 ? -21.725 8.808   4.422   1.00 49.99 ? 511 GLU A O   1 
ATOM   907  C CB  . GLU A 1 123 ? -23.724 6.034   4.369   1.00 55.12 ? 511 GLU A CB  1 
ATOM   908  C CG  . GLU A 1 123 ? -24.742 5.245   5.173   1.00 57.27 ? 511 GLU A CG  1 
ATOM   909  C CD  . GLU A 1 123 ? -24.730 3.755   4.914   1.00 60.29 ? 511 GLU A CD  1 
ATOM   910  O OE1 . GLU A 1 123 ? -24.878 3.379   3.730   1.00 63.80 ? 511 GLU A OE1 1 
ATOM   911  O OE2 . GLU A 1 123 ? -24.542 2.984   5.893   1.00 56.37 ? 511 GLU A OE2 1 
ATOM   912  N N   . ILE A 1 124 ? -22.993 8.483   2.569   1.00 46.02 ? 512 ILE A N   1 
ATOM   913  C CA  . ILE A 1 124 ? -22.104 9.288   1.684   1.00 46.81 ? 512 ILE A CA  1 
ATOM   914  C C   . ILE A 1 124 ? -21.799 10.626  2.369   1.00 50.30 ? 512 ILE A C   1 
ATOM   915  O O   . ILE A 1 124 ? -20.610 10.976  2.480   1.00 53.24 ? 512 ILE A O   1 
ATOM   916  C CB  . ILE A 1 124 ? -22.715 9.474   0.288   1.00 42.43 ? 512 ILE A CB  1 
ATOM   917  C CG1 . ILE A 1 124 ? -22.803 8.135   -0.455  1.00 44.83 ? 512 ILE A CG1 1 
ATOM   918  C CG2 . ILE A 1 124 ? -21.923 10.518  -0.486  1.00 40.59 ? 512 ILE A CG2 1 
ATOM   919  C CD1 . ILE A 1 124 ? -23.727 8.109   -1.658  1.00 44.74 ? 512 ILE A CD1 1 
ATOM   920  N N   . GLN A 1 125 ? -22.839 11.338  2.810   1.00 52.89 ? 513 GLN A N   1 
ATOM   921  C CA  . GLN A 1 125 ? -22.736 12.727  3.331   1.00 54.61 ? 513 GLN A CA  1 
ATOM   922  C C   . GLN A 1 125 ? -21.981 12.701  4.666   1.00 52.01 ? 513 GLN A C   1 
ATOM   923  O O   . GLN A 1 125 ? -21.209 13.627  4.914   1.00 45.18 ? 513 GLN A O   1 
ATOM   924  C CB  . GLN A 1 125 ? -24.132 13.346  3.451   1.00 57.90 ? 513 GLN A CB  1 
ATOM   925  N N   . LYS A 1 126 ? -22.204 11.663  5.479   1.00 54.55 ? 514 LYS A N   1 
ATOM   926  C CA  . LYS A 1 126 ? -21.526 11.430  6.786   1.00 51.77 ? 514 LYS A CA  1 
ATOM   927  C C   . LYS A 1 126 ? -20.019 11.227  6.539   1.00 56.13 ? 514 LYS A C   1 
ATOM   928  O O   . LYS A 1 126 ? -19.208 11.855  7.259   1.00 53.14 ? 514 LYS A O   1 
ATOM   929  C CB  . LYS A 1 126 ? -22.183 10.233  7.490   1.00 49.29 ? 514 LYS A CB  1 
ATOM   930  C CG  . LYS A 1 126 ? -21.263 9.433   8.403   1.00 52.43 ? 514 LYS A CG  1 
ATOM   931  C CD  . LYS A 1 126 ? -21.966 8.529   9.398   1.00 52.45 ? 514 LYS A CD  1 
ATOM   932  C CE  . LYS A 1 126 ? -21.238 8.438   10.728  1.00 56.31 ? 514 LYS A CE  1 
ATOM   933  N N   . MET A 1 127 ? -19.681 10.367  5.565   1.00 53.62 ? 515 MET A N   1 
ATOM   934  C CA  . MET A 1 127 ? -18.303 9.985   5.153   1.00 49.49 ? 515 MET A CA  1 
ATOM   935  C C   . MET A 1 127 ? -17.499 11.230  4.782   1.00 51.44 ? 515 MET A C   1 
ATOM   936  O O   . MET A 1 127 ? -16.365 11.340  5.254   1.00 53.04 ? 515 MET A O   1 
ATOM   937  C CB  . MET A 1 127 ? -18.344 9.050   3.940   1.00 49.82 ? 515 MET A CB  1 
ATOM   938  C CG  . MET A 1 127 ? -16.999 8.853   3.239   1.00 47.36 ? 515 MET A CG  1 
ATOM   939  S SD  . MET A 1 127 ? -15.689 8.106   4.262   1.00 41.78 ? 515 MET A SD  1 
ATOM   940  C CE  . MET A 1 127 ? -16.447 6.545   4.701   1.00 39.63 ? 515 MET A CE  1 
ATOM   941  N N   . VAL A 1 128 ? -18.063 12.107  3.949   1.00 54.12 ? 516 VAL A N   1 
ATOM   942  C CA  . VAL A 1 128 ? -17.441 13.413  3.570   1.00 55.46 ? 516 VAL A CA  1 
ATOM   943  C C   . VAL A 1 128 ? -17.260 14.275  4.824   1.00 58.82 ? 516 VAL A C   1 
ATOM   944  O O   . VAL A 1 128 ? -16.271 15.039  4.872   1.00 58.19 ? 516 VAL A O   1 
ATOM   945  C CB  . VAL A 1 128 ? -18.268 14.198  2.536   1.00 52.83 ? 516 VAL A CB  1 
ATOM   946  C CG1 . VAL A 1 128 ? -17.425 15.329  1.947   1.00 53.85 ? 516 VAL A CG1 1 
ATOM   947  C CG2 . VAL A 1 128 ? -18.834 13.302  1.443   1.00 53.14 ? 516 VAL A CG2 1 
ATOM   948  N N   . ARG A 1 129 ? -18.228 14.227  5.747   1.00 60.76 ? 517 ARG A N   1 
ATOM   949  C CA  . ARG A 1 129 ? -18.183 14.977  7.029   1.00 66.53 ? 517 ARG A CA  1 
ATOM   950  C C   . ARG A 1 129 ? -16.922 14.517  7.749   1.00 63.48 ? 517 ARG A C   1 
ATOM   951  O O   . ARG A 1 129 ? -16.023 15.367  7.984   1.00 63.41 ? 517 ARG A O   1 
ATOM   952  C CB  . ARG A 1 129 ? -19.415 14.727  7.914   1.00 77.57 ? 517 ARG A CB  1 
ATOM   953  C CG  . ARG A 1 129 ? -20.370 15.905  8.052   1.00 80.64 ? 517 ARG A CG  1 
ATOM   954  C CD  . ARG A 1 129 ? -21.338 15.678  9.204   1.00 85.73 ? 517 ARG A CD  1 
ATOM   955  N NE  . ARG A 1 129 ? -22.380 14.692  8.909   1.00 87.43 ? 517 ARG A NE  1 
ATOM   956  C CZ  . ARG A 1 129 ? -23.086 14.001  9.818   1.00 85.08 ? 517 ARG A CZ  1 
ATOM   957  N NH1 . ARG A 1 129 ? -22.880 14.161  11.120  1.00 78.64 ? 517 ARG A NH1 1 
ATOM   958  N NH2 . ARG A 1 129 ? -24.005 13.135  9.412   1.00 73.02 ? 517 ARG A NH2 1 
ATOM   959  N N   . ASP A 1 130 ? -16.855 13.211  8.024   1.00 53.99 ? 518 ASP A N   1 
ATOM   960  C CA  . ASP A 1 130 ? -15.733 12.596  8.777   1.00 55.44 ? 518 ASP A CA  1 
ATOM   961  C C   . ASP A 1 130 ? -14.410 12.903  8.046   1.00 50.94 ? 518 ASP A C   1 
ATOM   962  O O   . ASP A 1 130 ? -13.440 13.229  8.723   1.00 47.50 ? 518 ASP A O   1 
ATOM   963  C CB  . ASP A 1 130 ? -16.042 11.127  9.086   1.00 57.55 ? 518 ASP A CB  1 
ATOM   964  C CG  . ASP A 1 130 ? -17.210 10.966  10.050  1.00 58.02 ? 518 ASP A CG  1 
ATOM   965  O OD1 . ASP A 1 130 ? -17.725 11.996  10.482  1.00 58.40 ? 518 ASP A OD1 1 
ATOM   966  O OD2 . ASP A 1 130 ? -17.610 9.816   10.352  1.00 55.70 ? 518 ASP A OD2 1 
ATOM   967  N N   . ALA A 1 131 ? -14.372 12.870  6.714   1.00 51.01 ? 519 ALA A N   1 
ATOM   968  C CA  . ALA A 1 131 ? -13.144 13.125  5.926   1.00 51.81 ? 519 ALA A CA  1 
ATOM   969  C C   . ALA A 1 131 ? -12.562 14.472  6.333   1.00 53.83 ? 519 ALA A C   1 
ATOM   970  O O   . ALA A 1 131 ? -11.349 14.524  6.624   1.00 52.24 ? 519 ALA A O   1 
ATOM   971  C CB  . ALA A 1 131 ? -13.426 13.113  4.447   1.00 53.96 ? 519 ALA A CB  1 
ATOM   972  N N   . GLU A 1 132 ? -13.400 15.515  6.329   1.00 59.46 ? 520 GLU A N   1 
ATOM   973  C CA  . GLU A 1 132 ? -12.992 16.916  6.636   1.00 57.61 ? 520 GLU A CA  1 
ATOM   974  C C   . GLU A 1 132 ? -12.846 17.080  8.160   1.00 52.09 ? 520 GLU A C   1 
ATOM   975  O O   . GLU A 1 132 ? -11.986 17.865  8.574   1.00 51.53 ? 520 GLU A O   1 
ATOM   976  C CB  . GLU A 1 132 ? -13.975 17.901  6.002   1.00 54.89 ? 520 GLU A CB  1 
ATOM   977  N N   . ALA A 1 133 ? -13.604 16.328  8.961   1.00 51.25 ? 521 ALA A N   1 
ATOM   978  C CA  . ALA A 1 133 ? -13.530 16.335  10.449  1.00 56.96 ? 521 ALA A CA  1 
ATOM   979  C C   . ALA A 1 133 ? -12.247 15.638  10.941  1.00 56.59 ? 521 ALA A C   1 
ATOM   980  O O   . ALA A 1 133 ? -11.741 16.017  12.023  1.00 56.97 ? 521 ALA A O   1 
ATOM   981  C CB  . ALA A 1 133 ? -14.765 15.692  11.058  1.00 53.34 ? 521 ALA A CB  1 
ATOM   982  N N   . ASN A 1 134 ? -11.756 14.632  10.209  1.00 50.77 ? 522 ASN A N   1 
ATOM   983  C CA  . ASN A 1 134 ? -10.606 13.806  10.639  1.00 47.47 ? 522 ASN A CA  1 
ATOM   984  C C   . ASN A 1 134 ? -9.451  13.977  9.652   1.00 47.98 ? 522 ASN A C   1 
ATOM   985  O O   . ASN A 1 134 ? -8.552  13.133  9.687   1.00 52.34 ? 522 ASN A O   1 
ATOM   986  C CB  . ASN A 1 134 ? -10.959 12.330  10.772  1.00 49.88 ? 522 ASN A CB  1 
ATOM   987  C CG  . ASN A 1 134 ? -12.206 12.062  11.585  1.00 53.98 ? 522 ASN A CG  1 
ATOM   988  O OD1 . ASN A 1 134 ? -12.116 11.571  12.710  1.00 58.16 ? 522 ASN A OD1 1 
ATOM   989  N ND2 . ASN A 1 134 ? -13.370 12.331  11.011  1.00 54.61 ? 522 ASN A ND2 1 
ATOM   990  N N   . ALA A 1 135 ? -9.427  15.061  8.873   1.00 46.33 ? 523 ALA A N   1 
ATOM   991  C CA  . ALA A 1 135 ? -8.334  15.379  7.924   1.00 48.10 ? 523 ALA A CA  1 
ATOM   992  C C   . ALA A 1 135 ? -6.993  15.357  8.656   1.00 48.42 ? 523 ALA A C   1 
ATOM   993  O O   . ALA A 1 135 ? -6.121  14.590  8.262   1.00 56.21 ? 523 ALA A O   1 
ATOM   994  C CB  . ALA A 1 135 ? -8.577  16.716  7.270   1.00 51.24 ? 523 ALA A CB  1 
ATOM   995  N N   . GLU A 1 136 ? -6.840  16.163  9.703   1.00 51.01 ? 524 GLU A N   1 
ATOM   996  C CA  . GLU A 1 136 ? -5.581  16.231  10.494  1.00 49.43 ? 524 GLU A CA  1 
ATOM   997  C C   . GLU A 1 136 ? -5.152  14.808  10.861  1.00 45.56 ? 524 GLU A C   1 
ATOM   998  O O   . GLU A 1 136 ? -3.997  14.481  10.642  1.00 43.15 ? 524 GLU A O   1 
ATOM   999  C CB  . GLU A 1 136 ? -5.763  17.081  11.758  1.00 50.17 ? 524 GLU A CB  1 
ATOM   1000 C CG  . GLU A 1 136 ? -4.460  17.480  12.440  1.00 48.89 ? 524 GLU A CG  1 
ATOM   1001 N N   . ALA A 1 137 ? -6.059  14.012  11.429  1.00 44.60 ? 525 ALA A N   1 
ATOM   1002 C CA  . ALA A 1 137 ? -5.741  12.708  12.046  1.00 42.93 ? 525 ALA A CA  1 
ATOM   1003 C C   . ALA A 1 137 ? -5.352  11.708  10.950  1.00 46.36 ? 525 ALA A C   1 
ATOM   1004 O O   . ALA A 1 137 ? -4.342  11.013  11.113  1.00 50.71 ? 525 ALA A O   1 
ATOM   1005 C CB  . ALA A 1 137 ? -6.915  12.243  12.850  1.00 45.66 ? 525 ALA A CB  1 
ATOM   1006 N N   . ASP A 1 138 ? -6.102  11.681  9.853   1.00 44.64 ? 526 ASP A N   1 
ATOM   1007 C CA  . ASP A 1 138 ? -5.766  10.937  8.614   1.00 44.05 ? 526 ASP A CA  1 
ATOM   1008 C C   . ASP A 1 138 ? -4.358  11.309  8.121   1.00 50.27 ? 526 ASP A C   1 
ATOM   1009 O O   . ASP A 1 138 ? -3.588  10.371  7.813   1.00 53.95 ? 526 ASP A O   1 
ATOM   1010 C CB  . ASP A 1 138 ? -6.842  11.183  7.557   1.00 42.68 ? 526 ASP A CB  1 
ATOM   1011 C CG  . ASP A 1 138 ? -8.140  10.472  7.908   1.00 41.39 ? 526 ASP A CG  1 
ATOM   1012 O OD1 . ASP A 1 138 ? -8.132  9.718   8.898   1.00 38.41 ? 526 ASP A OD1 1 
ATOM   1013 O OD2 . ASP A 1 138 ? -9.157  10.707  7.216   1.00 42.57 ? 526 ASP A OD2 1 
ATOM   1014 N N   . ARG A 1 139 ? -4.032  12.607  8.041   1.00 51.23 ? 527 ARG A N   1 
ATOM   1015 C CA  . ARG A 1 139 ? -2.691  13.116  7.638   1.00 50.15 ? 527 ARG A CA  1 
ATOM   1016 C C   . ARG A 1 139 ? -1.632  12.454  8.524   1.00 47.18 ? 527 ARG A C   1 
ATOM   1017 O O   . ARG A 1 139 ? -0.693  11.866  7.964   1.00 51.15 ? 527 ARG A O   1 
ATOM   1018 C CB  . ARG A 1 139 ? -2.614  14.646  7.735   1.00 53.66 ? 527 ARG A CB  1 
ATOM   1019 C CG  . ARG A 1 139 ? -1.250  15.249  7.399   1.00 55.63 ? 527 ARG A CG  1 
ATOM   1020 C CD  . ARG A 1 139 ? -0.966  16.577  8.093   1.00 56.53 ? 527 ARG A CD  1 
ATOM   1021 N N   . LYS A 1 140 ? -1.788  12.536  9.847   1.00 44.28 ? 528 LYS A N   1 
ATOM   1022 C CA  . LYS A 1 140 ? -0.824  11.985  10.844  1.00 45.21 ? 528 LYS A CA  1 
ATOM   1023 C C   . LYS A 1 140 ? -0.632  10.482  10.577  1.00 45.56 ? 528 LYS A C   1 
ATOM   1024 O O   . LYS A 1 140 ? 0.520   10.009  10.576  1.00 49.76 ? 528 LYS A O   1 
ATOM   1025 C CB  . LYS A 1 140 ? -1.293  12.255  12.284  1.00 43.17 ? 528 LYS A CB  1 
ATOM   1026 C CG  . LYS A 1 140 ? -0.842  13.586  12.882  1.00 44.61 ? 528 LYS A CG  1 
ATOM   1027 N N   . PHE A 1 141 ? -1.725  9.760   10.345  1.00 42.75 ? 529 PHE A N   1 
ATOM   1028 C CA  . PHE A 1 141 ? -1.714  8.306   10.067  1.00 43.69 ? 529 PHE A CA  1 
ATOM   1029 C C   . PHE A 1 141 ? -0.914  8.063   8.790   1.00 46.26 ? 529 PHE A C   1 
ATOM   1030 O O   . PHE A 1 141 ? -0.054  7.188   8.793   1.00 50.03 ? 529 PHE A O   1 
ATOM   1031 C CB  . PHE A 1 141 ? -3.137  7.764   9.963   1.00 41.55 ? 529 PHE A CB  1 
ATOM   1032 C CG  . PHE A 1 141 ? -3.235  6.468   9.221   1.00 39.14 ? 529 PHE A CG  1 
ATOM   1033 C CD1 . PHE A 1 141 ? -2.808  5.288   9.809   1.00 42.23 ? 529 PHE A CD1 1 
ATOM   1034 C CD2 . PHE A 1 141 ? -3.740  6.430   7.935   1.00 38.76 ? 529 PHE A CD2 1 
ATOM   1035 C CE1 . PHE A 1 141 ? -2.904  4.080   9.128   1.00 41.79 ? 529 PHE A CE1 1 
ATOM   1036 C CE2 . PHE A 1 141 ? -3.834  5.227   7.254   1.00 40.70 ? 529 PHE A CE2 1 
ATOM   1037 C CZ  . PHE A 1 141 ? -3.408  4.056   7.846   1.00 42.01 ? 529 PHE A CZ  1 
ATOM   1038 N N   . GLU A 1 142 ? -1.184  8.836   7.738   1.00 49.65 ? 530 GLU A N   1 
ATOM   1039 C CA  . GLU A 1 142 ? -0.477  8.727   6.436   1.00 50.40 ? 530 GLU A CA  1 
ATOM   1040 C C   . GLU A 1 142 ? 1.028   8.849   6.684   1.00 49.90 ? 530 GLU A C   1 
ATOM   1041 O O   . GLU A 1 142 ? 1.796   8.073   6.104   1.00 50.31 ? 530 GLU A O   1 
ATOM   1042 C CB  . GLU A 1 142 ? -0.968  9.806   5.473   1.00 53.84 ? 530 GLU A CB  1 
ATOM   1043 C CG  . GLU A 1 142 ? -0.510  9.599   4.048   1.00 61.73 ? 530 GLU A CG  1 
ATOM   1044 C CD  . GLU A 1 142 ? -1.424  10.222  3.005   1.00 68.03 ? 530 GLU A CD  1 
ATOM   1045 O OE1 . GLU A 1 142 ? -1.556  11.472  3.015   1.00 64.43 ? 530 GLU A OE1 1 
ATOM   1046 O OE2 . GLU A 1 142 ? -2.018  9.455   2.197   1.00 65.62 ? 530 GLU A OE2 1 
ATOM   1047 N N   . GLU A 1 143 ? 1.439   9.777   7.546   1.00 49.06 ? 531 GLU A N   1 
ATOM   1048 C CA  . GLU A 1 143 ? 2.875   10.094  7.721   1.00 49.86 ? 531 GLU A CA  1 
ATOM   1049 C C   . GLU A 1 143 ? 3.554   8.946   8.479   1.00 47.39 ? 531 GLU A C   1 
ATOM   1050 O O   . GLU A 1 143 ? 4.695   8.596   8.102   1.00 48.44 ? 531 GLU A O   1 
ATOM   1051 C CB  . GLU A 1 143 ? 3.036   11.430  8.433   1.00 51.18 ? 531 GLU A CB  1 
ATOM   1052 C CG  . GLU A 1 143 ? 2.613   12.614  7.595   1.00 53.93 ? 531 GLU A CG  1 
ATOM   1053 C CD  . GLU A 1 143 ? 2.564   13.919  8.376   1.00 57.68 ? 531 GLU A CD  1 
ATOM   1054 O OE1 . GLU A 1 143 ? 2.252   14.970  7.750   1.00 60.77 ? 531 GLU A OE1 1 
ATOM   1055 O OE2 . GLU A 1 143 ? 2.846   13.882  9.613   1.00 51.09 ? 531 GLU A OE2 1 
ATOM   1056 N N   . LEU A 1 144 ? 2.880   8.403   9.501   1.00 43.32 ? 532 LEU A N   1 
ATOM   1057 C CA  . LEU A 1 144 ? 3.310   7.196   10.268  1.00 42.75 ? 532 LEU A CA  1 
ATOM   1058 C C   . LEU A 1 144 ? 3.483   6.018   9.287   1.00 48.22 ? 532 LEU A C   1 
ATOM   1059 O O   . LEU A 1 144 ? 4.608   5.428   9.246   1.00 51.77 ? 532 LEU A O   1 
ATOM   1060 C CB  . LEU A 1 144 ? 2.271   6.910   11.356  1.00 39.45 ? 532 LEU A CB  1 
ATOM   1061 C CG  . LEU A 1 144 ? 2.543   5.730   12.290  1.00 43.07 ? 532 LEU A CG  1 
ATOM   1062 C CD1 . LEU A 1 144 ? 3.826   5.923   13.071  1.00 44.70 ? 532 LEU A CD1 1 
ATOM   1063 C CD2 . LEU A 1 144 ? 1.392   5.503   13.262  1.00 40.66 ? 532 LEU A CD2 1 
ATOM   1064 N N   . VAL A 1 145 ? 2.458   5.736   8.469   1.00 43.48 ? 533 VAL A N   1 
ATOM   1065 C CA  . VAL A 1 145 ? 2.484   4.632   7.463   1.00 44.91 ? 533 VAL A CA  1 
ATOM   1066 C C   . VAL A 1 145 ? 3.670   4.835   6.525   1.00 41.50 ? 533 VAL A C   1 
ATOM   1067 O O   . VAL A 1 145 ? 4.427   3.898   6.325   1.00 42.29 ? 533 VAL A O   1 
ATOM   1068 C CB  . VAL A 1 145 ? 1.177   4.516   6.659   1.00 45.25 ? 533 VAL A CB  1 
ATOM   1069 C CG1 . VAL A 1 145 ? 1.335   3.560   5.489   1.00 43.02 ? 533 VAL A CG1 1 
ATOM   1070 C CG2 . VAL A 1 145 ? 0.022   4.075   7.539   1.00 48.21 ? 533 VAL A CG2 1 
ATOM   1071 N N   . GLN A 1 146 ? 3.766   6.007   5.922   1.00 45.07 ? 534 GLN A N   1 
ATOM   1072 C CA  . GLN A 1 146 ? 4.859   6.341   4.985   1.00 47.89 ? 534 GLN A CA  1 
ATOM   1073 C C   . GLN A 1 146 ? 6.183   6.109   5.724   1.00 48.63 ? 534 GLN A C   1 
ATOM   1074 O O   . GLN A 1 146 ? 7.094   5.508   5.117   1.00 51.48 ? 534 GLN A O   1 
ATOM   1075 C CB  . GLN A 1 146 ? 4.695   7.782   4.491   1.00 53.04 ? 534 GLN A CB  1 
ATOM   1076 C CG  . GLN A 1 146 ? 5.525   8.092   3.252   1.00 58.08 ? 534 GLN A CG  1 
ATOM   1077 C CD  . GLN A 1 146 ? 5.818   9.561   3.035   1.00 60.30 ? 534 GLN A CD  1 
ATOM   1078 O OE1 . GLN A 1 146 ? 5.834   10.380  3.961   1.00 56.93 ? 534 GLN A OE1 1 
ATOM   1079 N NE2 . GLN A 1 146 ? 6.082   9.901   1.783   1.00 60.23 ? 534 GLN A NE2 1 
ATOM   1080 N N   . THR A 1 147 ? 6.270   6.548   6.987   1.00 43.51 ? 535 THR A N   1 
ATOM   1081 C CA  . THR A 1 147 ? 7.484   6.430   7.838   1.00 43.16 ? 535 THR A CA  1 
ATOM   1082 C C   . THR A 1 147 ? 7.785   4.955   8.109   1.00 42.92 ? 535 THR A C   1 
ATOM   1083 O O   . THR A 1 147 ? 8.959   4.591   8.031   1.00 44.44 ? 535 THR A O   1 
ATOM   1084 C CB  . THR A 1 147 ? 7.353   7.181   9.167   1.00 41.14 ? 535 THR A CB  1 
ATOM   1085 O OG1 . THR A 1 147 ? 7.334   8.578   8.910   1.00 42.10 ? 535 THR A OG1 1 
ATOM   1086 C CG2 . THR A 1 147 ? 8.491   6.931   10.130  1.00 41.74 ? 535 THR A CG2 1 
ATOM   1087 N N   . ARG A 1 148 ? 6.767   4.157   8.435   1.00 43.52 ? 536 ARG A N   1 
ATOM   1088 C CA  . ARG A 1 148 ? 6.900   2.686   8.606   1.00 44.13 ? 536 ARG A CA  1 
ATOM   1089 C C   . ARG A 1 148 ? 7.383   2.022   7.315   1.00 41.04 ? 536 ARG A C   1 
ATOM   1090 O O   . ARG A 1 148 ? 8.224   1.136   7.403   1.00 48.52 ? 536 ARG A O   1 
ATOM   1091 C CB  . ARG A 1 148 ? 5.575   2.053   9.015   1.00 50.49 ? 536 ARG A CB  1 
ATOM   1092 C CG  . ARG A 1 148 ? 5.527   1.699   10.490  1.00 55.15 ? 536 ARG A CG  1 
ATOM   1093 C CD  . ARG A 1 148 ? 4.623   0.525   10.777  1.00 57.58 ? 536 ARG A CD  1 
ATOM   1094 N NE  . ARG A 1 148 ? 3.875   0.863   11.972  1.00 60.74 ? 536 ARG A NE  1 
ATOM   1095 C CZ  . ARG A 1 148 ? 2.822   1.666   11.989  1.00 59.76 ? 536 ARG A CZ  1 
ATOM   1096 N NH1 . ARG A 1 148 ? 2.379   2.207   10.866  1.00 57.14 ? 536 ARG A NH1 1 
ATOM   1097 N NH2 . ARG A 1 148 ? 2.217   1.921   13.136  1.00 66.96 ? 536 ARG A NH2 1 
ATOM   1098 N N   . ASN A 1 149 ? 6.871   2.432   6.162   1.00 39.04 ? 537 ASN A N   1 
ATOM   1099 C CA  . ASN A 1 149 ? 7.305   1.895   4.846   1.00 37.57 ? 537 ASN A CA  1 
ATOM   1100 C C   . ASN A 1 149 ? 8.741   2.343   4.572   1.00 37.32 ? 537 ASN A C   1 
ATOM   1101 O O   . ASN A 1 149 ? 9.534   1.507   4.112   1.00 43.52 ? 537 ASN A O   1 
ATOM   1102 C CB  . ASN A 1 149 ? 6.359   2.300   3.716   1.00 36.40 ? 537 ASN A CB  1 
ATOM   1103 C CG  . ASN A 1 149 ? 4.967   1.724   3.874   1.00 35.50 ? 537 ASN A CG  1 
ATOM   1104 O OD1 . ASN A 1 149 ? 4.804   0.607   4.360   1.00 33.17 ? 537 ASN A OD1 1 
ATOM   1105 N ND2 . ASN A 1 149 ? 3.958   2.469   3.450   1.00 35.87 ? 537 ASN A ND2 1 
ATOM   1106 N N   . GLN A 1 150 ? 9.082   3.600   4.842   1.00 38.60 ? 538 GLN A N   1 
ATOM   1107 C CA  . GLN A 1 150 ? 10.484  4.072   4.700   1.00 41.44 ? 538 GLN A CA  1 
ATOM   1108 C C   . GLN A 1 150 ? 11.370  3.211   5.609   1.00 40.38 ? 538 GLN A C   1 
ATOM   1109 O O   . GLN A 1 150 ? 12.394  2.687   5.127   1.00 36.61 ? 538 GLN A O   1 
ATOM   1110 C CB  . GLN A 1 150 ? 10.626  5.556   5.037   1.00 46.55 ? 538 GLN A CB  1 
ATOM   1111 C CG  . GLN A 1 150 ? 10.264  6.505   3.898   1.00 49.85 ? 538 GLN A CG  1 
ATOM   1112 C CD  . GLN A 1 150 ? 10.114  7.937   4.365   1.00 53.26 ? 538 GLN A CD  1 
ATOM   1113 O OE1 . GLN A 1 150 ? 10.486  8.294   5.488   1.00 56.72 ? 538 GLN A OE1 1 
ATOM   1114 N NE2 . GLN A 1 150 ? 9.565   8.780   3.503   1.00 45.68 ? 538 GLN A NE2 1 
ATOM   1115 N N   . GLY A 1 151 ? 10.945  3.014   6.858   1.00 40.89 ? 539 GLY A N   1 
ATOM   1116 C CA  . GLY A 1 151 ? 11.694  2.223   7.853   1.00 42.63 ? 539 GLY A CA  1 
ATOM   1117 C C   . GLY A 1 151 ? 11.959  0.809   7.368   1.00 41.58 ? 539 GLY A C   1 
ATOM   1118 O O   . GLY A 1 151 ? 13.119  0.386   7.427   1.00 39.44 ? 539 GLY A O   1 
ATOM   1119 N N   . ASP A 1 152 ? 10.915  0.135   6.882   1.00 41.21 ? 540 ASP A N   1 
ATOM   1120 C CA  . ASP A 1 152 ? 10.928  -1.276  6.421   1.00 43.13 ? 540 ASP A CA  1 
ATOM   1121 C C   . ASP A 1 152 ? 11.838  -1.430  5.192   1.00 44.23 ? 540 ASP A C   1 
ATOM   1122 O O   . ASP A 1 152 ? 12.592  -2.423  5.144   1.00 42.57 ? 540 ASP A O   1 
ATOM   1123 C CB  . ASP A 1 152 ? 9.497   -1.715  6.129   1.00 49.27 ? 540 ASP A CB  1 
ATOM   1124 C CG  . ASP A 1 152 ? 9.263   -3.209  6.062   1.00 51.74 ? 540 ASP A CG  1 
ATOM   1125 O OD1 . ASP A 1 152 ? 9.743   -3.929  6.956   1.00 55.37 ? 540 ASP A OD1 1 
ATOM   1126 O OD2 . ASP A 1 152 ? 8.571   -3.621  5.120   1.00 58.81 ? 540 ASP A OD2 1 
ATOM   1127 N N   . HIS A 1 153 ? 11.783  -0.502  4.231   1.00 41.48 ? 541 HIS A N   1 
ATOM   1128 C CA  . HIS A 1 153 ? 12.687  -0.512  3.052   1.00 42.52 ? 541 HIS A CA  1 
ATOM   1129 C C   . HIS A 1 153 ? 14.139  -0.415  3.524   1.00 44.96 ? 541 HIS A C   1 
ATOM   1130 O O   . HIS A 1 153 ? 14.991  -1.172  3.031   1.00 49.54 ? 541 HIS A O   1 
ATOM   1131 C CB  . HIS A 1 153 ? 12.364  0.615   2.069   1.00 43.51 ? 541 HIS A CB  1 
ATOM   1132 C CG  . HIS A 1 153 ? 13.427  0.818   1.039   1.00 45.69 ? 541 HIS A CG  1 
ATOM   1133 N ND1 . HIS A 1 153 ? 13.529  0.025   -0.087  1.00 48.95 ? 541 HIS A ND1 1 
ATOM   1134 C CD2 . HIS A 1 153 ? 14.443  1.709   0.969   1.00 49.60 ? 541 HIS A CD2 1 
ATOM   1135 C CE1 . HIS A 1 153 ? 14.550  0.427   -0.820  1.00 52.93 ? 541 HIS A CE1 1 
ATOM   1136 N NE2 . HIS A 1 153 ? 15.128  1.469   -0.191  1.00 53.66 ? 541 HIS A NE2 1 
ATOM   1137 N N   . LEU A 1 154 ? 14.416  0.487   4.457   1.00 44.89 ? 542 LEU A N   1 
ATOM   1138 C CA  . LEU A 1 154 ? 15.790  0.676   4.980   1.00 46.64 ? 542 LEU A CA  1 
ATOM   1139 C C   . LEU A 1 154 ? 16.260  -0.620  5.656   1.00 42.75 ? 542 LEU A C   1 
ATOM   1140 O O   . LEU A 1 154 ? 17.419  -0.997  5.454   1.00 41.71 ? 542 LEU A O   1 
ATOM   1141 C CB  . LEU A 1 154 ? 15.825  1.849   5.956   1.00 47.63 ? 542 LEU A CB  1 
ATOM   1142 C CG  . LEU A 1 154 ? 17.138  2.618   5.923   1.00 54.77 ? 542 LEU A CG  1 
ATOM   1143 C CD1 . LEU A 1 154 ? 17.044  3.746   4.899   1.00 59.22 ? 542 LEU A CD1 1 
ATOM   1144 C CD2 . LEU A 1 154 ? 17.502  3.145   7.304   1.00 55.79 ? 542 LEU A CD2 1 
ATOM   1145 N N   . LEU A 1 155 ? 15.382  -1.259  6.428   1.00 38.21 ? 543 LEU A N   1 
ATOM   1146 C CA  . LEU A 1 155 ? 15.645  -2.550  7.105   1.00 37.01 ? 543 LEU A CA  1 
ATOM   1147 C C   . LEU A 1 155 ? 15.904  -3.629  6.040   1.00 37.78 ? 543 LEU A C   1 
ATOM   1148 O O   . LEU A 1 155 ? 17.068  -4.063  5.916   1.00 38.04 ? 543 LEU A O   1 
ATOM   1149 C CB  . LEU A 1 155 ? 14.447  -2.847  8.008   1.00 35.06 ? 543 LEU A CB  1 
ATOM   1150 C CG  . LEU A 1 155 ? 14.367  -4.260  8.560   1.00 36.66 ? 543 LEU A CG  1 
ATOM   1151 C CD1 . LEU A 1 155 ? 15.340  -4.458  9.707   1.00 40.61 ? 543 LEU A CD1 1 
ATOM   1152 C CD2 . LEU A 1 155 ? 12.950  -4.570  9.007   1.00 39.50 ? 543 LEU A CD2 1 
ATOM   1153 N N   . HIS A 1 156 ? 14.896  -4.007  5.251   1.00 41.68 ? 544 HIS A N   1 
ATOM   1154 C CA  . HIS A 1 156 ? 15.013  -5.039  4.178   1.00 44.12 ? 544 HIS A CA  1 
ATOM   1155 C C   . HIS A 1 156 ? 16.284  -4.813  3.345   1.00 41.35 ? 544 HIS A C   1 
ATOM   1156 O O   . HIS A 1 156 ? 17.067  -5.768  3.234   1.00 44.96 ? 544 HIS A O   1 
ATOM   1157 C CB  . HIS A 1 156 ? 13.762  -5.095  3.288   1.00 47.60 ? 544 HIS A CB  1 
ATOM   1158 C CG  . HIS A 1 156 ? 13.789  -6.213  2.296   1.00 53.29 ? 544 HIS A CG  1 
ATOM   1159 N ND1 . HIS A 1 156 ? 14.484  -6.126  1.087   1.00 53.25 ? 544 HIS A ND1 1 
ATOM   1160 C CD2 . HIS A 1 156 ? 13.243  -7.452  2.332   1.00 54.27 ? 544 HIS A CD2 1 
ATOM   1161 C CE1 . HIS A 1 156 ? 14.359  -7.267  0.431   1.00 53.76 ? 544 HIS A CE1 1 
ATOM   1162 N NE2 . HIS A 1 156 ? 13.603  -8.094  1.172   1.00 55.65 ? 544 HIS A NE2 1 
ATOM   1163 N N   . SER A 1 157 ? 16.489  -3.612  2.802   1.00 39.01 ? 545 SER A N   1 
ATOM   1164 C CA  . SER A 1 157 ? 17.665  -3.237  1.965   1.00 38.98 ? 545 SER A CA  1 
ATOM   1165 C C   . SER A 1 157 ? 18.977  -3.492  2.702   1.00 38.83 ? 545 SER A C   1 
ATOM   1166 O O   . SER A 1 157 ? 19.864  -4.115  2.121   1.00 41.53 ? 545 SER A O   1 
ATOM   1167 C CB  . SER A 1 157 ? 17.615  -1.794  1.550   1.00 41.18 ? 545 SER A CB  1 
ATOM   1168 O OG  . SER A 1 157 ? 16.677  -1.604  0.503   1.00 46.65 ? 545 SER A OG  1 
ATOM   1169 N N   . THR A 1 158 ? 19.102  -2.991  3.929   1.00 37.84 ? 546 THR A N   1 
ATOM   1170 C CA  . THR A 1 158 ? 20.343  -3.063  4.734   1.00 37.03 ? 546 THR A CA  1 
ATOM   1171 C C   . THR A 1 158 ? 20.695  -4.539  4.999   1.00 41.11 ? 546 THR A C   1 
ATOM   1172 O O   . THR A 1 158 ? 21.892  -4.876  4.905   1.00 46.14 ? 546 THR A O   1 
ATOM   1173 C CB  . THR A 1 158 ? 20.212  -2.189  5.991   1.00 36.95 ? 546 THR A CB  1 
ATOM   1174 O OG1 . THR A 1 158 ? 20.010  -0.845  5.557   1.00 35.04 ? 546 THR A OG1 1 
ATOM   1175 C CG2 . THR A 1 158 ? 21.441  -2.199  6.879   1.00 37.42 ? 546 THR A CG2 1 
ATOM   1176 N N   . ARG A 1 159 ? 19.712  -5.389  5.313   1.00 42.53 ? 547 ARG A N   1 
ATOM   1177 C CA  . ARG A 1 159 ? 19.942  -6.840  5.550   1.00 46.09 ? 547 ARG A CA  1 
ATOM   1178 C C   . ARG A 1 159 ? 20.536  -7.518  4.304   1.00 48.55 ? 547 ARG A C   1 
ATOM   1179 O O   . ARG A 1 159 ? 21.559  -8.236  4.492   1.00 53.19 ? 547 ARG A O   1 
ATOM   1180 C CB  . ARG A 1 159 ? 18.667  -7.524  6.044   1.00 47.16 ? 547 ARG A CB  1 
ATOM   1181 C CG  . ARG A 1 159 ? 18.625  -7.637  7.560   1.00 50.27 ? 547 ARG A CG  1 
ATOM   1182 C CD  . ARG A 1 159 ? 17.234  -7.729  8.156   1.00 55.32 ? 547 ARG A CD  1 
ATOM   1183 N NE  . ARG A 1 159 ? 17.260  -7.531  9.602   1.00 59.09 ? 547 ARG A NE  1 
ATOM   1184 C CZ  . ARG A 1 159 ? 16.222  -7.703  10.414  1.00 60.28 ? 547 ARG A CZ  1 
ATOM   1185 N NH1 . ARG A 1 159 ? 15.049  -8.073  9.931   1.00 64.31 ? 547 ARG A NH1 1 
ATOM   1186 N NH2 . ARG A 1 159 ? 16.358  -7.492  11.708  1.00 62.22 ? 547 ARG A NH2 1 
ATOM   1187 N N   . LYS A 1 160 ? 19.944  -7.324  3.113   1.00 43.98 ? 548 LYS A N   1 
ATOM   1188 C CA  . LYS A 1 160 ? 20.515  -7.767  1.808   1.00 46.76 ? 548 LYS A CA  1 
ATOM   1189 C C   . LYS A 1 160 ? 21.959  -7.263  1.687   1.00 45.51 ? 548 LYS A C   1 
ATOM   1190 O O   . LYS A 1 160 ? 22.873  -8.072  1.511   1.00 46.38 ? 548 LYS A O   1 
ATOM   1191 C CB  . LYS A 1 160 ? 19.734  -7.218  0.606   1.00 50.60 ? 548 LYS A CB  1 
ATOM   1192 C CG  . LYS A 1 160 ? 18.389  -7.871  0.300   1.00 54.47 ? 548 LYS A CG  1 
ATOM   1193 C CD  . LYS A 1 160 ? 17.804  -7.477  -1.062  1.00 53.55 ? 548 LYS A CD  1 
ATOM   1194 N N   . GLN A 1 161 ? 22.163  -5.955  1.777   1.00 43.96 ? 549 GLN A N   1 
ATOM   1195 C CA  . GLN A 1 161 ? 23.505  -5.344  1.615   1.00 47.34 ? 549 GLN A CA  1 
ATOM   1196 C C   . GLN A 1 161 ? 24.515  -5.967  2.586   1.00 48.42 ? 549 GLN A C   1 
ATOM   1197 O O   . GLN A 1 161 ? 25.701  -5.858  2.306   1.00 52.30 ? 549 GLN A O   1 
ATOM   1198 C CB  . GLN A 1 161 ? 23.414  -3.832  1.813   1.00 47.85 ? 549 GLN A CB  1 
ATOM   1199 C CG  . GLN A 1 161 ? 22.868  -3.107  0.589   1.00 48.21 ? 549 GLN A CG  1 
ATOM   1200 C CD  . GLN A 1 161 ? 22.160  -1.819  0.925   1.00 48.63 ? 549 GLN A CD  1 
ATOM   1201 O OE1 . GLN A 1 161 ? 22.114  -1.377  2.072   1.00 51.61 ? 549 GLN A OE1 1 
ATOM   1202 N NE2 . GLN A 1 161 ? 21.572  -1.213  -0.089  1.00 49.44 ? 549 GLN A NE2 1 
ATOM   1203 N N   . VAL A 1 162 ? 24.073  -6.549  3.700   1.00 50.29 ? 550 VAL A N   1 
ATOM   1204 C CA  . VAL A 1 162 ? 24.953  -7.274  4.671   1.00 56.32 ? 550 VAL A CA  1 
ATOM   1205 C C   . VAL A 1 162 ? 25.252  -8.685  4.135   1.00 59.88 ? 550 VAL A C   1 
ATOM   1206 O O   . VAL A 1 162 ? 26.409  -9.118  4.237   1.00 57.55 ? 550 VAL A O   1 
ATOM   1207 C CB  . VAL A 1 162 ? 24.326  -7.285  6.084   1.00 52.44 ? 550 VAL A CB  1 
ATOM   1208 C CG1 . VAL A 1 162 ? 24.717  -8.498  6.915   1.00 49.24 ? 550 VAL A CG1 1 
ATOM   1209 C CG2 . VAL A 1 162 ? 24.662  -6.002  6.829   1.00 49.42 ? 550 VAL A CG2 1 
ATOM   1210 N N   . GLU A 1 163 ? 24.246  -9.359  3.574   1.00 64.54 ? 551 GLU A N   1 
ATOM   1211 C CA  . GLU A 1 163 ? 24.361  -10.687 2.910   1.00 67.06 ? 551 GLU A CA  1 
ATOM   1212 C C   . GLU A 1 163 ? 25.335  -10.609 1.722   1.00 64.14 ? 551 GLU A C   1 
ATOM   1213 O O   . GLU A 1 163 ? 26.181  -11.507 1.611   1.00 70.33 ? 551 GLU A O   1 
ATOM   1214 C CB  . GLU A 1 163 ? 22.977  -11.169 2.456   1.00 71.32 ? 551 GLU A CB  1 
ATOM   1215 C CG  . GLU A 1 163 ? 22.714  -12.644 2.724   1.00 70.73 ? 551 GLU A CG  1 
ATOM   1216 C CD  . GLU A 1 163 ? 21.510  -12.924 3.614   1.00 73.90 ? 551 GLU A CD  1 
ATOM   1217 O OE1 . GLU A 1 163 ? 20.468  -12.236 3.463   1.00 69.53 ? 551 GLU A OE1 1 
ATOM   1218 O OE2 . GLU A 1 163 ? 21.622  -13.820 4.479   1.00 73.75 ? 551 GLU A OE2 1 
ATOM   1219 N N   . GLU A 1 164 ? 25.236  -9.592  0.860   1.00 64.84 ? 552 GLU A N   1 
ATOM   1220 C CA  . GLU A 1 164 ? 26.089  -9.501  -0.359  1.00 65.33 ? 552 GLU A CA  1 
ATOM   1221 C C   . GLU A 1 164 ? 27.466  -8.922  0.007   1.00 60.11 ? 552 GLU A C   1 
ATOM   1222 O O   . GLU A 1 164 ? 28.444  -9.193  -0.717  1.00 56.55 ? 552 GLU A O   1 
ATOM   1223 C CB  . GLU A 1 164 ? 25.413  -8.703  -1.477  1.00 70.73 ? 552 GLU A CB  1 
ATOM   1224 C CG  . GLU A 1 164 ? 26.298  -8.606  -2.714  1.00 83.03 ? 552 GLU A CG  1 
ATOM   1225 C CD  . GLU A 1 164 ? 25.630  -8.401  -4.064  1.00 87.36 ? 552 GLU A CD  1 
ATOM   1226 O OE1 . GLU A 1 164 ? 26.121  -8.996  -5.045  1.00 79.23 ? 552 GLU A OE1 1 
ATOM   1227 O OE2 . GLU A 1 164 ? 24.648  -7.629  -4.139  1.00 91.71 ? 552 GLU A OE2 1 
ATOM   1228 N N   . ALA A 1 165 ? 27.567  -8.154  1.086   1.00 61.74 ? 553 ALA A N   1 
ATOM   1229 C CA  . ALA A 1 165 ? 28.857  -7.581  1.538   1.00 68.41 ? 553 ALA A CA  1 
ATOM   1230 C C   . ALA A 1 165 ? 29.704  -8.691  2.162   1.00 68.75 ? 553 ALA A C   1 
ATOM   1231 O O   . ALA A 1 165 ? 30.936  -8.545  2.162   1.00 72.52 ? 553 ALA A O   1 
ATOM   1232 C CB  . ALA A 1 165 ? 28.649  -6.443  2.512   1.00 69.43 ? 553 ALA A CB  1 
ATOM   1233 N N   . GLY A 1 166 ? 29.063  -9.746  2.681   1.00 69.06 ? 554 GLY A N   1 
ATOM   1234 C CA  . GLY A 1 166 ? 29.731  -10.814 3.447   1.00 69.22 ? 554 GLY A CA  1 
ATOM   1235 C C   . GLY A 1 166 ? 30.956  -10.279 4.170   1.00 74.51 ? 554 GLY A C   1 
ATOM   1236 O O   . GLY A 1 166 ? 30.837  -9.284  4.918   1.00 78.31 ? 554 GLY A O   1 
ATOM   1237 N N   . ASP A 1 167 ? 32.119  -10.857 3.884   1.00 79.65 ? 555 ASP A N   1 
ATOM   1238 C CA  . ASP A 1 167 ? 33.360  -10.677 4.680   1.00 78.29 ? 555 ASP A CA  1 
ATOM   1239 C C   . ASP A 1 167 ? 33.916  -9.266  4.471   1.00 72.31 ? 555 ASP A C   1 
ATOM   1240 O O   . ASP A 1 167 ? 34.767  -8.871  5.274   1.00 79.03 ? 555 ASP A O   1 
ATOM   1241 C CB  . ASP A 1 167 ? 34.399  -11.745 4.321   1.00 83.24 ? 555 ASP A CB  1 
ATOM   1242 C CG  . ASP A 1 167 ? 33.797  -13.090 3.932   1.00 89.18 ? 555 ASP A CG  1 
ATOM   1243 O OD1 . ASP A 1 167 ? 32.990  -13.134 2.944   1.00 73.93 ? 555 ASP A OD1 1 
ATOM   1244 O OD2 . ASP A 1 167 ? 34.129  -14.085 4.620   1.00 83.35 ? 555 ASP A OD2 1 
ATOM   1245 N N   . LYS A 1 168 ? 33.470  -8.542  3.437   1.00 73.71 ? 556 LYS A N   1 
ATOM   1246 C CA  . LYS A 1 168 ? 33.969  -7.175  3.092   1.00 70.66 ? 556 LYS A CA  1 
ATOM   1247 C C   . LYS A 1 168 ? 33.745  -6.205  4.266   1.00 70.55 ? 556 LYS A C   1 
ATOM   1248 O O   . LYS A 1 168 ? 34.580  -5.285  4.424   1.00 69.34 ? 556 LYS A O   1 
ATOM   1249 C CB  . LYS A 1 168 ? 33.293  -6.633  1.826   1.00 68.31 ? 556 LYS A CB  1 
ATOM   1250 C CG  . LYS A 1 168 ? 33.719  -7.280  0.511   1.00 70.33 ? 556 LYS A CG  1 
ATOM   1251 C CD  . LYS A 1 168 ? 32.712  -7.122  -0.625  1.00 67.65 ? 556 LYS A CD  1 
ATOM   1252 C CE  . LYS A 1 168 ? 33.322  -7.269  -2.007  1.00 66.69 ? 556 LYS A CE  1 
ATOM   1253 N N   . LEU A 1 169 ? 32.687  -6.413  5.069   1.00 62.85 ? 557 LEU A N   1 
ATOM   1254 C CA  . LEU A 1 169 ? 32.224  -5.470  6.127   1.00 56.74 ? 557 LEU A CA  1 
ATOM   1255 C C   . LEU A 1 169 ? 32.972  -5.728  7.436   1.00 52.84 ? 557 LEU A C   1 
ATOM   1256 O O   . LEU A 1 169 ? 32.824  -6.791  8.035   1.00 42.51 ? 557 LEU A O   1 
ATOM   1257 C CB  . LEU A 1 169 ? 30.707  -5.645  6.289   1.00 59.51 ? 557 LEU A CB  1 
ATOM   1258 C CG  . LEU A 1 169 ? 30.016  -4.783  7.349   1.00 55.95 ? 557 LEU A CG  1 
ATOM   1259 C CD1 . LEU A 1 169 ? 29.971  -3.314  6.946   1.00 57.79 ? 557 LEU A CD1 1 
ATOM   1260 C CD2 . LEU A 1 169 ? 28.615  -5.295  7.616   1.00 52.57 ? 557 LEU A CD2 1 
ATOM   1261 N N   . PRO A 1 170 ? 33.788  -4.762  7.935   1.00 56.10 ? 558 PRO A N   1 
ATOM   1262 C CA  . PRO A 1 170 ? 34.450  -4.904  9.231   1.00 55.23 ? 558 PRO A CA  1 
ATOM   1263 C C   . PRO A 1 170 ? 33.469  -5.424  10.282  1.00 59.33 ? 558 PRO A C   1 
ATOM   1264 O O   . PRO A 1 170 ? 32.442  -4.793  10.435  1.00 60.09 ? 558 PRO A O   1 
ATOM   1265 C CB  . PRO A 1 170 ? 34.877  -3.471  9.576   1.00 54.07 ? 558 PRO A CB  1 
ATOM   1266 C CG  . PRO A 1 170 ? 35.109  -2.823  8.235   1.00 52.10 ? 558 PRO A CG  1 
ATOM   1267 C CD  . PRO A 1 170 ? 34.125  -3.484  7.288   1.00 53.07 ? 558 PRO A CD  1 
ATOM   1268 N N   . ALA A 1 171 ? 33.803  -6.539  10.944  1.00 61.72 ? 559 ALA A N   1 
ATOM   1269 C CA  . ALA A 1 171 ? 32.990  -7.192  12.001  1.00 60.34 ? 559 ALA A CA  1 
ATOM   1270 C C   . ALA A 1 171 ? 32.412  -6.128  12.946  1.00 59.64 ? 559 ALA A C   1 
ATOM   1271 O O   . ALA A 1 171 ? 31.218  -6.264  13.325  1.00 59.51 ? 559 ALA A O   1 
ATOM   1272 N N   . ASP A 1 172 ? 33.235  -5.131  13.307  1.00 56.50 ? 560 ASP A N   1 
ATOM   1273 C CA  . ASP A 1 172 ? 32.894  -3.971  14.180  1.00 61.46 ? 560 ASP A CA  1 
ATOM   1274 C C   . ASP A 1 172 ? 31.641  -3.271  13.652  1.00 65.59 ? 560 ASP A C   1 
ATOM   1275 O O   . ASP A 1 172 ? 30.675  -3.121  14.430  1.00 69.12 ? 560 ASP A O   1 
ATOM   1276 C CB  . ASP A 1 172 ? 34.034  -2.942  14.262  1.00 63.08 ? 560 ASP A CB  1 
ATOM   1277 C CG  . ASP A 1 172 ? 34.867  -2.996  15.538  1.00 59.41 ? 560 ASP A CG  1 
ATOM   1278 O OD1 . ASP A 1 172 ? 35.117  -4.113  16.032  1.00 55.19 ? 560 ASP A OD1 1 
ATOM   1279 O OD2 . ASP A 1 172 ? 35.261  -1.918  16.030  1.00 53.09 ? 560 ASP A OD2 1 
ATOM   1280 N N   . ASP A 1 173 ? 31.678  -2.828  12.389  1.00 69.40 ? 561 ASP A N   1 
ATOM   1281 C CA  . ASP A 1 173 ? 30.529  -2.191  11.693  1.00 59.73 ? 561 ASP A CA  1 
ATOM   1282 C C   . ASP A 1 173 ? 29.381  -3.207  11.661  1.00 53.66 ? 561 ASP A C   1 
ATOM   1283 O O   . ASP A 1 173 ? 28.252  -2.823  12.001  1.00 58.28 ? 561 ASP A O   1 
ATOM   1284 C CB  . ASP A 1 173 ? 30.934  -1.646  10.319  1.00 59.04 ? 561 ASP A CB  1 
ATOM   1285 C CG  . ASP A 1 173 ? 31.972  -0.528  10.382  1.00 58.99 ? 561 ASP A CG  1 
ATOM   1286 O OD1 . ASP A 1 173 ? 33.040  -0.747  11.007  1.00 61.27 ? 561 ASP A OD1 1 
ATOM   1287 O OD2 . ASP A 1 173 ? 31.719  0.552   9.795   1.00 51.45 ? 561 ASP A OD2 1 
ATOM   1288 N N   . LYS A 1 174 ? 29.655  -4.473  11.364  1.00 48.58 ? 562 LYS A N   1 
ATOM   1289 C CA  . LYS A 1 174 ? 28.589  -5.508  11.287  1.00 52.65 ? 562 LYS A CA  1 
ATOM   1290 C C   . LYS A 1 174 ? 27.899  -5.627  12.650  1.00 54.93 ? 562 LYS A C   1 
ATOM   1291 O O   . LYS A 1 174 ? 26.692  -5.922  12.674  1.00 62.05 ? 562 LYS A O   1 
ATOM   1292 C CB  . LYS A 1 174 ? 29.106  -6.875  10.826  1.00 53.42 ? 562 LYS A CB  1 
ATOM   1293 C CG  . LYS A 1 174 ? 28.035  -7.784  10.226  1.00 55.69 ? 562 LYS A CG  1 
ATOM   1294 C CD  . LYS A 1 174 ? 27.970  -9.196  10.804  1.00 57.17 ? 562 LYS A CD  1 
ATOM   1295 C CE  . LYS A 1 174 ? 27.447  -10.231 9.819   1.00 61.15 ? 562 LYS A CE  1 
ATOM   1296 N NZ  . LYS A 1 174 ? 26.826  -11.404 10.485  1.00 58.38 ? 562 LYS A NZ  1 
ATOM   1297 N N   . THR A 1 175 ? 28.622  -5.424  13.753  1.00 55.00 ? 563 THR A N   1 
ATOM   1298 C CA  . THR A 1 175 ? 28.018  -5.454  15.114  1.00 54.80 ? 563 THR A CA  1 
ATOM   1299 C C   . THR A 1 175 ? 27.071  -4.257  15.259  1.00 54.46 ? 563 THR A C   1 
ATOM   1300 O O   . THR A 1 175 ? 25.905  -4.482  15.652  1.00 52.71 ? 563 THR A O   1 
ATOM   1301 C CB  . THR A 1 175 ? 29.093  -5.488  16.207  1.00 53.11 ? 563 THR A CB  1 
ATOM   1302 O OG1 . THR A 1 175 ? 29.511  -6.848  16.313  1.00 56.53 ? 563 THR A OG1 1 
ATOM   1303 C CG2 . THR A 1 175 ? 28.608  -4.982  17.548  1.00 50.61 ? 563 THR A CG2 1 
ATOM   1304 N N   . ALA A 1 176 ? 27.570  -3.052  14.940  1.00 51.70 ? 564 ALA A N   1 
ATOM   1305 C CA  . ALA A 1 176 ? 26.892  -1.744  15.117  1.00 53.17 ? 564 ALA A CA  1 
ATOM   1306 C C   . ALA A 1 176 ? 25.575  -1.706  14.323  1.00 53.77 ? 564 ALA A C   1 
ATOM   1307 O O   . ALA A 1 176 ? 24.559  -1.181  14.839  1.00 48.36 ? 564 ALA A O   1 
ATOM   1308 C CB  . ALA A 1 176 ? 27.831  -0.642  14.692  1.00 49.50 ? 564 ALA A CB  1 
ATOM   1309 N N   . ILE A 1 177 ? 25.623  -2.258  13.109  1.00 56.47 ? 565 ILE A N   1 
ATOM   1310 C CA  . ILE A 1 177 ? 24.518  -2.335  12.113  1.00 57.61 ? 565 ILE A CA  1 
ATOM   1311 C C   . ILE A 1 177 ? 23.492  -3.393  12.541  1.00 53.76 ? 565 ILE A C   1 
ATOM   1312 O O   . ILE A 1 177 ? 22.288  -3.110  12.402  1.00 48.91 ? 565 ILE A O   1 
ATOM   1313 C CB  . ILE A 1 177 ? 25.104  -2.629  10.718  1.00 62.73 ? 565 ILE A CB  1 
ATOM   1314 C CG1 . ILE A 1 177 ? 25.995  -1.481  10.236  1.00 64.30 ? 565 ILE A CG1 1 
ATOM   1315 C CG2 . ILE A 1 177 ? 24.005  -2.954  9.716   1.00 63.44 ? 565 ILE A CG2 1 
ATOM   1316 C CD1 . ILE A 1 177 ? 26.678  -1.767  8.924   1.00 66.29 ? 565 ILE A CD1 1 
ATOM   1317 N N   . GLU A 1 178 ? 23.927  -4.563  13.017  1.00 50.52 ? 566 GLU A N   1 
ATOM   1318 C CA  . GLU A 1 178 ? 22.989  -5.666  13.359  1.00 58.16 ? 566 GLU A CA  1 
ATOM   1319 C C   . GLU A 1 178 ? 22.169  -5.260  14.594  1.00 60.34 ? 566 GLU A C   1 
ATOM   1320 O O   . GLU A 1 178 ? 21.054  -5.798  14.759  1.00 61.36 ? 566 GLU A O   1 
ATOM   1321 C CB  . GLU A 1 178 ? 23.733  -6.995  13.529  1.00 62.18 ? 566 GLU A CB  1 
ATOM   1322 C CG  . GLU A 1 178 ? 24.267  -7.562  12.218  1.00 67.45 ? 566 GLU A CG  1 
ATOM   1323 C CD  . GLU A 1 178 ? 24.098  -9.056  11.973  1.00 70.13 ? 566 GLU A CD  1 
ATOM   1324 O OE1 . GLU A 1 178 ? 24.784  -9.865  12.647  1.00 74.34 ? 566 GLU A OE1 1 
ATOM   1325 O OE2 . GLU A 1 178 ? 23.289  -9.411  11.086  1.00 69.06 ? 566 GLU A OE2 1 
ATOM   1326 N N   . SER A 1 179 ? 22.690  -4.334  15.408  1.00 60.33 ? 567 SER A N   1 
ATOM   1327 C CA  . SER A 1 179 ? 22.041  -3.792  16.635  1.00 65.81 ? 567 SER A CA  1 
ATOM   1328 C C   . SER A 1 179 ? 21.001  -2.725  16.268  1.00 59.94 ? 567 SER A C   1 
ATOM   1329 O O   . SER A 1 179 ? 19.966  -2.638  16.952  1.00 65.19 ? 567 SER A O   1 
ATOM   1330 C CB  . SER A 1 179 ? 23.066  -3.213  17.591  1.00 66.16 ? 567 SER A CB  1 
ATOM   1331 O OG  . SER A 1 179 ? 23.417  -4.153  18.592  1.00 69.03 ? 567 SER A OG  1 
ATOM   1332 N N   . ALA A 1 180 ? 21.323  -1.902  15.272  1.00 50.35 ? 568 ALA A N   1 
ATOM   1333 C CA  . ALA A 1 180 ? 20.485  -0.804  14.759  1.00 46.82 ? 568 ALA A CA  1 
ATOM   1334 C C   . ALA A 1 180 ? 19.303  -1.399  13.983  1.00 44.17 ? 568 ALA A C   1 
ATOM   1335 O O   . ALA A 1 180 ? 18.197  -0.852  14.117  1.00 46.03 ? 568 ALA A O   1 
ATOM   1336 C CB  . ALA A 1 180 ? 21.334  0.120   13.921  1.00 45.35 ? 568 ALA A CB  1 
ATOM   1337 N N   . LEU A 1 181 ? 19.519  -2.509  13.262  1.00 41.67 ? 569 LEU A N   1 
ATOM   1338 C CA  . LEU A 1 181 ? 18.462  -3.264  12.529  1.00 41.32 ? 569 LEU A CA  1 
ATOM   1339 C C   . LEU A 1 181 ? 17.480  -3.913  13.503  1.00 40.56 ? 569 LEU A C   1 
ATOM   1340 O O   . LEU A 1 181 ? 16.281  -3.830  13.242  1.00 42.80 ? 569 LEU A O   1 
ATOM   1341 C CB  . LEU A 1 181 ? 19.085  -4.349  11.657  1.00 40.80 ? 569 LEU A CB  1 
ATOM   1342 C CG  . LEU A 1 181 ? 19.967  -3.833  10.533  1.00 41.29 ? 569 LEU A CG  1 
ATOM   1343 C CD1 . LEU A 1 181 ? 20.598  -4.989  9.778   1.00 38.58 ? 569 LEU A CD1 1 
ATOM   1344 C CD2 . LEU A 1 181 ? 19.162  -2.935  9.616   1.00 45.37 ? 569 LEU A CD2 1 
ATOM   1345 N N   . THR A 1 182 ? 17.969  -4.564  14.554  1.00 43.00 ? 570 THR A N   1 
ATOM   1346 C CA  . THR A 1 182 ? 17.105  -5.246  15.553  1.00 47.90 ? 570 THR A CA  1 
ATOM   1347 C C   . THR A 1 182 ? 16.223  -4.211  16.266  1.00 47.45 ? 570 THR A C   1 
ATOM   1348 O O   . THR A 1 182 ? 15.028  -4.509  16.523  1.00 44.78 ? 570 THR A O   1 
ATOM   1349 C CB  . THR A 1 182 ? 17.927  -6.055  16.561  1.00 49.51 ? 570 THR A CB  1 
ATOM   1350 O OG1 . THR A 1 182 ? 18.793  -6.927  15.834  1.00 46.26 ? 570 THR A OG1 1 
ATOM   1351 C CG2 . THR A 1 182 ? 17.038  -6.843  17.502  1.00 51.13 ? 570 THR A CG2 1 
ATOM   1352 N N   . ALA A 1 183 ? 16.792  -3.040  16.571  1.00 46.18 ? 571 ALA A N   1 
ATOM   1353 C CA  . ALA A 1 183 ? 16.087  -1.932  17.253  1.00 46.91 ? 571 ALA A CA  1 
ATOM   1354 C C   . ALA A 1 183 ? 15.076  -1.311  16.279  1.00 44.71 ? 571 ALA A C   1 
ATOM   1355 O O   . ALA A 1 183 ? 13.924  -1.031  16.685  1.00 45.15 ? 571 ALA A O   1 
ATOM   1356 C CB  . ALA A 1 183 ? 17.087  -0.927  17.768  1.00 44.07 ? 571 ALA A CB  1 
ATOM   1357 N N   . LEU A 1 184 ? 15.504  -1.101  15.032  1.00 44.10 ? 572 LEU A N   1 
ATOM   1358 C CA  . LEU A 1 184 ? 14.651  -0.554  13.948  1.00 42.14 ? 572 LEU A CA  1 
ATOM   1359 C C   . LEU A 1 184 ? 13.453  -1.486  13.761  1.00 41.47 ? 572 LEU A C   1 
ATOM   1360 O O   . LEU A 1 184 ? 12.339  -0.979  13.679  1.00 37.50 ? 572 LEU A O   1 
ATOM   1361 C CB  . LEU A 1 184 ? 15.480  -0.436  12.667  1.00 39.80 ? 572 LEU A CB  1 
ATOM   1362 C CG  . LEU A 1 184 ? 14.695  -0.037  11.422  1.00 43.23 ? 572 LEU A CG  1 
ATOM   1363 C CD1 . LEU A 1 184 ? 13.731  1.115   11.696  1.00 41.84 ? 572 LEU A CD1 1 
ATOM   1364 C CD2 . LEU A 1 184 ? 15.658  0.324   10.305  1.00 45.00 ? 572 LEU A CD2 1 
ATOM   1365 N N   . GLU A 1 185 ? 13.699  -2.800  13.741  1.00 43.22 ? 573 GLU A N   1 
ATOM   1366 C CA  . GLU A 1 185 ? 12.673  -3.846  13.537  1.00 43.32 ? 573 GLU A CA  1 
ATOM   1367 C C   . GLU A 1 185 ? 11.685  -3.797  14.712  1.00 44.70 ? 573 GLU A C   1 
ATOM   1368 O O   . GLU A 1 185 ? 10.443  -3.939  14.478  1.00 43.90 ? 573 GLU A O   1 
ATOM   1369 C CB  . GLU A 1 185 ? 13.361  -5.198  13.401  1.00 46.44 ? 573 GLU A CB  1 
ATOM   1370 C CG  . GLU A 1 185 ? 12.468  -6.282  12.829  1.00 50.18 ? 573 GLU A CG  1 
ATOM   1371 C CD  . GLU A 1 185 ? 12.965  -7.703  13.038  1.00 50.18 ? 573 GLU A CD  1 
ATOM   1372 O OE1 . GLU A 1 185 ? 14.078  -7.875  13.588  1.00 52.65 ? 573 GLU A OE1 1 
ATOM   1373 O OE2 . GLU A 1 185 ? 12.226  -8.640  12.668  1.00 51.76 ? 573 GLU A OE2 1 
ATOM   1374 N N   . THR A 1 186 ? 12.183  -3.587  15.933  1.00 40.20 ? 574 THR A N   1 
ATOM   1375 C CA  . THR A 1 186 ? 11.290  -3.468  17.111  1.00 39.16 ? 574 THR A CA  1 
ATOM   1376 C C   . THR A 1 186 ? 10.413  -2.232  16.938  1.00 38.85 ? 574 THR A C   1 
ATOM   1377 O O   . THR A 1 186 ? 9.188   -2.386  17.073  1.00 40.97 ? 574 THR A O   1 
ATOM   1378 C CB  . THR A 1 186 ? 12.019  -3.386  18.454  1.00 41.52 ? 574 THR A CB  1 
ATOM   1379 O OG1 . THR A 1 186 ? 12.821  -4.553  18.644  1.00 40.65 ? 574 THR A OG1 1 
ATOM   1380 C CG2 . THR A 1 186 ? 11.035  -3.265  19.595  1.00 41.34 ? 574 THR A CG2 1 
ATOM   1381 N N   . ALA A 1 187 ? 11.016  -1.062  16.665  1.00 35.80 ? 575 ALA A N   1 
ATOM   1382 C CA  . ALA A 1 187 ? 10.311  0.241   16.592  1.00 31.85 ? 575 ALA A CA  1 
ATOM   1383 C C   . ALA A 1 187 ? 9.223   0.140   15.533  1.00 33.26 ? 575 ALA A C   1 
ATOM   1384 O O   . ALA A 1 187 ? 8.094   0.628   15.743  1.00 32.95 ? 575 ALA A O   1 
ATOM   1385 C CB  . ALA A 1 187 ? 11.271  1.357   16.297  1.00 30.79 ? 575 ALA A CB  1 
ATOM   1386 N N   . LEU A 1 188 ? 9.543   -0.524  14.431  1.00 39.45 ? 576 LEU A N   1 
ATOM   1387 C CA  . LEU A 1 188 ? 8.591   -0.707  13.309  1.00 40.65 ? 576 LEU A CA  1 
ATOM   1388 C C   . LEU A 1 188 ? 7.313   -1.359  13.843  1.00 43.77 ? 576 LEU A C   1 
ATOM   1389 O O   . LEU A 1 188 ? 6.231   -0.950  13.367  1.00 42.97 ? 576 LEU A O   1 
ATOM   1390 C CB  . LEU A 1 188 ? 9.258   -1.519  12.198  1.00 38.89 ? 576 LEU A CB  1 
ATOM   1391 C CG  . LEU A 1 188 ? 10.087  -0.692  11.216  1.00 39.05 ? 576 LEU A CG  1 
ATOM   1392 C CD1 . LEU A 1 188 ? 10.813  -1.590  10.225  1.00 40.46 ? 576 LEU A CD1 1 
ATOM   1393 C CD2 . LEU A 1 188 ? 9.225   0.325   10.485  1.00 38.52 ? 576 LEU A CD2 1 
ATOM   1394 N N   . LYS A 1 189 ? 7.445   -2.255  14.840  1.00 45.92 ? 577 LYS A N   1 
ATOM   1395 C CA  . LYS A 1 189 ? 6.329   -3.003  15.494  1.00 46.64 ? 577 LYS A CA  1 
ATOM   1396 C C   . LYS A 1 189 ? 5.389   -2.061  16.262  1.00 47.78 ? 577 LYS A C   1 
ATOM   1397 O O   . LYS A 1 189 ? 4.270   -2.516  16.546  1.00 44.08 ? 577 LYS A O   1 
ATOM   1398 C CB  . LYS A 1 189 ? 6.843   -4.042  16.496  1.00 48.65 ? 577 LYS A CB  1 
ATOM   1399 C CG  . LYS A 1 189 ? 7.190   -5.415  15.943  1.00 49.87 ? 577 LYS A CG  1 
ATOM   1400 C CD  . LYS A 1 189 ? 8.149   -6.174  16.854  1.00 55.58 ? 577 LYS A CD  1 
ATOM   1401 C CE  . LYS A 1 189 ? 8.056   -7.680  16.735  1.00 57.05 ? 577 LYS A CE  1 
ATOM   1402 N NZ  . LYS A 1 189 ? 8.028   -8.094  15.310  1.00 59.14 ? 577 LYS A NZ  1 
ATOM   1403 N N   . GLY A 1 190 ? 5.822   -0.835  16.608  1.00 49.61 ? 578 GLY A N   1 
ATOM   1404 C CA  . GLY A 1 190 ? 5.030   0.152   17.380  1.00 47.44 ? 578 GLY A CA  1 
ATOM   1405 C C   . GLY A 1 190 ? 4.336   1.198   16.512  1.00 48.49 ? 578 GLY A C   1 
ATOM   1406 O O   . GLY A 1 190 ? 4.316   1.036   15.282  1.00 49.41 ? 578 GLY A O   1 
ATOM   1407 N N   . GLU A 1 191 ? 3.783   2.230   17.165  1.00 52.46 ? 579 GLU A N   1 
ATOM   1408 C CA  . GLU A 1 191 ? 3.011   3.373   16.600  1.00 50.10 ? 579 GLU A CA  1 
ATOM   1409 C C   . GLU A 1 191 ? 3.731   4.711   16.828  1.00 50.19 ? 579 GLU A C   1 
ATOM   1410 O O   . GLU A 1 191 ? 3.125   5.753   16.514  1.00 47.77 ? 579 GLU A O   1 
ATOM   1411 C CB  . GLU A 1 191 ? 1.670   3.547   17.317  1.00 51.53 ? 579 GLU A CB  1 
ATOM   1412 C CG  . GLU A 1 191 ? 0.895   2.264   17.539  1.00 53.49 ? 579 GLU A CG  1 
ATOM   1413 C CD  . GLU A 1 191 ? 0.686   1.441   16.291  1.00 56.45 ? 579 GLU A CD  1 
ATOM   1414 O OE1 . GLU A 1 191 ? 0.730   2.028   15.197  1.00 54.87 ? 579 GLU A OE1 1 
ATOM   1415 O OE2 . GLU A 1 191 ? 0.501   0.219   16.421  1.00 64.66 ? 579 GLU A OE2 1 
ATOM   1416 N N   . ASP A 1 192 ? 4.951   4.692   17.375  1.00 48.05 ? 580 ASP A N   1 
ATOM   1417 C CA  . ASP A 1 192 ? 5.744   5.904   17.702  1.00 44.78 ? 580 ASP A CA  1 
ATOM   1418 C C   . ASP A 1 192 ? 6.661   6.232   16.514  1.00 41.88 ? 580 ASP A C   1 
ATOM   1419 O O   . ASP A 1 192 ? 7.760   5.668   16.437  1.00 43.66 ? 580 ASP A O   1 
ATOM   1420 C CB  . ASP A 1 192 ? 6.488   5.722   19.026  1.00 45.21 ? 580 ASP A CB  1 
ATOM   1421 C CG  . ASP A 1 192 ? 7.235   6.964   19.480  1.00 51.71 ? 580 ASP A CG  1 
ATOM   1422 O OD1 . ASP A 1 192 ? 7.375   7.908   18.648  1.00 48.73 ? 580 ASP A OD1 1 
ATOM   1423 O OD2 . ASP A 1 192 ? 7.679   6.977   20.657  1.00 52.58 ? 580 ASP A OD2 1 
ATOM   1424 N N   . LYS A 1 193 ? 6.212   7.139   15.648  1.00 39.39 ? 581 LYS A N   1 
ATOM   1425 C CA  . LYS A 1 193 ? 6.915   7.619   14.430  1.00 42.68 ? 581 LYS A CA  1 
ATOM   1426 C C   . LYS A 1 193 ? 8.316   8.140   14.788  1.00 45.62 ? 581 LYS A C   1 
ATOM   1427 O O   . LYS A 1 193 ? 9.273   7.837   14.035  1.00 45.41 ? 581 LYS A O   1 
ATOM   1428 C CB  . LYS A 1 193 ? 6.051   8.672   13.727  1.00 42.32 ? 581 LYS A CB  1 
ATOM   1429 C CG  . LYS A 1 193 ? 6.779   9.919   13.245  1.00 47.08 ? 581 LYS A CG  1 
ATOM   1430 C CD  . LYS A 1 193 ? 6.383   10.362  11.860  1.00 47.43 ? 581 LYS A CD  1 
ATOM   1431 C CE  . LYS A 1 193 ? 6.832   11.777  11.574  1.00 53.60 ? 581 LYS A CE  1 
ATOM   1432 N NZ  . LYS A 1 193 ? 6.118   12.363  10.410  1.00 56.91 ? 581 LYS A NZ  1 
ATOM   1433 N N   . ALA A 1 194 ? 8.419   8.900   15.884  1.00 48.22 ? 582 ALA A N   1 
ATOM   1434 C CA  . ALA A 1 194 ? 9.648   9.571   16.370  1.00 43.65 ? 582 ALA A CA  1 
ATOM   1435 C C   . ALA A 1 194 ? 10.725  8.537   16.642  1.00 43.10 ? 582 ALA A C   1 
ATOM   1436 O O   . ALA A 1 194 ? 11.891  8.832   16.356  1.00 49.03 ? 582 ALA A O   1 
ATOM   1437 C CB  . ALA A 1 194 ? 9.372   10.340  17.637  1.00 44.77 ? 582 ALA A CB  1 
ATOM   1438 N N   . ALA A 1 195 ? 10.330  7.410   17.235  1.00 46.01 ? 583 ALA A N   1 
ATOM   1439 C CA  . ALA A 1 195 ? 11.217  6.307   17.686  1.00 43.87 ? 583 ALA A CA  1 
ATOM   1440 C C   . ALA A 1 195 ? 11.705  5.497   16.476  1.00 44.26 ? 583 ALA A C   1 
ATOM   1441 O O   . ALA A 1 195 ? 12.868  5.015   16.511  1.00 49.02 ? 583 ALA A O   1 
ATOM   1442 C CB  . ALA A 1 195 ? 10.484  5.440   18.686  1.00 38.80 ? 583 ALA A CB  1 
ATOM   1443 N N   . ILE A 1 196 ? 10.865  5.354   15.446  1.00 41.43 ? 584 ILE A N   1 
ATOM   1444 C CA  . ILE A 1 196 ? 11.252  4.712   14.158  1.00 40.21 ? 584 ILE A CA  1 
ATOM   1445 C C   . ILE A 1 196 ? 12.293  5.614   13.497  1.00 39.83 ? 584 ILE A C   1 
ATOM   1446 O O   . ILE A 1 196 ? 13.343  5.092   13.110  1.00 46.25 ? 584 ILE A O   1 
ATOM   1447 C CB  . ILE A 1 196 ? 10.028  4.464   13.252  1.00 43.90 ? 584 ILE A CB  1 
ATOM   1448 C CG1 . ILE A 1 196 ? 9.118   3.356   13.795  1.00 42.34 ? 584 ILE A CG1 1 
ATOM   1449 C CG2 . ILE A 1 196 ? 10.452  4.187   11.814  1.00 43.89 ? 584 ILE A CG2 1 
ATOM   1450 C CD1 . ILE A 1 196 ? 7.753   3.317   13.141  1.00 38.90 ? 584 ILE A CD1 1 
ATOM   1451 N N   . GLU A 1 197 ? 12.022  6.919   13.381  1.00 40.26 ? 585 GLU A N   1 
ATOM   1452 C CA  . GLU A 1 197 ? 12.958  7.892   12.747  1.00 43.79 ? 585 GLU A CA  1 
ATOM   1453 C C   . GLU A 1 197 ? 14.303  7.917   13.489  1.00 38.67 ? 585 GLU A C   1 
ATOM   1454 O O   . GLU A 1 197 ? 15.330  8.157   12.857  1.00 40.13 ? 585 GLU A O   1 
ATOM   1455 C CB  . GLU A 1 197 ? 12.380  9.294   12.769  1.00 46.34 ? 585 GLU A CB  1 
ATOM   1456 C CG  . GLU A 1 197 ? 11.483  9.597   11.595  1.00 54.10 ? 585 GLU A CG  1 
ATOM   1457 C CD  . GLU A 1 197 ? 10.739  10.909  11.781  1.00 62.59 ? 585 GLU A CD  1 
ATOM   1458 O OE1 . GLU A 1 197 ? 10.676  11.377  12.950  1.00 61.46 ? 585 GLU A OE1 1 
ATOM   1459 O OE2 . GLU A 1 197 ? 10.240  11.469  10.771  1.00 67.38 ? 585 GLU A OE2 1 
ATOM   1460 N N   . ALA A 1 198 ? 14.290  7.676   14.790  1.00 35.87 ? 586 ALA A N   1 
ATOM   1461 C CA  . ALA A 1 198 ? 15.485  7.674   15.652  1.00 37.34 ? 586 ALA A CA  1 
ATOM   1462 C C   . ALA A 1 198 ? 16.323  6.410   15.394  1.00 40.46 ? 586 ALA A C   1 
ATOM   1463 O O   . ALA A 1 198 ? 17.566  6.523   15.422  1.00 42.73 ? 586 ALA A O   1 
ATOM   1464 C CB  . ALA A 1 198 ? 15.052  7.801   17.084  1.00 36.17 ? 586 ALA A CB  1 
ATOM   1465 N N   . LYS A 1 199 ? 15.692  5.258   15.135  1.00 44.26 ? 587 LYS A N   1 
ATOM   1466 C CA  . LYS A 1 199 ? 16.390  3.988   14.755  1.00 48.00 ? 587 LYS A CA  1 
ATOM   1467 C C   . LYS A 1 199 ? 16.902  4.056   13.309  1.00 45.76 ? 587 LYS A C   1 
ATOM   1468 O O   . LYS A 1 199 ? 17.964  3.439   13.021  1.00 40.13 ? 587 LYS A O   1 
ATOM   1469 C CB  . LYS A 1 199 ? 15.470  2.769   14.890  1.00 49.59 ? 587 LYS A CB  1 
ATOM   1470 C CG  . LYS A 1 199 ? 14.976  2.483   16.304  1.00 49.93 ? 587 LYS A CG  1 
ATOM   1471 C CD  . LYS A 1 199 ? 16.059  2.579   17.360  1.00 46.94 ? 587 LYS A CD  1 
ATOM   1472 C CE  . LYS A 1 199 ? 15.508  2.580   18.768  1.00 46.16 ? 587 LYS A CE  1 
ATOM   1473 N NZ  . LYS A 1 199 ? 16.442  3.246   19.701  1.00 46.45 ? 587 LYS A NZ  1 
ATOM   1474 N N   . MET A 1 200 ? 16.175  4.763   12.440  1.00 40.52 ? 588 MET A N   1 
ATOM   1475 C CA  . MET A 1 200 ? 16.626  5.063   11.061  1.00 39.65 ? 588 MET A CA  1 
ATOM   1476 C C   . MET A 1 200 ? 17.826  6.013   11.146  1.00 39.99 ? 588 MET A C   1 
ATOM   1477 O O   . MET A 1 200 ? 18.756  5.853   10.362  1.00 42.06 ? 588 MET A O   1 
ATOM   1478 C CB  . MET A 1 200 ? 15.478  5.666   10.245  1.00 40.82 ? 588 MET A CB  1 
ATOM   1479 C CG  . MET A 1 200 ? 14.323  4.681   10.059  1.00 42.01 ? 588 MET A CG  1 
ATOM   1480 S SD  . MET A 1 200 ? 12.861  5.262   9.165   1.00 38.66 ? 588 MET A SD  1 
ATOM   1481 C CE  . MET A 1 200 ? 13.572  5.840   7.621   1.00 37.45 ? 588 MET A CE  1 
ATOM   1482 N N   . GLN A 1 201 ? 17.829  6.947   12.099  1.00 41.07 ? 589 GLN A N   1 
ATOM   1483 C CA  . GLN A 1 201 ? 18.965  7.874   12.328  1.00 42.66 ? 589 GLN A CA  1 
ATOM   1484 C C   . GLN A 1 201 ? 20.176  7.046   12.780  1.00 42.59 ? 589 GLN A C   1 
ATOM   1485 O O   . GLN A 1 201 ? 21.280  7.203   12.206  1.00 45.85 ? 589 GLN A O   1 
ATOM   1486 C CB  . GLN A 1 201 ? 18.555  8.937   13.347  1.00 46.59 ? 589 GLN A CB  1 
ATOM   1487 C CG  . GLN A 1 201 ? 19.443  10.171  13.352  1.00 50.41 ? 589 GLN A CG  1 
ATOM   1488 C CD  . GLN A 1 201 ? 18.844  11.280  14.186  1.00 54.30 ? 589 GLN A CD  1 
ATOM   1489 O OE1 . GLN A 1 201 ? 18.164  12.165  13.672  1.00 55.47 ? 589 GLN A OE1 1 
ATOM   1490 N NE2 . GLN A 1 201 ? 19.075  11.226  15.491  1.00 57.54 ? 589 GLN A NE2 1 
ATOM   1491 N N   . GLU A 1 202 ? 19.968  6.163   13.752  1.00 41.94 ? 590 GLU A N   1 
ATOM   1492 C CA  . GLU A 1 202 ? 21.020  5.279   14.305  1.00 44.11 ? 590 GLU A CA  1 
ATOM   1493 C C   . GLU A 1 202 ? 21.635  4.437   13.179  1.00 45.50 ? 590 GLU A C   1 
ATOM   1494 O O   . GLU A 1 202 ? 22.858  4.267   13.196  1.00 52.27 ? 590 GLU A O   1 
ATOM   1495 C CB  . GLU A 1 202 ? 20.450  4.401   15.421  1.00 46.28 ? 590 GLU A CB  1 
ATOM   1496 C CG  . GLU A 1 202 ? 21.508  3.533   16.078  1.00 48.91 ? 590 GLU A CG  1 
ATOM   1497 C CD  . GLU A 1 202 ? 21.088  2.818   17.350  1.00 55.14 ? 590 GLU A CD  1 
ATOM   1498 O OE1 . GLU A 1 202 ? 19.882  2.858   17.699  1.00 57.91 ? 590 GLU A OE1 1 
ATOM   1499 O OE2 . GLU A 1 202 ? 21.973  2.214   17.987  1.00 59.71 ? 590 GLU A OE2 1 
ATOM   1500 N N   . LEU A 1 203 ? 20.828  3.911   12.253  1.00 44.06 ? 591 LEU A N   1 
ATOM   1501 C CA  . LEU A 1 203 ? 21.302  3.002   11.180  1.00 41.98 ? 591 LEU A CA  1 
ATOM   1502 C C   . LEU A 1 203 ? 22.139  3.817   10.186  1.00 42.84 ? 591 LEU A C   1 
ATOM   1503 O O   . LEU A 1 203 ? 23.266  3.417   9.895   1.00 47.10 ? 591 LEU A O   1 
ATOM   1504 C CB  . LEU A 1 203 ? 20.097  2.343   10.503  1.00 44.01 ? 591 LEU A CB  1 
ATOM   1505 C CG  . LEU A 1 203 ? 20.398  1.090   9.682   1.00 47.34 ? 591 LEU A CG  1 
ATOM   1506 C CD1 . LEU A 1 203 ? 20.958  -0.024  10.553  1.00 52.20 ? 591 LEU A CD1 1 
ATOM   1507 C CD2 . LEU A 1 203 ? 19.161  0.576   8.968   1.00 47.31 ? 591 LEU A CD2 1 
ATOM   1508 N N   . ALA A 1 204 ? 21.620  4.941   9.705   1.00 43.21 ? 592 ALA A N   1 
ATOM   1509 C CA  . ALA A 1 204 ? 22.314  5.860   8.770   1.00 46.36 ? 592 ALA A CA  1 
ATOM   1510 C C   . ALA A 1 204 ? 23.768  6.050   9.221   1.00 51.41 ? 592 ALA A C   1 
ATOM   1511 O O   . ALA A 1 204 ? 24.692  5.758   8.417   1.00 54.16 ? 592 ALA A O   1 
ATOM   1512 C CB  . ALA A 1 204 ? 21.583  7.185   8.694   1.00 44.89 ? 592 ALA A CB  1 
ATOM   1513 N N   . GLN A 1 205 ? 23.938  6.483   10.476  1.00 53.39 ? 593 GLN A N   1 
ATOM   1514 C CA  . GLN A 1 205 ? 25.222  6.901   11.115  1.00 48.64 ? 593 GLN A CA  1 
ATOM   1515 C C   . GLN A 1 205 ? 26.235  5.749   11.132  1.00 47.46 ? 593 GLN A C   1 
ATOM   1516 O O   . GLN A 1 205 ? 27.398  5.964   10.722  1.00 52.16 ? 593 GLN A O   1 
ATOM   1517 C CB  . GLN A 1 205 ? 24.915  7.389   12.524  1.00 47.09 ? 593 GLN A CB  1 
ATOM   1518 C CG  . GLN A 1 205 ? 24.144  8.695   12.529  1.00 44.49 ? 593 GLN A CG  1 
ATOM   1519 C CD  . GLN A 1 205 ? 23.525  8.960   13.877  1.00 48.10 ? 593 GLN A CD  1 
ATOM   1520 O OE1 . GLN A 1 205 ? 23.595  8.135   14.793  1.00 47.14 ? 593 GLN A OE1 1 
ATOM   1521 N NE2 . GLN A 1 205 ? 22.894  10.119  13.998  1.00 52.38 ? 593 GLN A NE2 1 
ATOM   1522 N N   . VAL A 1 206 ? 25.791  4.555   11.522  1.00 44.66 ? 594 VAL A N   1 
ATOM   1523 C CA  . VAL A 1 206 ? 26.661  3.356   11.688  1.00 45.46 ? 594 VAL A CA  1 
ATOM   1524 C C   . VAL A 1 206 ? 26.842  2.578   10.369  1.00 43.37 ? 594 VAL A C   1 
ATOM   1525 O O   . VAL A 1 206 ? 27.682  1.655   10.355  1.00 44.02 ? 594 VAL A O   1 
ATOM   1526 C CB  . VAL A 1 206 ? 26.098  2.469   12.805  1.00 50.61 ? 594 VAL A CB  1 
ATOM   1527 C CG1 . VAL A 1 206 ? 25.939  3.268   14.087  1.00 53.11 ? 594 VAL A CG1 1 
ATOM   1528 C CG2 . VAL A 1 206 ? 24.789  1.790   12.405  1.00 52.99 ? 594 VAL A CG2 1 
ATOM   1529 N N   . SER A 1 207 ? 26.133  2.934   9.295   1.00 43.41 ? 595 SER A N   1 
ATOM   1530 C CA  . SER A 1 207 ? 26.111  2.168   8.018   1.00 46.08 ? 595 SER A CA  1 
ATOM   1531 C C   . SER A 1 207 ? 26.952  2.870   6.945   1.00 44.17 ? 595 SER A C   1 
ATOM   1532 O O   . SER A 1 207 ? 26.945  2.388   5.823   1.00 45.52 ? 595 SER A O   1 
ATOM   1533 C CB  . SER A 1 207 ? 24.684  1.937   7.520   1.00 46.22 ? 595 SER A CB  1 
ATOM   1534 O OG  . SER A 1 207 ? 24.009  0.923   8.258   1.00 45.30 ? 595 SER A OG  1 
ATOM   1535 N N   . GLN A 1 208 ? 27.651  3.957   7.267   1.00 48.17 ? 596 GLN A N   1 
ATOM   1536 C CA  . GLN A 1 208 ? 28.437  4.736   6.275   1.00 53.65 ? 596 GLN A CA  1 
ATOM   1537 C C   . GLN A 1 208 ? 29.388  3.808   5.509   1.00 54.64 ? 596 GLN A C   1 
ATOM   1538 O O   . GLN A 1 208 ? 29.597  4.066   4.315   1.00 60.09 ? 596 GLN A O   1 
ATOM   1539 C CB  . GLN A 1 208 ? 29.229  5.870   6.937   1.00 61.68 ? 596 GLN A CB  1 
ATOM   1540 C CG  . GLN A 1 208 ? 30.216  6.553   5.986   1.00 64.98 ? 596 GLN A CG  1 
ATOM   1541 C CD  . GLN A 1 208 ? 30.729  7.887   6.479   1.00 68.87 ? 596 GLN A CD  1 
ATOM   1542 O OE1 . GLN A 1 208 ? 30.256  8.422   7.489   1.00 62.65 ? 596 GLN A OE1 1 
ATOM   1543 N NE2 . GLN A 1 208 ? 31.709  8.430   5.764   1.00 59.90 ? 596 GLN A NE2 1 
ATOM   1544 N N   . LYS A 1 209 ? 29.965  2.797   6.166   1.00 53.36 ? 597 LYS A N   1 
ATOM   1545 C CA  . LYS A 1 209 ? 30.944  1.873   5.534   1.00 54.93 ? 597 LYS A CA  1 
ATOM   1546 C C   . LYS A 1 209 ? 30.209  0.857   4.644   1.00 51.53 ? 597 LYS A C   1 
ATOM   1547 O O   . LYS A 1 209 ? 30.576  0.746   3.459   1.00 54.23 ? 597 LYS A O   1 
ATOM   1548 C CB  . LYS A 1 209 ? 31.830  1.206   6.590   1.00 57.64 ? 597 LYS A CB  1 
ATOM   1549 C CG  . LYS A 1 209 ? 33.143  0.640   6.054   1.00 60.99 ? 597 LYS A CG  1 
ATOM   1550 N N   . LEU A 1 210 ? 29.213  0.140   5.178   1.00 50.99 ? 598 LEU A N   1 
ATOM   1551 C CA  . LEU A 1 210 ? 28.288  -0.761  4.422   1.00 47.52 ? 598 LEU A CA  1 
ATOM   1552 C C   . LEU A 1 210 ? 27.856  -0.068  3.113   1.00 50.19 ? 598 LEU A C   1 
ATOM   1553 O O   . LEU A 1 210 ? 27.998  -0.652  2.013   1.00 49.38 ? 598 LEU A O   1 
ATOM   1554 C CB  . LEU A 1 210 ? 27.069  -1.034  5.312   1.00 47.54 ? 598 LEU A CB  1 
ATOM   1555 C CG  . LEU A 1 210 ? 26.348  -2.380  5.162   1.00 47.76 ? 598 LEU A CG  1 
ATOM   1556 C CD1 . LEU A 1 210 ? 24.866  -2.208  5.466   1.00 47.34 ? 598 LEU A CD1 1 
ATOM   1557 C CD2 . LEU A 1 210 ? 26.515  -3.008  3.784   1.00 45.92 ? 598 LEU A CD2 1 
ATOM   1558 N N   . MET A 1 211 ? 27.347  1.158   3.235   1.00 53.24 ? 599 MET A N   1 
ATOM   1559 C CA  . MET A 1 211 ? 26.929  1.998   2.087   1.00 51.51 ? 599 MET A CA  1 
ATOM   1560 C C   . MET A 1 211 ? 28.095  2.112   1.091   1.00 50.35 ? 599 MET A C   1 
ATOM   1561 O O   . MET A 1 211 ? 27.824  1.969   -0.117  1.00 47.16 ? 599 MET A O   1 
ATOM   1562 C CB  . MET A 1 211 ? 26.461  3.383   2.548   1.00 47.54 ? 599 MET A CB  1 
ATOM   1563 C CG  . MET A 1 211 ? 25.167  3.380   3.377   1.00 49.00 ? 599 MET A CG  1 
ATOM   1564 S SD  . MET A 1 211 ? 23.688  2.562   2.656   1.00 49.67 ? 599 MET A SD  1 
ATOM   1565 C CE  . MET A 1 211 ? 23.911  0.882   3.242   1.00 51.61 ? 599 MET A CE  1 
ATOM   1566 N N   . GLU A 1 212 ? 29.330  2.351   1.558   1.00 51.35 ? 600 GLU A N   1 
ATOM   1567 C CA  . GLU A 1 212 ? 30.526  2.534   0.678   1.00 55.23 ? 600 GLU A CA  1 
ATOM   1568 C C   . GLU A 1 212 ? 30.673  1.283   -0.195  1.00 52.75 ? 600 GLU A C   1 
ATOM   1569 O O   . GLU A 1 212 ? 30.821  1.450   -1.431  1.00 46.41 ? 600 GLU A O   1 
ATOM   1570 C CB  . GLU A 1 212 ? 31.831  2.767   1.460   1.00 59.31 ? 600 GLU A CB  1 
ATOM   1571 C CG  . GLU A 1 212 ? 32.340  4.206   1.453   1.00 59.98 ? 600 GLU A CG  1 
ATOM   1572 N N   . ILE A 1 213 ? 30.562  0.102   0.445   1.00 54.03 ? 601 ILE A N   1 
ATOM   1573 C CA  . ILE A 1 213 ? 30.869  -1.254  -0.111  1.00 47.60 ? 601 ILE A CA  1 
ATOM   1574 C C   . ILE A 1 213 ? 29.828  -1.609  -1.167  1.00 46.84 ? 601 ILE A C   1 
ATOM   1575 O O   . ILE A 1 213 ? 30.220  -2.261  -2.150  1.00 47.77 ? 601 ILE A O   1 
ATOM   1576 C CB  . ILE A 1 213 ? 30.945  -2.345  0.981   1.00 47.12 ? 601 ILE A CB  1 
ATOM   1577 C CG1 . ILE A 1 213 ? 31.996  -2.039  2.053   1.00 48.93 ? 601 ILE A CG1 1 
ATOM   1578 C CG2 . ILE A 1 213 ? 31.196  -3.713  0.361   1.00 45.64 ? 601 ILE A CG2 1 
ATOM   1579 C CD1 . ILE A 1 213 ? 32.100  -3.103  3.129   1.00 47.48 ? 601 ILE A CD1 1 
ATOM   1580 N N   . ALA A 1 214 ? 28.559  -1.247  -0.943  1.00 51.57 ? 602 ALA A N   1 
ATOM   1581 C CA  . ALA A 1 214 ? 27.467  -1.370  -1.942  1.00 55.06 ? 602 ALA A CA  1 
ATOM   1582 C C   . ALA A 1 214 ? 27.808  -0.501  -3.158  1.00 55.13 ? 602 ALA A C   1 
ATOM   1583 O O   . ALA A 1 214 ? 27.398  -0.877  -4.256  1.00 58.30 ? 602 ALA A O   1 
ATOM   1584 C CB  . ALA A 1 214 ? 26.138  -0.997  -1.340  1.00 55.09 ? 602 ALA A CB  1 
ATOM   1585 N N   . GLN A 1 215 ? 28.590  0.567   -2.952  1.00 59.69 ? 603 GLN A N   1 
ATOM   1586 C CA  . GLN A 1 215 ? 29.219  1.429   -3.992  1.00 65.10 ? 603 GLN A CA  1 
ATOM   1587 C C   . GLN A 1 215 ? 28.196  2.498   -4.399  1.00 74.98 ? 603 GLN A C   1 
ATOM   1588 O O   . GLN A 1 215 ? 27.710  2.541   -5.530  1.00 88.93 ? 603 GLN A O   1 
ATOM   1589 C CB  . GLN A 1 215 ? 29.731  0.610   -5.186  1.00 62.83 ? 603 GLN A CB  1 
ATOM   1590 C CG  . GLN A 1 215 ? 30.628  -0.572  -4.822  1.00 60.06 ? 603 GLN A CG  1 
ATOM   1591 C CD  . GLN A 1 215 ? 30.340  -1.789  -5.678  1.00 60.76 ? 603 GLN A CD  1 
ATOM   1592 O OE1 . GLN A 1 215 ? 30.808  -1.890  -6.808  1.00 63.25 ? 603 GLN A OE1 1 
ATOM   1593 N NE2 . GLN A 1 215 ? 29.566  -2.735  -5.158  1.00 52.18 ? 603 GLN A NE2 1 
ATOM   1594 N N   . LEU B 2 5   ? 3.715   1.052   -5.003  1.00 52.33 ? 418 LEU B N   1 
ATOM   1595 C CA  . LEU B 2 5   ? 2.663   0.730   -3.983  1.00 50.92 ? 418 LEU B CA  1 
ATOM   1596 C C   . LEU B 2 5   ? 2.425   -0.786  -3.954  1.00 49.10 ? 418 LEU B C   1 
ATOM   1597 O O   . LEU B 2 5   ? 2.426   -1.431  -5.034  1.00 47.80 ? 418 LEU B O   1 
ATOM   1598 C CB  . LEU B 2 5   ? 1.379   1.494   -4.317  1.00 56.08 ? 418 LEU B CB  1 
ATOM   1599 C CG  . LEU B 2 5   ? 1.395   2.988   -3.991  1.00 54.44 ? 418 LEU B CG  1 
ATOM   1600 C CD1 . LEU B 2 5   ? 0.119   3.659   -4.488  1.00 54.42 ? 418 LEU B CD1 1 
ATOM   1601 C CD2 . LEU B 2 5   ? 1.575   3.217   -2.497  1.00 49.51 ? 418 LEU B CD2 1 
ATOM   1602 N N   . ARG B 2 6   ? 2.236   -1.337  -2.757  1.00 43.75 ? 419 ARG B N   1 
ATOM   1603 C CA  . ARG B 2 6   ? 2.386   -2.782  -2.498  1.00 41.20 ? 419 ARG B CA  1 
ATOM   1604 C C   . ARG B 2 6   ? 1.153   -3.272  -1.747  1.00 42.18 ? 419 ARG B C   1 
ATOM   1605 O O   . ARG B 2 6   ? 0.626   -2.520  -0.912  1.00 43.97 ? 419 ARG B O   1 
ATOM   1606 C CB  . ARG B 2 6   ? 3.704   -3.037  -1.764  1.00 43.20 ? 419 ARG B CB  1 
ATOM   1607 C CG  . ARG B 2 6   ? 4.937   -2.601  -2.560  1.00 49.26 ? 419 ARG B CG  1 
ATOM   1608 C CD  . ARG B 2 6   ? 6.293   -3.017  -1.985  1.00 51.68 ? 419 ARG B CD  1 
ATOM   1609 N NE  . ARG B 2 6   ? 7.418   -2.477  -2.744  1.00 56.84 ? 419 ARG B NE  1 
ATOM   1610 C CZ  . ARG B 2 6   ? 8.716   -2.531  -2.399  1.00 55.89 ? 419 ARG B CZ  1 
ATOM   1611 N NH1 . ARG B 2 6   ? 9.109   -3.138  -1.291  1.00 54.41 ? 419 ARG B NH1 1 
ATOM   1612 N NH2 . ARG B 2 6   ? 9.625   -1.980  -3.189  1.00 52.84 ? 419 ARG B NH2 1 
ATOM   1613 N N   . ILE B 2 7   ? 0.732   -4.497  -2.060  1.00 42.13 ? 420 ILE B N   1 
ATOM   1614 C CA  . ILE B 2 7   ? -0.454  -5.198  -1.505  1.00 41.99 ? 420 ILE B CA  1 
ATOM   1615 C C   . ILE B 2 7   ? 0.042   -6.441  -0.746  1.00 44.41 ? 420 ILE B C   1 
ATOM   1616 O O   . ILE B 2 7   ? 1.092   -6.995  -1.142  1.00 46.01 ? 420 ILE B O   1 
ATOM   1617 C CB  . ILE B 2 7   ? -1.417  -5.529  -2.662  1.00 45.34 ? 420 ILE B CB  1 
ATOM   1618 C CG1 . ILE B 2 7   ? -1.316  -4.506  -3.795  1.00 46.58 ? 420 ILE B CG1 1 
ATOM   1619 C CG2 . ILE B 2 7   ? -2.846  -5.648  -2.161  1.00 51.13 ? 420 ILE B CG2 1 
ATOM   1620 C CD1 . ILE B 2 7   ? -2.189  -4.811  -4.983  1.00 43.87 ? 420 ILE B CD1 1 
ATOM   1621 N N   . ALA B 2 8   ? -0.694  -6.877  0.288   1.00 45.52 ? 421 ALA B N   1 
ATOM   1622 C CA  . ALA B 2 8   ? -0.275  -7.865  1.316   1.00 41.13 ? 421 ALA B CA  1 
ATOM   1623 C C   . ALA B 2 8   ? -1.066  -9.168  1.166   1.00 38.04 ? 421 ALA B C   1 
ATOM   1624 O O   . ALA B 2 8   ? -1.870  -9.244  0.244   1.00 41.15 ? 421 ALA B O   1 
ATOM   1625 C CB  . ALA B 2 8   ? -0.465  -7.257  2.690   1.00 41.41 ? 421 ALA B CB  1 
HETATM 1626 S S   . SO4 C 3 .   ? 12.971  -2.917  -1.057  1.00 79.27 ? 701 SO4 A S   1 
HETATM 1627 O O1  . SO4 C 3 .   ? 14.146  -3.606  -0.572  1.00 74.01 ? 701 SO4 A O1  1 
HETATM 1628 O O2  . SO4 C 3 .   ? 12.067  -3.870  -1.641  1.00 67.84 ? 701 SO4 A O2  1 
HETATM 1629 O O3  . SO4 C 3 .   ? 13.364  -1.951  -2.060  1.00 67.10 ? 701 SO4 A O3  1 
HETATM 1630 O O4  . SO4 C 3 .   ? 12.314  -2.259  0.053   1.00 63.94 ? 701 SO4 A O4  1 
HETATM 1631 O O   . HOH D 4 .   ? -15.093 7.597   -6.833  1.00 45.91 ? 801 HOH A O   1 
HETATM 1632 O O   . HOH D 4 .   ? 6.550   -14.079 -5.167  1.00 31.00 ? 802 HOH A O   1 
HETATM 1633 O O   . HOH D 4 .   ? 9.237   -8.887  3.483   1.00 36.69 ? 803 HOH A O   1 
HETATM 1634 O O   . HOH D 4 .   ? 5.753   -14.313 1.236   1.00 36.70 ? 804 HOH A O   1 
HETATM 1635 O O   . HOH D 4 .   ? -1.447  -3.445  5.403   1.00 41.69 ? 805 HOH A O   1 
HETATM 1636 O O   . HOH D 4 .   ? 3.857   -20.692 -14.623 1.00 34.37 ? 806 HOH A O   1 
# 
loop_
_pdbx_poly_seq_scheme.asym_id 
_pdbx_poly_seq_scheme.entity_id 
_pdbx_poly_seq_scheme.seq_id 
_pdbx_poly_seq_scheme.mon_id 
_pdbx_poly_seq_scheme.ndb_seq_num 
_pdbx_poly_seq_scheme.pdb_seq_num 
_pdbx_poly_seq_scheme.auth_seq_num 
_pdbx_poly_seq_scheme.pdb_mon_id 
_pdbx_poly_seq_scheme.auth_mon_id 
_pdbx_poly_seq_scheme.pdb_strand_id 
_pdbx_poly_seq_scheme.pdb_ins_code 
_pdbx_poly_seq_scheme.hetero 
A 1 1   VAL 1   389 389 VAL VAL A . n 
A 1 2   LEU 2   390 390 LEU LEU A . n 
A 1 3   LEU 3   391 391 LEU LEU A . n 
A 1 4   LEU 4   392 392 LEU LEU A . n 
A 1 5   ASP 5   393 393 ASP ASP A . n 
A 1 6   VAL 6   394 394 VAL VAL A . n 
A 1 7   THR 7   395 395 THR THR A . n 
A 1 8   PRO 8   396 396 PRO PRO A . n 
A 1 9   LEU 9   397 397 LEU LEU A . n 
A 1 10  SER 10  398 398 SER SER A . n 
A 1 11  LEU 11  399 399 LEU LEU A . n 
A 1 12  GLY 12  400 400 GLY GLY A . n 
A 1 13  ILE 13  401 401 ILE ILE A . n 
A 1 14  GLU 14  402 402 GLU GLU A . n 
A 1 15  THR 15  403 403 THR THR A . n 
A 1 16  MET 16  404 404 MET MET A . n 
A 1 17  GLY 17  405 405 GLY GLY A . n 
A 1 18  GLY 18  406 406 GLY GLY A . n 
A 1 19  VAL 19  407 407 VAL VAL A . n 
A 1 20  MET 20  408 408 MET MET A . n 
A 1 21  THR 21  409 409 THR THR A . n 
A 1 22  THR 22  410 410 THR THR A . n 
A 1 23  LEU 23  411 411 LEU LEU A . n 
A 1 24  ILE 24  412 412 ILE ILE A . n 
A 1 25  ALA 25  413 413 ALA ALA A . n 
A 1 26  LYS 26  414 414 LYS LYS A . n 
A 1 27  ASN 27  415 415 ASN ASN A . n 
A 1 28  THR 28  416 416 THR THR A . n 
A 1 29  THR 29  417 417 THR THR A . n 
A 1 30  ILE 30  418 418 ILE ILE A . n 
A 1 31  PRO 31  419 419 PRO PRO A . n 
A 1 32  THR 32  420 420 THR THR A . n 
A 1 33  LYS 33  421 421 LYS LYS A . n 
A 1 34  HIS 34  422 422 HIS HIS A . n 
A 1 35  SER 35  423 423 SER SER A . n 
A 1 36  GLN 36  424 424 GLN GLN A . n 
A 1 37  VAL 37  425 425 VAL VAL A . n 
A 1 38  PHE 38  426 426 PHE PHE A . n 
A 1 39  SER 39  427 427 SER SER A . n 
A 1 40  THR 40  428 428 THR THR A . n 
A 1 41  ALA 41  429 429 ALA ALA A . n 
A 1 42  GLU 42  430 430 GLU GLU A . n 
A 1 43  ASP 43  431 431 ASP ASP A . n 
A 1 44  ASN 44  432 432 ASN ASN A . n 
A 1 45  GLN 45  433 433 GLN GLN A . n 
A 1 46  SER 46  434 434 SER SER A . n 
A 1 47  ALA 47  435 435 ALA ALA A . n 
A 1 48  VAL 48  436 436 VAL VAL A . n 
A 1 49  THR 49  437 437 THR THR A . n 
A 1 50  ILE 50  438 438 ILE ILE A . n 
A 1 51  HIS 51  439 439 HIS HIS A . n 
A 1 52  VAL 52  440 440 VAL VAL A . n 
A 1 53  LEU 53  441 441 LEU LEU A . n 
A 1 54  GLN 54  442 442 GLN GLN A . n 
A 1 55  GLY 55  443 443 GLY GLY A . n 
A 1 56  GLU 56  444 444 GLU GLU A . n 
A 1 57  ARG 57  445 445 ARG ARG A . n 
A 1 58  LYS 58  446 446 LYS LYS A . n 
A 1 59  ARG 59  447 447 ARG ARG A . n 
A 1 60  ALA 60  448 448 ALA ALA A . n 
A 1 61  ALA 61  449 449 ALA ALA A . n 
A 1 62  ASP 62  450 450 ASP ASP A . n 
A 1 63  ASN 63  451 451 ASN ASN A . n 
A 1 64  LYS 64  452 452 LYS LYS A . n 
A 1 65  SER 65  453 453 SER SER A . n 
A 1 66  LEU 66  454 454 LEU LEU A . n 
A 1 67  GLY 67  455 455 GLY GLY A . n 
A 1 68  GLN 68  456 456 GLN GLN A . n 
A 1 69  PHE 69  457 457 PHE PHE A . n 
A 1 70  ASN 70  458 458 ASN ASN A . n 
A 1 71  LEU 71  459 459 LEU LEU A . n 
A 1 72  ASP 72  460 460 ASP ASP A . n 
A 1 73  GLY 73  461 461 GLY GLY A . n 
A 1 74  ILE 74  462 462 ILE ILE A . n 
A 1 75  ASN 75  463 463 ASN ASN A . n 
A 1 76  PRO 76  464 464 PRO PRO A . n 
A 1 77  ALA 77  465 465 ALA ALA A . n 
A 1 78  PRO 78  466 466 PRO PRO A . n 
A 1 79  ARG 79  467 467 ARG ARG A . n 
A 1 80  GLY 80  468 468 GLY GLY A . n 
A 1 81  MET 81  469 469 MET MET A . n 
A 1 82  PRO 82  470 470 PRO PRO A . n 
A 1 83  GLN 83  471 471 GLN GLN A . n 
A 1 84  ILE 84  472 472 ILE ILE A . n 
A 1 85  GLU 85  473 473 GLU GLU A . n 
A 1 86  VAL 86  474 474 VAL VAL A . n 
A 1 87  THR 87  475 475 THR THR A . n 
A 1 88  PHE 88  476 476 PHE PHE A . n 
A 1 89  ASP 89  477 477 ASP ASP A . n 
A 1 90  ILE 90  478 478 ILE ILE A . n 
A 1 91  ASP 91  479 479 ASP ASP A . n 
A 1 92  ALA 92  480 480 ALA ALA A . n 
A 1 93  ASP 93  481 481 ASP ASP A . n 
A 1 94  GLY 94  482 482 GLY GLY A . n 
A 1 95  ILE 95  483 483 ILE ILE A . n 
A 1 96  LEU 96  484 484 LEU LEU A . n 
A 1 97  HIS 97  485 485 HIS HIS A . n 
A 1 98  VAL 98  486 486 VAL VAL A . n 
A 1 99  SER 99  487 487 SER SER A . n 
A 1 100 ALA 100 488 488 ALA ALA A . n 
A 1 101 LYS 101 489 489 LYS LYS A . n 
A 1 102 ASP 102 490 490 ASP ASP A . n 
A 1 103 LYS 103 491 491 LYS LYS A . n 
A 1 104 ASN 104 492 492 ASN ASN A . n 
A 1 105 SER 105 493 493 SER SER A . n 
A 1 106 GLY 106 494 494 GLY GLY A . n 
A 1 107 LYS 107 495 495 LYS LYS A . n 
A 1 108 GLU 108 496 496 GLU GLU A . n 
A 1 109 GLN 109 497 497 GLN GLN A . n 
A 1 110 LYS 110 498 498 LYS LYS A . n 
A 1 111 ILE 111 499 499 ILE ILE A . n 
A 1 112 THR 112 500 500 THR THR A . n 
A 1 113 ILE 113 501 501 ILE ILE A . n 
A 1 114 LYS 114 502 502 LYS LYS A . n 
A 1 115 ALA 115 503 503 ALA ALA A . n 
A 1 116 SER 116 504 504 SER SER A . n 
A 1 117 SER 117 505 505 SER SER A . n 
A 1 118 GLY 118 506 506 GLY GLY A . n 
A 1 119 LEU 119 507 507 LEU LEU A . n 
A 1 120 ASN 120 508 508 ASN ASN A . n 
A 1 121 GLU 121 509 509 GLU GLU A . n 
A 1 122 ASP 122 510 510 ASP ASP A . n 
A 1 123 GLU 123 511 511 GLU GLU A . n 
A 1 124 ILE 124 512 512 ILE ILE A . n 
A 1 125 GLN 125 513 513 GLN GLN A . n 
A 1 126 LYS 126 514 514 LYS LYS A . n 
A 1 127 MET 127 515 515 MET MET A . n 
A 1 128 VAL 128 516 516 VAL VAL A . n 
A 1 129 ARG 129 517 517 ARG ARG A . n 
A 1 130 ASP 130 518 518 ASP ASP A . n 
A 1 131 ALA 131 519 519 ALA ALA A . n 
A 1 132 GLU 132 520 520 GLU GLU A . n 
A 1 133 ALA 133 521 521 ALA ALA A . n 
A 1 134 ASN 134 522 522 ASN ASN A . n 
A 1 135 ALA 135 523 523 ALA ALA A . n 
A 1 136 GLU 136 524 524 GLU GLU A . n 
A 1 137 ALA 137 525 525 ALA ALA A . n 
A 1 138 ASP 138 526 526 ASP ASP A . n 
A 1 139 ARG 139 527 527 ARG ARG A . n 
A 1 140 LYS 140 528 528 LYS LYS A . n 
A 1 141 PHE 141 529 529 PHE PHE A . n 
A 1 142 GLU 142 530 530 GLU GLU A . n 
A 1 143 GLU 143 531 531 GLU GLU A . n 
A 1 144 LEU 144 532 532 LEU LEU A . n 
A 1 145 VAL 145 533 533 VAL VAL A . n 
A 1 146 GLN 146 534 534 GLN GLN A . n 
A 1 147 THR 147 535 535 THR THR A . n 
A 1 148 ARG 148 536 536 ARG ARG A . n 
A 1 149 ASN 149 537 537 ASN ASN A . n 
A 1 150 GLN 150 538 538 GLN GLN A . n 
A 1 151 GLY 151 539 539 GLY GLY A . n 
A 1 152 ASP 152 540 540 ASP ASP A . n 
A 1 153 HIS 153 541 541 HIS HIS A . n 
A 1 154 LEU 154 542 542 LEU LEU A . n 
A 1 155 LEU 155 543 543 LEU LEU A . n 
A 1 156 HIS 156 544 544 HIS HIS A . n 
A 1 157 SER 157 545 545 SER SER A . n 
A 1 158 THR 158 546 546 THR THR A . n 
A 1 159 ARG 159 547 547 ARG ARG A . n 
A 1 160 LYS 160 548 548 LYS LYS A . n 
A 1 161 GLN 161 549 549 GLN GLN A . n 
A 1 162 VAL 162 550 550 VAL VAL A . n 
A 1 163 GLU 163 551 551 GLU GLU A . n 
A 1 164 GLU 164 552 552 GLU GLU A . n 
A 1 165 ALA 165 553 553 ALA ALA A . n 
A 1 166 GLY 166 554 554 GLY GLY A . n 
A 1 167 ASP 167 555 555 ASP ASP A . n 
A 1 168 LYS 168 556 556 LYS LYS A . n 
A 1 169 LEU 169 557 557 LEU LEU A . n 
A 1 170 PRO 170 558 558 PRO PRO A . n 
A 1 171 ALA 171 559 559 ALA ALA A . n 
A 1 172 ASP 172 560 560 ASP ASP A . n 
A 1 173 ASP 173 561 561 ASP ASP A . n 
A 1 174 LYS 174 562 562 LYS LYS A . n 
A 1 175 THR 175 563 563 THR THR A . n 
A 1 176 ALA 176 564 564 ALA ALA A . n 
A 1 177 ILE 177 565 565 ILE ILE A . n 
A 1 178 GLU 178 566 566 GLU GLU A . n 
A 1 179 SER 179 567 567 SER SER A . n 
A 1 180 ALA 180 568 568 ALA ALA A . n 
A 1 181 LEU 181 569 569 LEU LEU A . n 
A 1 182 THR 182 570 570 THR THR A . n 
A 1 183 ALA 183 571 571 ALA ALA A . n 
A 1 184 LEU 184 572 572 LEU LEU A . n 
A 1 185 GLU 185 573 573 GLU GLU A . n 
A 1 186 THR 186 574 574 THR THR A . n 
A 1 187 ALA 187 575 575 ALA ALA A . n 
A 1 188 LEU 188 576 576 LEU LEU A . n 
A 1 189 LYS 189 577 577 LYS LYS A . n 
A 1 190 GLY 190 578 578 GLY GLY A . n 
A 1 191 GLU 191 579 579 GLU GLU A . n 
A 1 192 ASP 192 580 580 ASP ASP A . n 
A 1 193 LYS 193 581 581 LYS LYS A . n 
A 1 194 ALA 194 582 582 ALA ALA A . n 
A 1 195 ALA 195 583 583 ALA ALA A . n 
A 1 196 ILE 196 584 584 ILE ILE A . n 
A 1 197 GLU 197 585 585 GLU GLU A . n 
A 1 198 ALA 198 586 586 ALA ALA A . n 
A 1 199 LYS 199 587 587 LYS LYS A . n 
A 1 200 MET 200 588 588 MET MET A . n 
A 1 201 GLN 201 589 589 GLN GLN A . n 
A 1 202 GLU 202 590 590 GLU GLU A . n 
A 1 203 LEU 203 591 591 LEU LEU A . n 
A 1 204 ALA 204 592 592 ALA ALA A . n 
A 1 205 GLN 205 593 593 GLN GLN A . n 
A 1 206 VAL 206 594 594 VAL VAL A . n 
A 1 207 SER 207 595 595 SER SER A . n 
A 1 208 GLN 208 596 596 GLN GLN A . n 
A 1 209 LYS 209 597 597 LYS LYS A . n 
A 1 210 LEU 210 598 598 LEU LEU A . n 
A 1 211 MET 211 599 599 MET MET A . n 
A 1 212 GLU 212 600 600 GLU GLU A . n 
A 1 213 ILE 213 601 601 ILE ILE A . n 
A 1 214 ALA 214 602 602 ALA ALA A . n 
A 1 215 GLN 215 603 603 GLN GLN A . n 
A 1 216 GLN 216 604 ?   ?   ?   A . n 
A 1 217 GLN 217 605 ?   ?   ?   A . n 
A 1 218 HIS 218 606 ?   ?   ?   A . n 
A 1 219 ALA 219 607 ?   ?   ?   A . n 
B 2 1   ARG 1   414 ?   ?   ?   B . n 
B 2 2   GLY 2   415 ?   ?   ?   B . n 
B 2 3   SER 3   416 ?   ?   ?   B . n 
B 2 4   GLN 4   417 ?   ?   ?   B . n 
B 2 5   LEU 5   418 417 LEU LEU B . n 
B 2 6   ARG 6   419 418 ARG ARG B . n 
B 2 7   ILE 7   420 419 ILE ILE B . n 
B 2 8   ALA 8   421 420 ALA ALA B . n 
B 2 9   SER 9   422 ?   ?   ?   B . n 
B 2 10  ARG 10  423 ?   ?   ?   B . n 
# 
loop_
_pdbx_nonpoly_scheme.asym_id 
_pdbx_nonpoly_scheme.entity_id 
_pdbx_nonpoly_scheme.mon_id 
_pdbx_nonpoly_scheme.ndb_seq_num 
_pdbx_nonpoly_scheme.pdb_seq_num 
_pdbx_nonpoly_scheme.auth_seq_num 
_pdbx_nonpoly_scheme.pdb_mon_id 
_pdbx_nonpoly_scheme.auth_mon_id 
_pdbx_nonpoly_scheme.pdb_strand_id 
_pdbx_nonpoly_scheme.pdb_ins_code 
C 3 SO4 1 701 1 SO4 SO4 A . 
D 4 HOH 1 801 6 HOH HOH A . 
D 4 HOH 2 802 2 HOH HOH A . 
D 4 HOH 3 803 4 HOH HOH A . 
D 4 HOH 4 804 3 HOH HOH A . 
D 4 HOH 5 805 1 HOH HOH A . 
D 4 HOH 6 806 5 HOH HOH A . 
# 
_pdbx_struct_assembly.id                   1 
_pdbx_struct_assembly.details              author_and_software_defined_assembly 
_pdbx_struct_assembly.method_details       PISA 
_pdbx_struct_assembly.oligomeric_details   dimeric 
_pdbx_struct_assembly.oligomeric_count     2 
# 
_pdbx_struct_assembly_gen.assembly_id       1 
_pdbx_struct_assembly_gen.oper_expression   1 
_pdbx_struct_assembly_gen.asym_id_list      A,B,C,D 
# 
loop_
_pdbx_struct_assembly_prop.biol_id 
_pdbx_struct_assembly_prop.type 
_pdbx_struct_assembly_prop.value 
_pdbx_struct_assembly_prop.details 
1 'ABSA (A^2)' 1160  ? 
1 MORE         -21   ? 
1 'SSA (A^2)'  12060 ? 
# 
_pdbx_struct_oper_list.id                   1 
_pdbx_struct_oper_list.type                 'identity operation' 
_pdbx_struct_oper_list.name                 1_555 
_pdbx_struct_oper_list.symmetry_operation   x,y,z 
_pdbx_struct_oper_list.matrix[1][1]         1.0000000000 
_pdbx_struct_oper_list.matrix[1][2]         0.0000000000 
_pdbx_struct_oper_list.matrix[1][3]         0.0000000000 
_pdbx_struct_oper_list.vector[1]            0.0000000000 
_pdbx_struct_oper_list.matrix[2][1]         0.0000000000 
_pdbx_struct_oper_list.matrix[2][2]         1.0000000000 
_pdbx_struct_oper_list.matrix[2][3]         0.0000000000 
_pdbx_struct_oper_list.vector[2]            0.0000000000 
_pdbx_struct_oper_list.matrix[3][1]         0.0000000000 
_pdbx_struct_oper_list.matrix[3][2]         0.0000000000 
_pdbx_struct_oper_list.matrix[3][3]         1.0000000000 
_pdbx_struct_oper_list.vector[3]            0.0000000000 
# 
loop_
_pdbx_audit_revision_history.ordinal 
_pdbx_audit_revision_history.data_content_type 
_pdbx_audit_revision_history.major_revision 
_pdbx_audit_revision_history.minor_revision 
_pdbx_audit_revision_history.revision_date 
1 'Structure model' 1 0 2020-08-26 
2 'Structure model' 2 0 2021-07-07 
3 'Structure model' 2 1 2021-10-20 
4 'Structure model' 2 2 2023-10-18 
# 
_pdbx_audit_revision_details.ordinal             1 
_pdbx_audit_revision_details.revision_ordinal    1 
_pdbx_audit_revision_details.data_content_type   'Structure model' 
_pdbx_audit_revision_details.provider            repository 
_pdbx_audit_revision_details.type                'Initial release' 
_pdbx_audit_revision_details.description         ? 
_pdbx_audit_revision_details.details             ? 
# 
loop_
_pdbx_audit_revision_group.ordinal 
_pdbx_audit_revision_group.revision_ordinal 
_pdbx_audit_revision_group.data_content_type 
_pdbx_audit_revision_group.group 
1 2 'Structure model' Advisory                 
2 2 'Structure model' 'Atomic model'           
3 2 'Structure model' 'Database references'    
4 2 'Structure model' 'Derived calculations'   
5 2 'Structure model' 'Structure summary'      
6 3 'Structure model' 'Database references'    
7 4 'Structure model' 'Data collection'        
8 4 'Structure model' 'Refinement description' 
# 
loop_
_pdbx_audit_revision_category.ordinal 
_pdbx_audit_revision_category.revision_ordinal 
_pdbx_audit_revision_category.data_content_type 
_pdbx_audit_revision_category.category 
1  2 'Structure model' atom_site                       
2  2 'Structure model' pdbx_poly_seq_scheme            
3  2 'Structure model' pdbx_struct_sheet_hbond         
4  2 'Structure model' pdbx_unobs_or_zero_occ_residues 
5  2 'Structure model' struct_ref_seq                  
6  2 'Structure model' struct_ref_seq_dif              
7  2 'Structure model' struct_sheet_range              
8  2 'Structure model' struct_site_gen                 
9  3 'Structure model' citation                        
10 3 'Structure model' citation_author                 
11 3 'Structure model' database_2                      
12 4 'Structure model' chem_comp_atom                  
13 4 'Structure model' chem_comp_bond                  
14 4 'Structure model' pdbx_initial_refinement_model   
# 
loop_
_pdbx_audit_revision_item.ordinal 
_pdbx_audit_revision_item.revision_ordinal 
_pdbx_audit_revision_item.data_content_type 
_pdbx_audit_revision_item.item 
1  2 'Structure model' '_atom_site.auth_seq_id'                       
2  2 'Structure model' '_pdbx_poly_seq_scheme.pdb_seq_num'            
3  2 'Structure model' '_pdbx_struct_sheet_hbond.range_2_auth_seq_id' 
4  2 'Structure model' '_pdbx_unobs_or_zero_occ_residues.auth_seq_id' 
5  2 'Structure model' '_struct_ref_seq.pdbx_auth_seq_align_beg'      
6  2 'Structure model' '_struct_ref_seq.pdbx_auth_seq_align_end'      
7  2 'Structure model' '_struct_ref_seq_dif.pdbx_auth_seq_num'        
8  2 'Structure model' '_struct_sheet_range.beg_auth_seq_id'          
9  2 'Structure model' '_struct_sheet_range.end_auth_seq_id'          
10 2 'Structure model' '_struct_site_gen.auth_seq_id'                 
11 3 'Structure model' '_citation.country'                            
12 3 'Structure model' '_citation.journal_abbrev'                     
13 3 'Structure model' '_citation.journal_id_ASTM'                    
14 3 'Structure model' '_citation.journal_id_CSD'                     
15 3 'Structure model' '_citation.journal_id_ISSN'                    
16 3 'Structure model' '_citation.journal_volume'                     
17 3 'Structure model' '_citation.pdbx_database_id_DOI'               
18 3 'Structure model' '_citation.pdbx_database_id_PubMed'            
19 3 'Structure model' '_citation.title'                              
20 3 'Structure model' '_citation.year'                               
21 3 'Structure model' '_database_2.pdbx_DOI'                         
22 3 'Structure model' '_database_2.pdbx_database_accession'          
# 
loop_
_software.citation_id 
_software.classification 
_software.compiler_name 
_software.compiler_version 
_software.contact_author 
_software.contact_author_email 
_software.date 
_software.description 
_software.dependencies 
_software.hardware 
_software.language 
_software.location 
_software.mods 
_software.name 
_software.os 
_software.os_version 
_software.type 
_software.version 
_software.pdbx_ordinal 
? 'data reduction'  ? ? ? ? ? ? ? ? ? ? ? HKL-2000    ? ? ? .        1 
? 'data scaling'    ? ? ? ? ? ? ? ? ? ? ? HKL-2000    ? ? ? .        2 
? refinement        ? ? ? ? ? ? ? ? ? ? ? REFMAC      ? ? ? 5.8.0238 3 
? 'data extraction' ? ? ? ? ? ? ? ? ? ? ? PDB_EXTRACT ? ? ? 3.25     4 
? phasing           ? ? ? ? ? ? ? ? ? ? ? PHASER      ? ? ? .        5 
# 
_pdbx_entry_details.entry_id                 7JNE 
_pdbx_entry_details.has_ligand_of_interest   N 
_pdbx_entry_details.compound_details         ? 
_pdbx_entry_details.source_details           ? 
_pdbx_entry_details.nonpolymer_details       ? 
_pdbx_entry_details.sequence_details         ? 
# 
_pdbx_validate_close_contact.id               1 
_pdbx_validate_close_contact.PDB_model_num    1 
_pdbx_validate_close_contact.auth_atom_id_1   O 
_pdbx_validate_close_contact.auth_asym_id_1   A 
_pdbx_validate_close_contact.auth_comp_id_1   LEU 
_pdbx_validate_close_contact.auth_seq_id_1    397 
_pdbx_validate_close_contact.PDB_ins_code_1   ? 
_pdbx_validate_close_contact.label_alt_id_1   ? 
_pdbx_validate_close_contact.auth_atom_id_2   O 
_pdbx_validate_close_contact.auth_asym_id_2   A 
_pdbx_validate_close_contact.auth_comp_id_2   HOH 
_pdbx_validate_close_contact.auth_seq_id_2    801 
_pdbx_validate_close_contact.PDB_ins_code_2   ? 
_pdbx_validate_close_contact.label_alt_id_2   ? 
_pdbx_validate_close_contact.dist             2.19 
# 
loop_
_pdbx_validate_torsion.id 
_pdbx_validate_torsion.PDB_model_num 
_pdbx_validate_torsion.auth_comp_id 
_pdbx_validate_torsion.auth_asym_id 
_pdbx_validate_torsion.auth_seq_id 
_pdbx_validate_torsion.PDB_ins_code 
_pdbx_validate_torsion.label_alt_id 
_pdbx_validate_torsion.phi 
_pdbx_validate_torsion.psi 
1 1 MET A 404 ? ? -39.03 118.86 
2 1 LYS A 414 ? ? -26.72 135.16 
3 1 LYS A 502 ? ? -47.84 151.46 
4 1 ASP A 510 ? ? -75.55 -70.26 
# 
loop_
_pdbx_unobs_or_zero_occ_atoms.id 
_pdbx_unobs_or_zero_occ_atoms.PDB_model_num 
_pdbx_unobs_or_zero_occ_atoms.polymer_flag 
_pdbx_unobs_or_zero_occ_atoms.occupancy_flag 
_pdbx_unobs_or_zero_occ_atoms.auth_asym_id 
_pdbx_unobs_or_zero_occ_atoms.auth_comp_id 
_pdbx_unobs_or_zero_occ_atoms.auth_seq_id 
_pdbx_unobs_or_zero_occ_atoms.PDB_ins_code 
_pdbx_unobs_or_zero_occ_atoms.auth_atom_id 
_pdbx_unobs_or_zero_occ_atoms.label_alt_id 
_pdbx_unobs_or_zero_occ_atoms.label_asym_id 
_pdbx_unobs_or_zero_occ_atoms.label_comp_id 
_pdbx_unobs_or_zero_occ_atoms.label_seq_id 
_pdbx_unobs_or_zero_occ_atoms.label_atom_id 
1  1 Y 1 A LEU 391 ? CG  ? A LEU 3   CG  
2  1 Y 1 A LEU 391 ? CD1 ? A LEU 3   CD1 
3  1 Y 1 A LEU 391 ? CD2 ? A LEU 3   CD2 
4  1 Y 1 A ILE 418 ? CD1 ? A ILE 30  CD1 
5  1 Y 1 A LYS 421 ? CE  ? A LYS 33  CE  
6  1 Y 1 A LYS 421 ? NZ  ? A LYS 33  NZ  
7  1 Y 1 A LYS 446 ? CE  ? A LYS 58  CE  
8  1 Y 1 A LYS 446 ? NZ  ? A LYS 58  NZ  
9  1 Y 1 A LYS 498 ? NZ  ? A LYS 110 NZ  
10 1 Y 1 A LYS 502 ? NZ  ? A LYS 114 NZ  
11 1 Y 1 A GLN 513 ? CG  ? A GLN 125 CG  
12 1 Y 1 A GLN 513 ? CD  ? A GLN 125 CD  
13 1 Y 1 A GLN 513 ? OE1 ? A GLN 125 OE1 
14 1 Y 1 A GLN 513 ? NE2 ? A GLN 125 NE2 
15 1 Y 1 A LYS 514 ? NZ  ? A LYS 126 NZ  
16 1 Y 1 A GLU 520 ? CG  ? A GLU 132 CG  
17 1 Y 1 A GLU 520 ? CD  ? A GLU 132 CD  
18 1 Y 1 A GLU 520 ? OE1 ? A GLU 132 OE1 
19 1 Y 1 A GLU 520 ? OE2 ? A GLU 132 OE2 
20 1 Y 1 A GLU 524 ? CD  ? A GLU 136 CD  
21 1 Y 1 A GLU 524 ? OE1 ? A GLU 136 OE1 
22 1 Y 1 A GLU 524 ? OE2 ? A GLU 136 OE2 
23 1 Y 1 A ARG 527 ? NE  ? A ARG 139 NE  
24 1 Y 1 A ARG 527 ? CZ  ? A ARG 139 CZ  
25 1 Y 1 A ARG 527 ? NH1 ? A ARG 139 NH1 
26 1 Y 1 A ARG 527 ? NH2 ? A ARG 139 NH2 
27 1 Y 1 A LYS 528 ? CD  ? A LYS 140 CD  
28 1 Y 1 A LYS 528 ? CE  ? A LYS 140 CE  
29 1 Y 1 A LYS 528 ? NZ  ? A LYS 140 NZ  
30 1 Y 1 A LYS 548 ? CE  ? A LYS 160 CE  
31 1 Y 1 A LYS 548 ? NZ  ? A LYS 160 NZ  
32 1 Y 1 A LYS 556 ? NZ  ? A LYS 168 NZ  
33 1 Y 1 A ALA 559 ? CB  ? A ALA 171 CB  
34 1 Y 1 A LYS 597 ? CD  ? A LYS 209 CD  
35 1 Y 1 A LYS 597 ? CE  ? A LYS 209 CE  
36 1 Y 1 A LYS 597 ? NZ  ? A LYS 209 NZ  
37 1 Y 1 A GLU 600 ? CD  ? A GLU 212 CD  
38 1 Y 1 A GLU 600 ? OE1 ? A GLU 212 OE1 
39 1 Y 1 A GLU 600 ? OE2 ? A GLU 212 OE2 
# 
loop_
_pdbx_unobs_or_zero_occ_residues.id 
_pdbx_unobs_or_zero_occ_residues.PDB_model_num 
_pdbx_unobs_or_zero_occ_residues.polymer_flag 
_pdbx_unobs_or_zero_occ_residues.occupancy_flag 
_pdbx_unobs_or_zero_occ_residues.auth_asym_id 
_pdbx_unobs_or_zero_occ_residues.auth_comp_id 
_pdbx_unobs_or_zero_occ_residues.auth_seq_id 
_pdbx_unobs_or_zero_occ_residues.PDB_ins_code 
_pdbx_unobs_or_zero_occ_residues.label_asym_id 
_pdbx_unobs_or_zero_occ_residues.label_comp_id 
_pdbx_unobs_or_zero_occ_residues.label_seq_id 
1  1 Y 1 A GLN 604 ? A GLN 216 
2  1 Y 1 A GLN 605 ? A GLN 217 
3  1 Y 1 A HIS 606 ? A HIS 218 
4  1 Y 1 A ALA 607 ? A ALA 219 
5  1 Y 1 B ARG 414 ? B ARG 1   
6  1 Y 1 B GLY 415 ? B GLY 2   
7  1 Y 1 B SER 416 ? B SER 3   
8  1 Y 1 B GLN 417 ? B GLN 4   
9  1 Y 1 B SER 422 ? B SER 9   
10 1 Y 1 B ARG 423 ? B ARG 10  
# 
loop_
_chem_comp_atom.comp_id 
_chem_comp_atom.atom_id 
_chem_comp_atom.type_symbol 
_chem_comp_atom.pdbx_aromatic_flag 
_chem_comp_atom.pdbx_stereo_config 
_chem_comp_atom.pdbx_ordinal 
ALA N    N N N 1   
ALA CA   C N S 2   
ALA C    C N N 3   
ALA O    O N N 4   
ALA CB   C N N 5   
ALA OXT  O N N 6   
ALA H    H N N 7   
ALA H2   H N N 8   
ALA HA   H N N 9   
ALA HB1  H N N 10  
ALA HB2  H N N 11  
ALA HB3  H N N 12  
ALA HXT  H N N 13  
ARG N    N N N 14  
ARG CA   C N S 15  
ARG C    C N N 16  
ARG O    O N N 17  
ARG CB   C N N 18  
ARG CG   C N N 19  
ARG CD   C N N 20  
ARG NE   N N N 21  
ARG CZ   C N N 22  
ARG NH1  N N N 23  
ARG NH2  N N N 24  
ARG OXT  O N N 25  
ARG H    H N N 26  
ARG H2   H N N 27  
ARG HA   H N N 28  
ARG HB2  H N N 29  
ARG HB3  H N N 30  
ARG HG2  H N N 31  
ARG HG3  H N N 32  
ARG HD2  H N N 33  
ARG HD3  H N N 34  
ARG HE   H N N 35  
ARG HH11 H N N 36  
ARG HH12 H N N 37  
ARG HH21 H N N 38  
ARG HH22 H N N 39  
ARG HXT  H N N 40  
ASN N    N N N 41  
ASN CA   C N S 42  
ASN C    C N N 43  
ASN O    O N N 44  
ASN CB   C N N 45  
ASN CG   C N N 46  
ASN OD1  O N N 47  
ASN ND2  N N N 48  
ASN OXT  O N N 49  
ASN H    H N N 50  
ASN H2   H N N 51  
ASN HA   H N N 52  
ASN HB2  H N N 53  
ASN HB3  H N N 54  
ASN HD21 H N N 55  
ASN HD22 H N N 56  
ASN HXT  H N N 57  
ASP N    N N N 58  
ASP CA   C N S 59  
ASP C    C N N 60  
ASP O    O N N 61  
ASP CB   C N N 62  
ASP CG   C N N 63  
ASP OD1  O N N 64  
ASP OD2  O N N 65  
ASP OXT  O N N 66  
ASP H    H N N 67  
ASP H2   H N N 68  
ASP HA   H N N 69  
ASP HB2  H N N 70  
ASP HB3  H N N 71  
ASP HD2  H N N 72  
ASP HXT  H N N 73  
GLN N    N N N 74  
GLN CA   C N S 75  
GLN C    C N N 76  
GLN O    O N N 77  
GLN CB   C N N 78  
GLN CG   C N N 79  
GLN CD   C N N 80  
GLN OE1  O N N 81  
GLN NE2  N N N 82  
GLN OXT  O N N 83  
GLN H    H N N 84  
GLN H2   H N N 85  
GLN HA   H N N 86  
GLN HB2  H N N 87  
GLN HB3  H N N 88  
GLN HG2  H N N 89  
GLN HG3  H N N 90  
GLN HE21 H N N 91  
GLN HE22 H N N 92  
GLN HXT  H N N 93  
GLU N    N N N 94  
GLU CA   C N S 95  
GLU C    C N N 96  
GLU O    O N N 97  
GLU CB   C N N 98  
GLU CG   C N N 99  
GLU CD   C N N 100 
GLU OE1  O N N 101 
GLU OE2  O N N 102 
GLU OXT  O N N 103 
GLU H    H N N 104 
GLU H2   H N N 105 
GLU HA   H N N 106 
GLU HB2  H N N 107 
GLU HB3  H N N 108 
GLU HG2  H N N 109 
GLU HG3  H N N 110 
GLU HE2  H N N 111 
GLU HXT  H N N 112 
GLY N    N N N 113 
GLY CA   C N N 114 
GLY C    C N N 115 
GLY O    O N N 116 
GLY OXT  O N N 117 
GLY H    H N N 118 
GLY H2   H N N 119 
GLY HA2  H N N 120 
GLY HA3  H N N 121 
GLY HXT  H N N 122 
HIS N    N N N 123 
HIS CA   C N S 124 
HIS C    C N N 125 
HIS O    O N N 126 
HIS CB   C N N 127 
HIS CG   C Y N 128 
HIS ND1  N Y N 129 
HIS CD2  C Y N 130 
HIS CE1  C Y N 131 
HIS NE2  N Y N 132 
HIS OXT  O N N 133 
HIS H    H N N 134 
HIS H2   H N N 135 
HIS HA   H N N 136 
HIS HB2  H N N 137 
HIS HB3  H N N 138 
HIS HD1  H N N 139 
HIS HD2  H N N 140 
HIS HE1  H N N 141 
HIS HE2  H N N 142 
HIS HXT  H N N 143 
HOH O    O N N 144 
HOH H1   H N N 145 
HOH H2   H N N 146 
ILE N    N N N 147 
ILE CA   C N S 148 
ILE C    C N N 149 
ILE O    O N N 150 
ILE CB   C N S 151 
ILE CG1  C N N 152 
ILE CG2  C N N 153 
ILE CD1  C N N 154 
ILE OXT  O N N 155 
ILE H    H N N 156 
ILE H2   H N N 157 
ILE HA   H N N 158 
ILE HB   H N N 159 
ILE HG12 H N N 160 
ILE HG13 H N N 161 
ILE HG21 H N N 162 
ILE HG22 H N N 163 
ILE HG23 H N N 164 
ILE HD11 H N N 165 
ILE HD12 H N N 166 
ILE HD13 H N N 167 
ILE HXT  H N N 168 
LEU N    N N N 169 
LEU CA   C N S 170 
LEU C    C N N 171 
LEU O    O N N 172 
LEU CB   C N N 173 
LEU CG   C N N 174 
LEU CD1  C N N 175 
LEU CD2  C N N 176 
LEU OXT  O N N 177 
LEU H    H N N 178 
LEU H2   H N N 179 
LEU HA   H N N 180 
LEU HB2  H N N 181 
LEU HB3  H N N 182 
LEU HG   H N N 183 
LEU HD11 H N N 184 
LEU HD12 H N N 185 
LEU HD13 H N N 186 
LEU HD21 H N N 187 
LEU HD22 H N N 188 
LEU HD23 H N N 189 
LEU HXT  H N N 190 
LYS N    N N N 191 
LYS CA   C N S 192 
LYS C    C N N 193 
LYS O    O N N 194 
LYS CB   C N N 195 
LYS CG   C N N 196 
LYS CD   C N N 197 
LYS CE   C N N 198 
LYS NZ   N N N 199 
LYS OXT  O N N 200 
LYS H    H N N 201 
LYS H2   H N N 202 
LYS HA   H N N 203 
LYS HB2  H N N 204 
LYS HB3  H N N 205 
LYS HG2  H N N 206 
LYS HG3  H N N 207 
LYS HD2  H N N 208 
LYS HD3  H N N 209 
LYS HE2  H N N 210 
LYS HE3  H N N 211 
LYS HZ1  H N N 212 
LYS HZ2  H N N 213 
LYS HZ3  H N N 214 
LYS HXT  H N N 215 
MET N    N N N 216 
MET CA   C N S 217 
MET C    C N N 218 
MET O    O N N 219 
MET CB   C N N 220 
MET CG   C N N 221 
MET SD   S N N 222 
MET CE   C N N 223 
MET OXT  O N N 224 
MET H    H N N 225 
MET H2   H N N 226 
MET HA   H N N 227 
MET HB2  H N N 228 
MET HB3  H N N 229 
MET HG2  H N N 230 
MET HG3  H N N 231 
MET HE1  H N N 232 
MET HE2  H N N 233 
MET HE3  H N N 234 
MET HXT  H N N 235 
PHE N    N N N 236 
PHE CA   C N S 237 
PHE C    C N N 238 
PHE O    O N N 239 
PHE CB   C N N 240 
PHE CG   C Y N 241 
PHE CD1  C Y N 242 
PHE CD2  C Y N 243 
PHE CE1  C Y N 244 
PHE CE2  C Y N 245 
PHE CZ   C Y N 246 
PHE OXT  O N N 247 
PHE H    H N N 248 
PHE H2   H N N 249 
PHE HA   H N N 250 
PHE HB2  H N N 251 
PHE HB3  H N N 252 
PHE HD1  H N N 253 
PHE HD2  H N N 254 
PHE HE1  H N N 255 
PHE HE2  H N N 256 
PHE HZ   H N N 257 
PHE HXT  H N N 258 
PRO N    N N N 259 
PRO CA   C N S 260 
PRO C    C N N 261 
PRO O    O N N 262 
PRO CB   C N N 263 
PRO CG   C N N 264 
PRO CD   C N N 265 
PRO OXT  O N N 266 
PRO H    H N N 267 
PRO HA   H N N 268 
PRO HB2  H N N 269 
PRO HB3  H N N 270 
PRO HG2  H N N 271 
PRO HG3  H N N 272 
PRO HD2  H N N 273 
PRO HD3  H N N 274 
PRO HXT  H N N 275 
SER N    N N N 276 
SER CA   C N S 277 
SER C    C N N 278 
SER O    O N N 279 
SER CB   C N N 280 
SER OG   O N N 281 
SER OXT  O N N 282 
SER H    H N N 283 
SER H2   H N N 284 
SER HA   H N N 285 
SER HB2  H N N 286 
SER HB3  H N N 287 
SER HG   H N N 288 
SER HXT  H N N 289 
SO4 S    S N N 290 
SO4 O1   O N N 291 
SO4 O2   O N N 292 
SO4 O3   O N N 293 
SO4 O4   O N N 294 
THR N    N N N 295 
THR CA   C N S 296 
THR C    C N N 297 
THR O    O N N 298 
THR CB   C N R 299 
THR OG1  O N N 300 
THR CG2  C N N 301 
THR OXT  O N N 302 
THR H    H N N 303 
THR H2   H N N 304 
THR HA   H N N 305 
THR HB   H N N 306 
THR HG1  H N N 307 
THR HG21 H N N 308 
THR HG22 H N N 309 
THR HG23 H N N 310 
THR HXT  H N N 311 
TYR N    N N N 312 
TYR CA   C N S 313 
TYR C    C N N 314 
TYR O    O N N 315 
TYR CB   C N N 316 
TYR CG   C Y N 317 
TYR CD1  C Y N 318 
TYR CD2  C Y N 319 
TYR CE1  C Y N 320 
TYR CE2  C Y N 321 
TYR CZ   C Y N 322 
TYR OH   O N N 323 
TYR OXT  O N N 324 
TYR H    H N N 325 
TYR H2   H N N 326 
TYR HA   H N N 327 
TYR HB2  H N N 328 
TYR HB3  H N N 329 
TYR HD1  H N N 330 
TYR HD2  H N N 331 
TYR HE1  H N N 332 
TYR HE2  H N N 333 
TYR HH   H N N 334 
TYR HXT  H N N 335 
VAL N    N N N 336 
VAL CA   C N S 337 
VAL C    C N N 338 
VAL O    O N N 339 
VAL CB   C N N 340 
VAL CG1  C N N 341 
VAL CG2  C N N 342 
VAL OXT  O N N 343 
VAL H    H N N 344 
VAL H2   H N N 345 
VAL HA   H N N 346 
VAL HB   H N N 347 
VAL HG11 H N N 348 
VAL HG12 H N N 349 
VAL HG13 H N N 350 
VAL HG21 H N N 351 
VAL HG22 H N N 352 
VAL HG23 H N N 353 
VAL HXT  H N N 354 
# 
loop_
_chem_comp_bond.comp_id 
_chem_comp_bond.atom_id_1 
_chem_comp_bond.atom_id_2 
_chem_comp_bond.value_order 
_chem_comp_bond.pdbx_aromatic_flag 
_chem_comp_bond.pdbx_stereo_config 
_chem_comp_bond.pdbx_ordinal 
ALA N   CA   sing N N 1   
ALA N   H    sing N N 2   
ALA N   H2   sing N N 3   
ALA CA  C    sing N N 4   
ALA CA  CB   sing N N 5   
ALA CA  HA   sing N N 6   
ALA C   O    doub N N 7   
ALA C   OXT  sing N N 8   
ALA CB  HB1  sing N N 9   
ALA CB  HB2  sing N N 10  
ALA CB  HB3  sing N N 11  
ALA OXT HXT  sing N N 12  
ARG N   CA   sing N N 13  
ARG N   H    sing N N 14  
ARG N   H2   sing N N 15  
ARG CA  C    sing N N 16  
ARG CA  CB   sing N N 17  
ARG CA  HA   sing N N 18  
ARG C   O    doub N N 19  
ARG C   OXT  sing N N 20  
ARG CB  CG   sing N N 21  
ARG CB  HB2  sing N N 22  
ARG CB  HB3  sing N N 23  
ARG CG  CD   sing N N 24  
ARG CG  HG2  sing N N 25  
ARG CG  HG3  sing N N 26  
ARG CD  NE   sing N N 27  
ARG CD  HD2  sing N N 28  
ARG CD  HD3  sing N N 29  
ARG NE  CZ   sing N N 30  
ARG NE  HE   sing N N 31  
ARG CZ  NH1  sing N N 32  
ARG CZ  NH2  doub N N 33  
ARG NH1 HH11 sing N N 34  
ARG NH1 HH12 sing N N 35  
ARG NH2 HH21 sing N N 36  
ARG NH2 HH22 sing N N 37  
ARG OXT HXT  sing N N 38  
ASN N   CA   sing N N 39  
ASN N   H    sing N N 40  
ASN N   H2   sing N N 41  
ASN CA  C    sing N N 42  
ASN CA  CB   sing N N 43  
ASN CA  HA   sing N N 44  
ASN C   O    doub N N 45  
ASN C   OXT  sing N N 46  
ASN CB  CG   sing N N 47  
ASN CB  HB2  sing N N 48  
ASN CB  HB3  sing N N 49  
ASN CG  OD1  doub N N 50  
ASN CG  ND2  sing N N 51  
ASN ND2 HD21 sing N N 52  
ASN ND2 HD22 sing N N 53  
ASN OXT HXT  sing N N 54  
ASP N   CA   sing N N 55  
ASP N   H    sing N N 56  
ASP N   H2   sing N N 57  
ASP CA  C    sing N N 58  
ASP CA  CB   sing N N 59  
ASP CA  HA   sing N N 60  
ASP C   O    doub N N 61  
ASP C   OXT  sing N N 62  
ASP CB  CG   sing N N 63  
ASP CB  HB2  sing N N 64  
ASP CB  HB3  sing N N 65  
ASP CG  OD1  doub N N 66  
ASP CG  OD2  sing N N 67  
ASP OD2 HD2  sing N N 68  
ASP OXT HXT  sing N N 69  
GLN N   CA   sing N N 70  
GLN N   H    sing N N 71  
GLN N   H2   sing N N 72  
GLN CA  C    sing N N 73  
GLN CA  CB   sing N N 74  
GLN CA  HA   sing N N 75  
GLN C   O    doub N N 76  
GLN C   OXT  sing N N 77  
GLN CB  CG   sing N N 78  
GLN CB  HB2  sing N N 79  
GLN CB  HB3  sing N N 80  
GLN CG  CD   sing N N 81  
GLN CG  HG2  sing N N 82  
GLN CG  HG3  sing N N 83  
GLN CD  OE1  doub N N 84  
GLN CD  NE2  sing N N 85  
GLN NE2 HE21 sing N N 86  
GLN NE2 HE22 sing N N 87  
GLN OXT HXT  sing N N 88  
GLU N   CA   sing N N 89  
GLU N   H    sing N N 90  
GLU N   H2   sing N N 91  
GLU CA  C    sing N N 92  
GLU CA  CB   sing N N 93  
GLU CA  HA   sing N N 94  
GLU C   O    doub N N 95  
GLU C   OXT  sing N N 96  
GLU CB  CG   sing N N 97  
GLU CB  HB2  sing N N 98  
GLU CB  HB3  sing N N 99  
GLU CG  CD   sing N N 100 
GLU CG  HG2  sing N N 101 
GLU CG  HG3  sing N N 102 
GLU CD  OE1  doub N N 103 
GLU CD  OE2  sing N N 104 
GLU OE2 HE2  sing N N 105 
GLU OXT HXT  sing N N 106 
GLY N   CA   sing N N 107 
GLY N   H    sing N N 108 
GLY N   H2   sing N N 109 
GLY CA  C    sing N N 110 
GLY CA  HA2  sing N N 111 
GLY CA  HA3  sing N N 112 
GLY C   O    doub N N 113 
GLY C   OXT  sing N N 114 
GLY OXT HXT  sing N N 115 
HIS N   CA   sing N N 116 
HIS N   H    sing N N 117 
HIS N   H2   sing N N 118 
HIS CA  C    sing N N 119 
HIS CA  CB   sing N N 120 
HIS CA  HA   sing N N 121 
HIS C   O    doub N N 122 
HIS C   OXT  sing N N 123 
HIS CB  CG   sing N N 124 
HIS CB  HB2  sing N N 125 
HIS CB  HB3  sing N N 126 
HIS CG  ND1  sing Y N 127 
HIS CG  CD2  doub Y N 128 
HIS ND1 CE1  doub Y N 129 
HIS ND1 HD1  sing N N 130 
HIS CD2 NE2  sing Y N 131 
HIS CD2 HD2  sing N N 132 
HIS CE1 NE2  sing Y N 133 
HIS CE1 HE1  sing N N 134 
HIS NE2 HE2  sing N N 135 
HIS OXT HXT  sing N N 136 
HOH O   H1   sing N N 137 
HOH O   H2   sing N N 138 
ILE N   CA   sing N N 139 
ILE N   H    sing N N 140 
ILE N   H2   sing N N 141 
ILE CA  C    sing N N 142 
ILE CA  CB   sing N N 143 
ILE CA  HA   sing N N 144 
ILE C   O    doub N N 145 
ILE C   OXT  sing N N 146 
ILE CB  CG1  sing N N 147 
ILE CB  CG2  sing N N 148 
ILE CB  HB   sing N N 149 
ILE CG1 CD1  sing N N 150 
ILE CG1 HG12 sing N N 151 
ILE CG1 HG13 sing N N 152 
ILE CG2 HG21 sing N N 153 
ILE CG2 HG22 sing N N 154 
ILE CG2 HG23 sing N N 155 
ILE CD1 HD11 sing N N 156 
ILE CD1 HD12 sing N N 157 
ILE CD1 HD13 sing N N 158 
ILE OXT HXT  sing N N 159 
LEU N   CA   sing N N 160 
LEU N   H    sing N N 161 
LEU N   H2   sing N N 162 
LEU CA  C    sing N N 163 
LEU CA  CB   sing N N 164 
LEU CA  HA   sing N N 165 
LEU C   O    doub N N 166 
LEU C   OXT  sing N N 167 
LEU CB  CG   sing N N 168 
LEU CB  HB2  sing N N 169 
LEU CB  HB3  sing N N 170 
LEU CG  CD1  sing N N 171 
LEU CG  CD2  sing N N 172 
LEU CG  HG   sing N N 173 
LEU CD1 HD11 sing N N 174 
LEU CD1 HD12 sing N N 175 
LEU CD1 HD13 sing N N 176 
LEU CD2 HD21 sing N N 177 
LEU CD2 HD22 sing N N 178 
LEU CD2 HD23 sing N N 179 
LEU OXT HXT  sing N N 180 
LYS N   CA   sing N N 181 
LYS N   H    sing N N 182 
LYS N   H2   sing N N 183 
LYS CA  C    sing N N 184 
LYS CA  CB   sing N N 185 
LYS CA  HA   sing N N 186 
LYS C   O    doub N N 187 
LYS C   OXT  sing N N 188 
LYS CB  CG   sing N N 189 
LYS CB  HB2  sing N N 190 
LYS CB  HB3  sing N N 191 
LYS CG  CD   sing N N 192 
LYS CG  HG2  sing N N 193 
LYS CG  HG3  sing N N 194 
LYS CD  CE   sing N N 195 
LYS CD  HD2  sing N N 196 
LYS CD  HD3  sing N N 197 
LYS CE  NZ   sing N N 198 
LYS CE  HE2  sing N N 199 
LYS CE  HE3  sing N N 200 
LYS NZ  HZ1  sing N N 201 
LYS NZ  HZ2  sing N N 202 
LYS NZ  HZ3  sing N N 203 
LYS OXT HXT  sing N N 204 
MET N   CA   sing N N 205 
MET N   H    sing N N 206 
MET N   H2   sing N N 207 
MET CA  C    sing N N 208 
MET CA  CB   sing N N 209 
MET CA  HA   sing N N 210 
MET C   O    doub N N 211 
MET C   OXT  sing N N 212 
MET CB  CG   sing N N 213 
MET CB  HB2  sing N N 214 
MET CB  HB3  sing N N 215 
MET CG  SD   sing N N 216 
MET CG  HG2  sing N N 217 
MET CG  HG3  sing N N 218 
MET SD  CE   sing N N 219 
MET CE  HE1  sing N N 220 
MET CE  HE2  sing N N 221 
MET CE  HE3  sing N N 222 
MET OXT HXT  sing N N 223 
PHE N   CA   sing N N 224 
PHE N   H    sing N N 225 
PHE N   H2   sing N N 226 
PHE CA  C    sing N N 227 
PHE CA  CB   sing N N 228 
PHE CA  HA   sing N N 229 
PHE C   O    doub N N 230 
PHE C   OXT  sing N N 231 
PHE CB  CG   sing N N 232 
PHE CB  HB2  sing N N 233 
PHE CB  HB3  sing N N 234 
PHE CG  CD1  doub Y N 235 
PHE CG  CD2  sing Y N 236 
PHE CD1 CE1  sing Y N 237 
PHE CD1 HD1  sing N N 238 
PHE CD2 CE2  doub Y N 239 
PHE CD2 HD2  sing N N 240 
PHE CE1 CZ   doub Y N 241 
PHE CE1 HE1  sing N N 242 
PHE CE2 CZ   sing Y N 243 
PHE CE2 HE2  sing N N 244 
PHE CZ  HZ   sing N N 245 
PHE OXT HXT  sing N N 246 
PRO N   CA   sing N N 247 
PRO N   CD   sing N N 248 
PRO N   H    sing N N 249 
PRO CA  C    sing N N 250 
PRO CA  CB   sing N N 251 
PRO CA  HA   sing N N 252 
PRO C   O    doub N N 253 
PRO C   OXT  sing N N 254 
PRO CB  CG   sing N N 255 
PRO CB  HB2  sing N N 256 
PRO CB  HB3  sing N N 257 
PRO CG  CD   sing N N 258 
PRO CG  HG2  sing N N 259 
PRO CG  HG3  sing N N 260 
PRO CD  HD2  sing N N 261 
PRO CD  HD3  sing N N 262 
PRO OXT HXT  sing N N 263 
SER N   CA   sing N N 264 
SER N   H    sing N N 265 
SER N   H2   sing N N 266 
SER CA  C    sing N N 267 
SER CA  CB   sing N N 268 
SER CA  HA   sing N N 269 
SER C   O    doub N N 270 
SER C   OXT  sing N N 271 
SER CB  OG   sing N N 272 
SER CB  HB2  sing N N 273 
SER CB  HB3  sing N N 274 
SER OG  HG   sing N N 275 
SER OXT HXT  sing N N 276 
SO4 S   O1   doub N N 277 
SO4 S   O2   doub N N 278 
SO4 S   O3   sing N N 279 
SO4 S   O4   sing N N 280 
THR N   CA   sing N N 281 
THR N   H    sing N N 282 
THR N   H2   sing N N 283 
THR CA  C    sing N N 284 
THR CA  CB   sing N N 285 
THR CA  HA   sing N N 286 
THR C   O    doub N N 287 
THR C   OXT  sing N N 288 
THR CB  OG1  sing N N 289 
THR CB  CG2  sing N N 290 
THR CB  HB   sing N N 291 
THR OG1 HG1  sing N N 292 
THR CG2 HG21 sing N N 293 
THR CG2 HG22 sing N N 294 
THR CG2 HG23 sing N N 295 
THR OXT HXT  sing N N 296 
TYR N   CA   sing N N 297 
TYR N   H    sing N N 298 
TYR N   H2   sing N N 299 
TYR CA  C    sing N N 300 
TYR CA  CB   sing N N 301 
TYR CA  HA   sing N N 302 
TYR C   O    doub N N 303 
TYR C   OXT  sing N N 304 
TYR CB  CG   sing N N 305 
TYR CB  HB2  sing N N 306 
TYR CB  HB3  sing N N 307 
TYR CG  CD1  doub Y N 308 
TYR CG  CD2  sing Y N 309 
TYR CD1 CE1  sing Y N 310 
TYR CD1 HD1  sing N N 311 
TYR CD2 CE2  doub Y N 312 
TYR CD2 HD2  sing N N 313 
TYR CE1 CZ   doub Y N 314 
TYR CE1 HE1  sing N N 315 
TYR CE2 CZ   sing Y N 316 
TYR CE2 HE2  sing N N 317 
TYR CZ  OH   sing N N 318 
TYR OH  HH   sing N N 319 
TYR OXT HXT  sing N N 320 
VAL N   CA   sing N N 321 
VAL N   H    sing N N 322 
VAL N   H2   sing N N 323 
VAL CA  C    sing N N 324 
VAL CA  CB   sing N N 325 
VAL CA  HA   sing N N 326 
VAL C   O    doub N N 327 
VAL C   OXT  sing N N 328 
VAL CB  CG1  sing N N 329 
VAL CB  CG2  sing N N 330 
VAL CB  HB   sing N N 331 
VAL CG1 HG11 sing N N 332 
VAL CG1 HG12 sing N N 333 
VAL CG1 HG13 sing N N 334 
VAL CG2 HG21 sing N N 335 
VAL CG2 HG22 sing N N 336 
VAL CG2 HG23 sing N N 337 
VAL OXT HXT  sing N N 338 
# 
_pdbx_audit_support.funding_organization   
'National Institutes of Health/National Institute of General Medical Sciences (NIH/NIGMS)' 
_pdbx_audit_support.country                'United States' 
_pdbx_audit_support.grant_number           '5 R35 GM118161' 
_pdbx_audit_support.ordinal                1 
# 
loop_
_pdbx_entity_nonpoly.entity_id 
_pdbx_entity_nonpoly.name 
_pdbx_entity_nonpoly.comp_id 
3 'SULFATE ION' SO4 
4 water         HOH 
# 
_pdbx_initial_refinement_model.id               1 
_pdbx_initial_refinement_model.entity_id_list   ? 
_pdbx_initial_refinement_model.type             'experimental model' 
_pdbx_initial_refinement_model.source_name      PDB 
_pdbx_initial_refinement_model.accession_code   1DKZ 
_pdbx_initial_refinement_model.details          ? 
# 
_pdbx_struct_assembly_auth_evidence.id                     1 
_pdbx_struct_assembly_auth_evidence.assembly_id            1 
_pdbx_struct_assembly_auth_evidence.experimental_support   none 
_pdbx_struct_assembly_auth_evidence.details                ? 
# 
